data_6MTN
#
_entry.id   6MTN
#
_cell.length_a   131.500
_cell.length_b   131.500
_cell.length_c   315.740
_cell.angle_alpha   90.000
_cell.angle_beta   90.000
_cell.angle_gamma   120.000
#
_symmetry.space_group_name_H-M   'P 63'
#
loop_
_entity.id
_entity.type
_entity.pdbx_description
1 polymer 'Envelope glycoprotein gp160'
2 polymer '35O22 scFv heavy chain portion'
3 polymer '35O22 scFv light chain portion'
4 polymer 'Envelope glycoprotein gp160'
5 polymer '3H109L Fab heavy chain'
6 polymer '3H109L Fab light chain'
7 branched 2-acetamido-2-deoxy-beta-D-glucopyranose-(1-4)-2-acetamido-2-deoxy-beta-D-glucopyranose
8 branched alpha-D-mannopyranose-(1-3)-alpha-D-mannopyranose-(1-6)-[alpha-D-mannopyranose-(1-3)]beta-D-mannopyranose-(1-4)-2-acetamido-2-deoxy-beta-D-glucopyranose-(1-4)-2-acetamido-2-deoxy-beta-D-glucopyranose
9 branched beta-D-mannopyranose-(1-4)-2-acetamido-2-deoxy-beta-D-glucopyranose-(1-4)-2-acetamido-2-deoxy-beta-D-glucopyranose
10 branched alpha-D-mannopyranose-(1-2)-alpha-D-mannopyranose-(1-2)-alpha-D-mannopyranose-(1-3)-[alpha-D-mannopyranose-(1-2)-alpha-D-mannopyranose-(1-6)-[alpha-D-mannopyranose-(1-3)]alpha-D-mannopyranose-(1-6)]beta-D-mannopyranose-(1-4)-2-acetamido-2-deoxy-beta-D-glucopyranose-(1-4)-2-acetamido-2-deoxy-beta-D-glucopyranose
11 non-polymer 2-acetamido-2-deoxy-beta-D-glucopyranose
12 non-polymer {4-[1-(3-chlorophenyl)cyclopropane-1-carbonyl]piperazin-1-yl}(thiophen-3-yl)methanone
13 water water
#
loop_
_entity_poly.entity_id
_entity_poly.type
_entity_poly.pdbx_seq_one_letter_code
_entity_poly.pdbx_strand_id
1 'polypeptide(L)'
;AVGIGAVFLGFLGAAGSTMGAASMTLTVQARNLLSGIVQQQSNLLRAPEAQQHLLKLTVWGIKQLQARVLAVERYLRDQQ
LLGIWGCSGKLICCTNVPWNSSWSNRNLSEIWDNMTWLQWDKEISNYTQIIYGLLEESQNQQEKNEQDLLALD
;
B
2 'polypeptide(L)'
;QGQLVQSGATTTKPGSSVKISCKTSGYRFNFYHINWIRQTAGRGPEWMGWISPYSGDKNLAPAFQDRVNMTTDTEVPVTS
FTSTGAAYMEIRNLTSDDTGTYFCAKGLLRDGSSTWLPYLWGQGTLLTVSSAST
;
D
3 'polypeptide(L)'
;SQSVLTQSASVSGSLGQSVTISCTGPNSVCCSHKSISWYQWPPGRAPTLIIYEDNERAPGISPRFSGYKSYWSAYLTISD
LRPEDETTYYCCSYTHNSGCVFGTGTKVSVLGQS
;
E
4 'polypeptide(L)'
;AENLWVTVYYGVPVWKDAETTLFCASDAKAYETEKHNVWATHACVPTDPNPQEIHLENVTEEFNMWKNNMVEQMHTDIIS
LWDQSLKPCVKLTPLCVTLQCTNVTNAITDDMRGELKNCSFNMTTELRDKKQKVYSLFYRLDVVQINENQGNRSNNSNKE
YRLINCNTSAITQACPKVSFEPIPIHYCAPAGFAILKCKDKKFNGTGPCPSVSTVQCTHGIKPVVSTQLLLNGSLAEEEV
MIRSENITNNAKNILVQFNTPVQINCTRPNNNTRKSIRIGPGQAFYATGDIIGDIRQAHCNVSKATWNETLGKVVKQLRK
HFGNNTIIRFANSSGGDLEVTTHSFNCGGEFFYCNTSGLFNSTWISNTSVQGSNSTGSNDSITLPCRIKQIINMWQRIGQ
AMYAPPIQGVIRCVSNITGLILTRDGGSTNSTTETFRPGGGDMRDNWRSELYKYKVVKIEPLGVAPTRCKRRVVGRRRRR
R
;
G
5 'polypeptide(L)'
;QVQLQESGPGLVKPSETLSLTCTVSGGSISNYYWSWIRQSPGKGLEWIGYISDSESTNYNPSLKSRVIISVDTSKNQLSL
KLNSVTAADSAIYYCARAQQGKRIYGMVSFGEFFYYYYMDVWGKGTTVTVSSASTKGPSVFPLAPSSKSTSGGTAALGCL
VKDYFPEPVTVSWNSGALTSGVHTFPAVLQSSGLYSLSSVVTVPSSSLGTQTYICNVNHKPSNTKVDKKVEPKSCDKGLE
VLFQ
;
H
6 'polypeptide(L)'
;SVTSYVRPLSVALGETASISCGRQALGSRAVQWYQHRPGQAPILLIYNNQDRPSGIPERFSGTPDINFGTRATLTISGVE
AGDEADYYCHMWDSRSGFSWSFGGATRLTVLGQPKAAPSVTLFPPSSEELQANKATLVCLISDFYPGAVTVAWKADSSPV
KAGVETTTPSKQSNNKYAASSYLSLTPMQWKMHKSYSCQVTHEGSTVEKTVAPTECS
;
L
#
loop_
_chem_comp.id
_chem_comp.type
_chem_comp.name
_chem_comp.formula
BMA D-saccharide, beta linking beta-D-mannopyranose 'C6 H12 O6'
JYJ non-polymer {4-[1-(3-chlorophenyl)cyclopropane-1-carbonyl]piperazin-1-yl}(thiophen-3-yl)methanone 'C19 H19 Cl N2 O2 S'
MAN D-saccharide, alpha linking alpha-D-mannopyranose 'C6 H12 O6'
NAG D-saccharide, beta linking 2-acetamido-2-deoxy-beta-D-glucopyranose 'C8 H15 N O6'
#
# COMPACT_ATOMS: atom_id res chain seq x y z
N PHE A 8 -9.98 11.62 45.66
CA PHE A 8 -10.88 11.50 44.52
C PHE A 8 -10.23 10.65 43.43
N LEU A 9 -10.63 9.39 43.35
CA LEU A 9 -10.08 8.47 42.36
C LEU A 9 -10.94 8.34 41.12
N GLY A 10 -12.17 8.86 41.13
CA GLY A 10 -13.04 8.80 39.97
C GLY A 10 -14.07 7.68 40.09
N PHE A 11 -14.82 7.52 38.99
CA PHE A 11 -15.85 6.49 38.93
C PHE A 11 -15.21 5.11 39.04
N LEU A 12 -15.68 4.32 40.00
CA LEU A 12 -15.12 3.01 40.34
C LEU A 12 -13.66 3.09 40.77
N GLY A 13 -13.20 4.27 41.21
CA GLY A 13 -11.80 4.44 41.53
C GLY A 13 -11.34 3.57 42.68
N ALA A 14 -12.19 3.38 43.69
CA ALA A 14 -11.86 2.56 44.86
C ALA A 14 -12.37 1.13 44.74
N ALA A 15 -12.43 0.58 43.51
CA ALA A 15 -12.93 -0.77 43.30
C ALA A 15 -12.00 -1.82 43.89
N GLY A 16 -10.71 -1.52 43.99
CA GLY A 16 -9.75 -2.34 44.69
C GLY A 16 -9.48 -1.93 46.13
N SER A 17 -10.02 -0.81 46.59
CA SER A 17 -9.83 -0.34 47.97
C SER A 17 -10.75 -1.10 48.92
N THR A 18 -10.47 -0.97 50.22
CA THR A 18 -11.23 -1.68 51.24
C THR A 18 -12.67 -1.18 51.29
N MET A 19 -13.57 -2.06 51.76
CA MET A 19 -14.98 -1.73 51.82
C MET A 19 -15.23 -0.47 52.63
N GLY A 20 -14.46 -0.26 53.69
CA GLY A 20 -14.59 0.96 54.47
C GLY A 20 -14.17 2.20 53.69
N ALA A 21 -13.14 2.06 52.86
CA ALA A 21 -12.66 3.19 52.06
C ALA A 21 -13.62 3.51 50.92
N ALA A 22 -14.02 2.50 50.15
CA ALA A 22 -14.92 2.75 49.03
C ALA A 22 -16.28 3.28 49.49
N SER A 23 -16.69 2.94 50.71
CA SER A 23 -17.98 3.38 51.25
C SER A 23 -18.02 4.88 51.52
N MET A 24 -16.87 5.56 51.48
CA MET A 24 -16.84 7.00 51.66
C MET A 24 -16.97 7.76 50.34
N THR A 25 -16.80 7.08 49.22
CA THR A 25 -16.97 7.68 47.90
C THR A 25 -18.11 7.01 47.16
N LEU A 26 -19.33 7.14 47.68
CA LEU A 26 -20.48 6.48 47.09
C LEU A 26 -21.19 7.34 46.05
N THR A 27 -21.13 8.68 46.20
CA THR A 27 -21.74 9.55 45.20
C THR A 27 -21.04 9.46 43.85
N VAL A 28 -19.73 9.16 43.85
CA VAL A 28 -19.00 9.11 42.59
C VAL A 28 -19.46 7.96 41.71
N GLN A 29 -20.07 6.93 42.29
CA GLN A 29 -20.74 5.90 41.50
C GLN A 29 -22.22 6.17 41.32
N ALA A 30 -22.83 6.89 42.26
CA ALA A 30 -24.28 7.08 42.21
C ALA A 30 -24.71 7.98 41.06
N ARG A 31 -23.92 9.03 40.78
CA ARG A 31 -24.31 9.98 39.75
C ARG A 31 -24.07 9.49 38.33
N ASN A 32 -23.20 8.49 38.16
CA ASN A 32 -22.93 7.91 36.85
C ASN A 32 -23.85 6.76 36.51
N LEU A 33 -25.00 6.65 37.18
CA LEU A 33 -25.87 5.49 37.01
C LEU A 33 -26.94 5.68 35.96
N LEU A 34 -27.16 6.90 35.47
CA LEU A 34 -28.10 7.09 34.36
C LEU A 34 -27.67 8.22 33.42
N SER A 35 -26.48 8.77 33.56
CA SER A 35 -25.98 9.79 32.65
C SER A 35 -24.74 9.28 31.93
N GLY A 36 -24.36 10.01 30.88
CA GLY A 36 -23.20 9.66 30.08
C GLY A 36 -23.17 10.39 28.75
N ILE A 37 -23.58 9.70 27.69
CA ILE A 37 -23.74 10.31 26.36
C ILE A 37 -24.81 9.51 25.65
N VAL A 38 -25.34 8.50 26.32
CA VAL A 38 -26.36 7.61 25.79
C VAL A 38 -27.57 8.39 25.29
N LYS A 56 -33.95 8.73 14.27
CA LYS A 56 -34.09 8.01 13.00
C LYS A 56 -33.83 6.52 13.19
N LEU A 57 -34.51 5.71 12.38
CA LEU A 57 -34.51 4.25 12.48
C LEU A 57 -33.22 3.60 12.01
N THR A 58 -32.10 4.32 11.84
CA THR A 58 -30.86 3.70 11.40
C THR A 58 -30.39 2.67 12.43
N VAL A 59 -29.40 1.87 12.03
CA VAL A 59 -28.88 0.84 12.91
C VAL A 59 -28.30 1.45 14.18
N TRP A 60 -27.67 2.63 14.06
CA TRP A 60 -27.17 3.31 15.24
C TRP A 60 -28.29 3.89 16.10
N GLY A 61 -29.44 4.16 15.51
CA GLY A 61 -30.58 4.70 16.26
C GLY A 61 -31.32 3.63 17.02
N ILE A 62 -31.57 2.48 16.37
CA ILE A 62 -32.12 1.34 17.07
C ILE A 62 -31.21 0.93 18.22
N LYS A 63 -29.90 1.05 18.01
CA LYS A 63 -28.92 0.69 19.03
C LYS A 63 -28.94 1.70 20.18
N GLN A 64 -28.82 2.99 19.85
CA GLN A 64 -28.67 4.02 20.87
C GLN A 64 -29.94 4.20 21.71
N LEU A 65 -31.11 3.88 21.16
CA LEU A 65 -32.34 4.07 21.92
C LEU A 65 -32.53 2.98 22.97
N GLN A 66 -32.30 1.70 22.60
CA GLN A 66 -32.43 0.65 23.60
C GLN A 66 -31.35 0.75 24.67
N ALA A 67 -30.23 1.40 24.37
CA ALA A 67 -29.27 1.74 25.41
C ALA A 67 -29.82 2.79 26.36
N ARG A 68 -30.72 3.65 25.86
CA ARG A 68 -31.36 4.64 26.72
C ARG A 68 -32.41 3.99 27.63
N VAL A 69 -33.21 3.07 27.09
CA VAL A 69 -34.23 2.42 27.90
C VAL A 69 -33.62 1.45 28.89
N LEU A 70 -32.51 0.81 28.53
CA LEU A 70 -31.89 -0.14 29.45
C LEU A 70 -31.32 0.55 30.68
N ALA A 71 -30.83 1.78 30.53
CA ALA A 71 -30.26 2.50 31.66
C ALA A 71 -31.34 2.90 32.67
N VAL A 72 -32.47 3.44 32.18
CA VAL A 72 -33.55 3.83 33.07
C VAL A 72 -34.22 2.60 33.69
N GLU A 73 -34.28 1.50 32.94
CA GLU A 73 -34.91 0.28 33.46
C GLU A 73 -34.17 -0.25 34.69
N ARG A 74 -32.87 -0.49 34.55
CA ARG A 74 -32.09 -1.03 35.66
C ARG A 74 -32.00 -0.05 36.82
N TYR A 75 -32.00 1.26 36.53
CA TYR A 75 -31.92 2.26 37.58
C TYR A 75 -33.13 2.20 38.50
N LEU A 76 -34.32 2.05 37.93
CA LEU A 76 -35.53 2.01 38.75
C LEU A 76 -35.73 0.66 39.43
N ARG A 77 -35.09 -0.41 38.93
CA ARG A 77 -35.13 -1.68 39.65
C ARG A 77 -34.40 -1.58 40.98
N ASP A 78 -33.24 -0.92 40.97
CA ASP A 78 -32.48 -0.75 42.22
C ASP A 78 -33.15 0.25 43.14
N GLN A 79 -33.71 1.33 42.58
CA GLN A 79 -34.40 2.32 43.41
C GLN A 79 -35.67 1.75 44.04
N GLN A 80 -36.32 0.81 43.36
CA GLN A 80 -37.53 0.20 43.91
C GLN A 80 -37.22 -0.60 45.16
N LEU A 81 -36.14 -1.41 45.14
CA LEU A 81 -35.72 -2.11 46.34
C LEU A 81 -35.31 -1.12 47.43
N LEU A 82 -34.56 -0.08 47.05
CA LEU A 82 -34.15 0.93 48.01
C LEU A 82 -35.35 1.61 48.67
N GLY A 83 -36.48 1.67 47.97
CA GLY A 83 -37.70 2.21 48.54
C GLY A 83 -38.48 1.20 49.34
N ILE A 84 -38.53 -0.05 48.86
CA ILE A 84 -39.26 -1.10 49.56
C ILE A 84 -38.55 -1.56 50.83
N TRP A 85 -37.33 -1.11 51.06
CA TRP A 85 -36.62 -1.34 52.30
C TRP A 85 -36.63 -0.13 53.23
N GLY A 86 -37.21 0.98 52.78
CA GLY A 86 -37.22 2.20 53.57
C GLY A 86 -35.88 2.91 53.56
N CYS A 87 -35.32 3.09 52.36
CA CYS A 87 -34.04 3.77 52.20
C CYS A 87 -34.04 4.70 50.99
N SER A 88 -35.22 5.21 50.63
CA SER A 88 -35.35 6.04 49.45
C SER A 88 -34.48 7.28 49.55
N GLY A 89 -33.56 7.43 48.59
CA GLY A 89 -32.73 8.62 48.52
C GLY A 89 -31.73 8.76 49.64
N LYS A 90 -31.01 7.67 49.94
CA LYS A 90 -29.89 7.75 50.87
C LYS A 90 -28.91 6.63 50.54
N LEU A 91 -27.63 6.96 50.56
CA LEU A 91 -26.59 6.04 50.13
C LEU A 91 -26.16 5.08 51.23
N ILE A 92 -26.48 5.38 52.49
CA ILE A 92 -26.21 4.51 53.62
C ILE A 92 -27.43 4.55 54.53
N CYS A 93 -28.16 3.45 54.62
CA CYS A 93 -29.26 3.31 55.56
C CYS A 93 -28.99 2.14 56.49
N CYS A 94 -29.18 2.36 57.79
CA CYS A 94 -29.17 1.27 58.75
C CYS A 94 -30.54 0.61 58.78
N THR A 95 -30.56 -0.68 59.06
CA THR A 95 -31.78 -1.46 59.03
C THR A 95 -32.07 -2.04 60.42
N ASN A 96 -33.06 -2.94 60.47
CA ASN A 96 -33.44 -3.59 61.71
C ASN A 96 -33.23 -5.10 61.68
N VAL A 97 -33.00 -5.69 60.52
CA VAL A 97 -32.73 -7.14 60.49
C VAL A 97 -31.34 -7.39 61.05
N PRO A 98 -31.16 -8.42 61.88
CA PRO A 98 -29.84 -8.70 62.46
C PRO A 98 -29.00 -9.56 61.52
N TRP A 99 -27.69 -9.54 61.77
CA TRP A 99 -26.77 -10.27 60.91
C TRP A 99 -26.73 -11.73 61.34
N ASN A 100 -27.41 -12.58 60.58
CA ASN A 100 -27.29 -14.02 60.74
C ASN A 100 -25.86 -14.43 60.37
N SER A 101 -25.09 -14.89 61.35
CA SER A 101 -23.67 -15.12 61.15
C SER A 101 -23.39 -16.22 60.12
N SER A 102 -24.40 -17.07 59.82
CA SER A 102 -24.21 -18.07 58.78
C SER A 102 -23.97 -17.42 57.42
N TRP A 103 -24.44 -16.19 57.23
CA TRP A 103 -24.12 -15.45 56.02
C TRP A 103 -22.62 -15.20 55.92
N SER A 104 -22.03 -14.64 56.98
CA SER A 104 -20.59 -14.38 57.02
C SER A 104 -20.16 -14.27 58.46
N ASN A 105 -19.33 -15.21 58.91
CA ASN A 105 -18.81 -15.20 60.28
C ASN A 105 -17.74 -14.14 60.50
N ARG A 106 -17.22 -13.54 59.43
CA ARG A 106 -16.11 -12.61 59.54
C ARG A 106 -16.44 -11.43 60.46
N ASN A 107 -15.40 -10.80 60.97
CA ASN A 107 -15.53 -9.70 61.92
C ASN A 107 -15.44 -8.37 61.19
N LEU A 108 -15.75 -7.29 61.93
CA LEU A 108 -15.89 -5.98 61.32
C LEU A 108 -14.56 -5.46 60.78
N SER A 109 -13.52 -5.47 61.61
CA SER A 109 -12.20 -5.05 61.13
C SER A 109 -11.68 -6.01 60.08
N GLU A 110 -12.14 -7.27 60.11
CA GLU A 110 -11.82 -8.24 59.07
C GLU A 110 -12.56 -7.96 57.77
N ILE A 111 -13.60 -7.13 57.81
CA ILE A 111 -14.40 -6.83 56.63
C ILE A 111 -14.04 -5.45 56.08
N TRP A 112 -14.28 -4.40 56.88
CA TRP A 112 -14.19 -3.04 56.36
C TRP A 112 -12.74 -2.58 56.18
N ASP A 113 -11.81 -3.17 56.92
CA ASP A 113 -10.40 -2.80 56.83
C ASP A 113 -9.56 -3.87 56.15
N ASN A 114 -10.19 -4.79 55.42
CA ASN A 114 -9.45 -5.90 54.82
C ASN A 114 -10.00 -6.24 53.43
N MET A 115 -11.29 -6.53 53.33
CA MET A 115 -11.86 -6.97 52.07
C MET A 115 -12.33 -5.81 51.22
N THR A 116 -12.39 -6.06 49.91
CA THR A 116 -12.96 -5.14 48.95
C THR A 116 -14.39 -5.55 48.64
N TRP A 117 -15.20 -4.58 48.20
CA TRP A 117 -16.60 -4.87 47.88
C TRP A 117 -16.74 -5.97 46.85
N LEU A 118 -15.78 -6.09 45.92
CA LEU A 118 -15.87 -7.08 44.86
C LEU A 118 -15.78 -8.50 45.41
N GLN A 119 -14.78 -8.77 46.26
CA GLN A 119 -14.67 -10.10 46.84
C GLN A 119 -15.73 -10.34 47.91
N TRP A 120 -16.21 -9.29 48.55
CA TRP A 120 -17.29 -9.44 49.52
C TRP A 120 -18.56 -9.93 48.85
N ASP A 121 -18.96 -9.29 47.75
CA ASP A 121 -20.12 -9.73 46.99
C ASP A 121 -19.95 -11.17 46.52
N LYS A 122 -18.72 -11.58 46.18
CA LYS A 122 -18.48 -12.95 45.77
C LYS A 122 -18.72 -13.93 46.90
N GLU A 123 -18.46 -13.52 48.15
CA GLU A 123 -18.66 -14.42 49.29
C GLU A 123 -20.11 -14.45 49.75
N ILE A 124 -20.77 -13.30 49.79
CA ILE A 124 -22.11 -13.17 50.35
C ILE A 124 -23.15 -13.32 49.25
N SER A 125 -22.72 -13.81 48.08
CA SER A 125 -23.58 -13.78 46.90
C SER A 125 -24.86 -14.59 47.08
N ASN A 126 -24.77 -15.76 47.72
CA ASN A 126 -25.93 -16.64 47.81
C ASN A 126 -27.03 -16.05 48.71
N TYR A 127 -26.63 -15.37 49.78
CA TYR A 127 -27.57 -14.94 50.80
C TYR A 127 -28.21 -13.58 50.51
N THR A 128 -27.80 -12.90 49.42
CA THR A 128 -28.37 -11.59 49.12
C THR A 128 -29.88 -11.68 48.90
N GLN A 129 -30.33 -12.70 48.16
CA GLN A 129 -31.76 -12.87 47.94
C GLN A 129 -32.51 -13.12 49.24
N ILE A 130 -31.85 -13.76 50.22
CA ILE A 130 -32.47 -13.96 51.52
C ILE A 130 -32.51 -12.65 52.30
N ILE A 131 -31.38 -11.94 52.33
CA ILE A 131 -31.32 -10.66 53.04
C ILE A 131 -32.31 -9.67 52.45
N TYR A 132 -32.47 -9.68 51.12
CA TYR A 132 -33.44 -8.80 50.48
C TYR A 132 -34.86 -9.12 50.89
N GLY A 133 -35.10 -10.30 51.49
CA GLY A 133 -36.41 -10.69 51.93
C GLY A 133 -36.79 -10.10 53.28
N LEU A 134 -35.95 -10.33 54.30
CA LEU A 134 -36.25 -9.77 55.62
C LEU A 134 -36.17 -8.25 55.61
N LEU A 135 -35.35 -7.67 54.73
CA LEU A 135 -35.37 -6.22 54.55
C LEU A 135 -36.71 -5.74 54.04
N GLU A 136 -37.37 -6.54 53.22
CA GLU A 136 -38.65 -6.14 52.63
C GLU A 136 -39.76 -6.13 53.66
N GLU A 137 -39.80 -7.14 54.53
CA GLU A 137 -40.87 -7.23 55.52
C GLU A 137 -40.57 -6.40 56.77
N SER A 138 -39.29 -6.23 57.13
CA SER A 138 -38.95 -5.39 58.26
C SER A 138 -39.42 -3.96 58.06
N GLN A 139 -39.45 -3.49 56.81
CA GLN A 139 -40.00 -2.18 56.53
C GLN A 139 -41.52 -2.22 56.46
N ASN A 140 -42.08 -3.28 55.87
CA ASN A 140 -43.53 -3.34 55.70
C ASN A 140 -44.24 -3.47 57.04
N GLN A 141 -43.58 -4.02 58.05
CA GLN A 141 -44.15 -4.06 59.38
C GLN A 141 -43.83 -2.80 60.19
N GLN A 142 -42.66 -2.21 59.96
CA GLN A 142 -42.33 -0.94 60.60
C GLN A 142 -43.27 0.16 60.12
N GLU A 143 -43.62 0.15 58.83
CA GLU A 143 -44.63 1.07 58.33
C GLU A 143 -45.97 0.85 59.05
N LYS A 144 -46.25 -0.39 59.43
CA LYS A 144 -47.50 -0.71 60.11
C LYS A 144 -47.48 -0.29 61.58
N ASN A 145 -46.31 -0.28 62.21
CA ASN A 145 -46.22 0.13 63.61
C ASN A 145 -46.31 1.65 63.76
N GLU A 146 -45.60 2.39 62.92
CA GLU A 146 -45.71 3.85 62.96
C GLU A 146 -47.12 4.33 62.66
N GLN A 147 -47.93 3.49 62.00
CA GLN A 147 -49.32 3.83 61.73
C GLN A 147 -50.21 3.52 62.93
N ASP A 148 -49.86 2.50 63.72
CA ASP A 148 -50.53 2.28 65.00
C ASP A 148 -50.15 3.36 66.01
N LEU A 149 -48.87 3.72 66.05
CA LEU A 149 -48.40 4.73 67.01
C LEU A 149 -49.00 6.09 66.72
N LEU A 150 -49.16 6.44 65.45
CA LEU A 150 -49.74 7.72 65.06
C LEU A 150 -51.25 7.75 65.17
N ALA A 151 -51.87 6.71 65.71
CA ALA A 151 -53.31 6.66 65.91
C ALA A 151 -53.73 7.07 67.32
N LEU A 152 -52.90 7.83 68.00
CA LEU A 152 -53.16 8.21 69.39
C LEU A 152 -53.25 9.72 69.55
N GLN B 1 -7.00 -17.83 53.12
CA GLN B 1 -5.87 -18.75 53.29
C GLN B 1 -4.54 -18.01 53.30
N GLY B 2 -3.63 -18.44 52.42
CA GLY B 2 -2.31 -17.87 52.37
C GLY B 2 -1.27 -18.77 53.02
N GLN B 3 -0.16 -19.01 52.32
CA GLN B 3 0.94 -19.82 52.85
C GLN B 3 2.26 -19.23 52.39
N LEU B 4 3.21 -19.15 53.32
CA LEU B 4 4.51 -18.50 53.09
C LEU B 4 5.61 -19.53 53.33
N VAL B 5 6.05 -20.18 52.26
CA VAL B 5 7.16 -21.13 52.35
C VAL B 5 8.48 -20.37 52.34
N GLN B 6 9.46 -20.89 53.06
CA GLN B 6 10.75 -20.23 53.23
C GLN B 6 11.85 -21.04 52.56
N SER B 7 13.08 -20.56 52.70
CA SER B 7 14.23 -21.17 52.03
C SER B 7 14.68 -22.41 52.80
N GLY B 8 15.86 -22.91 52.46
CA GLY B 8 16.44 -24.02 53.18
C GLY B 8 17.11 -23.57 54.46
N ALA B 9 17.53 -24.55 55.26
CA ALA B 9 18.13 -24.27 56.56
C ALA B 9 19.63 -24.52 56.53
N THR B 10 20.35 -23.81 55.67
CA THR B 10 21.80 -23.97 55.54
C THR B 10 22.53 -22.99 56.45
N THR B 11 23.84 -23.23 56.61
CA THR B 11 24.65 -22.53 57.59
C THR B 11 25.92 -21.98 56.95
N THR B 12 26.39 -20.86 57.50
CA THR B 12 27.64 -20.25 57.06
C THR B 12 28.30 -19.60 58.28
N LYS B 13 29.61 -19.34 58.16
CA LYS B 13 30.43 -18.82 59.24
C LYS B 13 30.50 -17.30 59.19
N PRO B 14 30.93 -16.64 60.31
CA PRO B 14 30.86 -15.17 60.39
C PRO B 14 31.51 -14.40 59.25
N GLY B 15 31.20 -13.10 59.18
CA GLY B 15 31.68 -12.24 58.12
C GLY B 15 30.90 -12.31 56.84
N SER B 16 30.18 -13.40 56.59
CA SER B 16 29.50 -13.61 55.32
C SER B 16 28.16 -12.85 55.31
N SER B 17 27.33 -13.16 54.33
CA SER B 17 26.02 -12.52 54.17
C SER B 17 25.12 -13.49 53.42
N VAL B 18 23.99 -13.86 54.03
CA VAL B 18 23.12 -14.88 53.48
C VAL B 18 21.77 -14.25 53.12
N LYS B 19 21.08 -14.88 52.17
CA LYS B 19 19.76 -14.43 51.72
C LYS B 19 18.75 -15.54 51.96
N ILE B 20 17.59 -15.17 52.49
CA ILE B 20 16.51 -16.11 52.79
C ILE B 20 15.28 -15.68 51.99
N SER B 21 14.63 -16.66 51.35
CA SER B 21 13.48 -16.39 50.49
C SER B 21 12.18 -16.71 51.21
N CYS B 22 11.09 -16.14 50.69
CA CYS B 22 9.76 -16.35 51.24
C CYS B 22 8.77 -16.25 50.09
N LYS B 23 8.16 -17.38 49.72
CA LYS B 23 7.32 -17.47 48.53
C LYS B 23 5.85 -17.57 48.96
N THR B 24 5.06 -16.58 48.59
CA THR B 24 3.68 -16.45 49.05
C THR B 24 2.71 -17.01 48.03
N SER B 25 1.55 -17.47 48.53
CA SER B 25 0.50 -18.02 47.69
C SER B 25 -0.85 -17.78 48.36
N GLY B 26 -1.91 -17.98 47.59
CA GLY B 26 -3.25 -17.95 48.13
C GLY B 26 -3.76 -16.61 48.61
N TYR B 27 -3.05 -15.52 48.33
CA TYR B 27 -3.52 -14.19 48.70
C TYR B 27 -2.79 -13.15 47.87
N ARG B 28 -3.38 -11.96 47.78
CA ARG B 28 -2.79 -10.87 47.02
C ARG B 28 -1.52 -10.41 47.72
N PHE B 29 -0.37 -10.64 47.08
CA PHE B 29 0.91 -10.32 47.68
C PHE B 29 1.05 -8.83 47.97
N ASN B 30 0.44 -7.98 47.14
CA ASN B 30 0.61 -6.54 47.28
C ASN B 30 -0.25 -5.92 48.37
N PHE B 31 -1.19 -6.67 48.96
CA PHE B 31 -2.16 -6.08 49.87
C PHE B 31 -1.70 -6.04 51.31
N TYR B 32 -0.64 -6.78 51.68
CA TYR B 32 -0.21 -6.84 53.06
C TYR B 32 1.30 -6.72 53.14
N HIS B 33 1.78 -6.03 54.17
CA HIS B 33 3.21 -5.95 54.42
C HIS B 33 3.81 -7.33 54.60
N ILE B 34 5.13 -7.42 54.47
CA ILE B 34 5.86 -8.64 54.77
C ILE B 34 6.83 -8.32 55.91
N ASN B 35 6.77 -9.12 56.96
CA ASN B 35 7.54 -8.88 58.18
C ASN B 35 8.49 -10.05 58.42
N TRP B 36 9.68 -9.75 58.94
CA TRP B 36 10.68 -10.74 59.28
C TRP B 36 11.04 -10.62 60.75
N ILE B 37 10.96 -11.74 61.47
CA ILE B 37 11.22 -11.77 62.90
C ILE B 37 12.13 -12.96 63.21
N ARG B 38 13.08 -12.75 64.12
CA ARG B 38 14.11 -13.73 64.44
C ARG B 38 13.98 -14.18 65.89
N GLN B 39 14.10 -15.48 66.11
CA GLN B 39 14.06 -16.07 67.46
C GLN B 39 15.47 -16.53 67.81
N THR B 40 16.29 -15.61 68.30
CA THR B 40 17.62 -15.96 68.77
C THR B 40 17.53 -16.77 70.05
N ALA B 41 18.49 -17.68 70.23
CA ALA B 41 18.51 -18.49 71.45
C ALA B 41 18.88 -17.64 72.67
N GLY B 42 19.89 -16.79 72.54
CA GLY B 42 20.35 -16.00 73.65
C GLY B 42 19.71 -14.62 73.74
N ARG B 43 18.45 -14.53 73.34
CA ARG B 43 17.71 -13.26 73.36
C ARG B 43 16.24 -13.57 73.17
N GLY B 44 15.40 -12.59 73.48
CA GLY B 44 13.99 -12.68 73.17
C GLY B 44 13.77 -12.49 71.69
N PRO B 45 12.64 -13.00 71.19
CA PRO B 45 12.32 -12.80 69.77
C PRO B 45 12.32 -11.32 69.40
N GLU B 46 12.95 -11.02 68.27
CA GLU B 46 13.26 -9.64 67.88
C GLU B 46 12.66 -9.36 66.52
N TRP B 47 11.80 -8.34 66.45
CA TRP B 47 11.23 -7.89 65.18
C TRP B 47 12.28 -7.12 64.39
N MET B 48 12.52 -7.55 63.15
CA MET B 48 13.58 -6.96 62.33
C MET B 48 13.06 -5.83 61.45
N GLY B 49 11.95 -6.05 60.75
CA GLY B 49 11.40 -5.00 59.91
C GLY B 49 10.34 -5.47 58.94
N TRP B 50 9.57 -4.52 58.39
CA TRP B 50 8.58 -4.82 57.37
C TRP B 50 8.79 -3.92 56.15
N ILE B 51 8.35 -4.42 54.99
CA ILE B 51 8.32 -3.62 53.78
C ILE B 51 6.96 -3.78 53.13
N SER B 52 6.63 -2.83 52.25
CA SER B 52 5.34 -2.83 51.56
C SER B 52 5.50 -3.47 50.19
N PRO B 53 4.92 -4.65 49.95
CA PRO B 53 5.00 -5.25 48.61
C PRO B 53 4.13 -4.53 47.59
N TYR B 54 3.90 -3.24 47.82
CA TYR B 54 3.07 -2.41 46.95
C TYR B 54 3.72 -1.05 46.79
N SER B 55 3.89 -0.33 47.90
CA SER B 55 4.55 0.97 47.87
C SER B 55 6.07 0.85 47.90
N GLY B 56 6.61 -0.35 48.07
CA GLY B 56 8.04 -0.51 48.23
C GLY B 56 8.64 0.17 49.44
N ASP B 57 7.81 0.63 50.40
CA ASP B 57 8.29 1.34 51.58
C ASP B 57 8.73 0.35 52.65
N LYS B 58 9.90 0.58 53.23
CA LYS B 58 10.50 -0.32 54.20
C LYS B 58 10.62 0.38 55.54
N ASN B 59 10.72 -0.42 56.61
CA ASN B 59 10.90 0.12 57.94
C ASN B 59 11.49 -0.98 58.82
N LEU B 60 12.69 -0.76 59.35
CA LEU B 60 13.39 -1.74 60.15
C LEU B 60 13.58 -1.23 61.58
N ALA B 61 13.91 -2.17 62.46
CA ALA B 61 14.30 -1.79 63.81
C ALA B 61 15.68 -1.12 63.77
N PRO B 62 15.93 -0.17 64.68
CA PRO B 62 17.24 0.51 64.68
C PRO B 62 18.41 -0.42 64.97
N ALA B 63 18.18 -1.57 65.63
CA ALA B 63 19.22 -2.55 65.83
C ALA B 63 19.63 -3.25 64.54
N PHE B 64 18.95 -2.94 63.42
CA PHE B 64 19.23 -3.53 62.11
C PHE B 64 19.34 -2.47 61.03
N GLN B 65 19.62 -1.22 61.42
CA GLN B 65 19.41 -0.08 60.52
C GLN B 65 20.35 -0.13 59.32
N ASP B 66 21.65 -0.26 59.55
CA ASP B 66 22.63 -0.24 58.47
C ASP B 66 23.26 -1.61 58.22
N ARG B 67 22.56 -2.70 58.56
CA ARG B 67 23.12 -4.03 58.40
C ARG B 67 22.20 -4.99 57.64
N VAL B 68 20.98 -4.56 57.28
CA VAL B 68 20.00 -5.46 56.69
C VAL B 68 19.50 -4.87 55.37
N ASN B 69 19.04 -5.75 54.49
CA ASN B 69 18.59 -5.39 53.15
C ASN B 69 17.40 -6.26 52.79
N MET B 70 16.20 -5.68 52.80
CA MET B 70 14.94 -6.40 52.60
C MET B 70 14.30 -5.91 51.31
N THR B 71 14.00 -6.84 50.40
CA THR B 71 13.45 -6.50 49.09
C THR B 71 12.34 -7.47 48.71
N THR B 72 11.56 -7.07 47.71
CA THR B 72 10.54 -7.91 47.11
C THR B 72 10.51 -7.66 45.60
N ASP B 73 10.10 -8.67 44.85
CA ASP B 73 9.85 -8.54 43.42
C ASP B 73 8.36 -8.59 43.15
N THR B 74 7.99 -8.18 41.94
CA THR B 74 6.57 -8.00 41.60
C THR B 74 5.83 -9.33 41.66
N GLU B 75 4.52 -9.23 41.89
CA GLU B 75 3.67 -10.41 42.03
C GLU B 75 3.20 -10.90 40.67
N VAL B 76 2.84 -12.19 40.62
CA VAL B 76 2.33 -12.83 39.42
C VAL B 76 0.83 -13.09 39.64
N PRO B 77 -0.06 -12.38 38.95
CA PRO B 77 -1.49 -12.63 39.12
C PRO B 77 -1.86 -14.06 38.75
N VAL B 78 -2.57 -14.72 39.65
CA VAL B 78 -3.11 -16.07 39.43
C VAL B 78 -4.61 -16.03 39.21
N THR B 79 -5.34 -15.41 40.14
CA THR B 79 -6.74 -15.08 39.90
C THR B 79 -6.97 -13.63 40.32
N SER B 80 -8.24 -13.19 40.36
CA SER B 80 -8.53 -11.81 40.72
C SER B 80 -8.06 -11.47 42.13
N PHE B 81 -7.87 -12.46 43.00
CA PHE B 81 -7.50 -12.21 44.39
C PHE B 81 -6.34 -13.06 44.87
N THR B 82 -5.71 -13.84 44.00
CA THR B 82 -4.58 -14.69 44.37
C THR B 82 -3.37 -14.32 43.53
N SER B 83 -2.24 -14.10 44.19
CA SER B 83 -0.98 -13.78 43.53
C SER B 83 0.10 -14.74 44.01
N THR B 84 1.30 -14.60 43.45
CA THR B 84 2.47 -15.32 43.91
C THR B 84 3.63 -14.34 43.97
N GLY B 85 4.18 -14.12 45.16
CA GLY B 85 5.26 -13.17 45.35
C GLY B 85 6.46 -13.81 46.02
N ALA B 86 7.50 -12.99 46.18
CA ALA B 86 8.72 -13.43 46.84
C ALA B 86 9.29 -12.26 47.63
N ALA B 87 9.96 -12.59 48.73
CA ALA B 87 10.47 -11.58 49.65
C ALA B 87 11.86 -12.00 50.12
N TYR B 88 12.84 -11.11 49.95
CA TYR B 88 14.24 -11.44 50.18
C TYR B 88 14.81 -10.54 51.27
N MET B 89 15.84 -11.05 51.95
CA MET B 89 16.38 -10.39 53.13
C MET B 89 17.81 -10.87 53.38
N GLU B 90 18.69 -9.93 53.70
CA GLU B 90 20.10 -10.22 53.92
C GLU B 90 20.63 -9.43 55.11
N ILE B 91 21.77 -9.86 55.63
CA ILE B 91 22.45 -9.18 56.73
C ILE B 91 23.90 -8.97 56.32
N ARG B 92 24.45 -7.79 56.64
CA ARG B 92 25.80 -7.43 56.22
C ARG B 92 26.84 -7.86 57.24
N ASN B 93 27.23 -6.94 58.13
CA ASN B 93 28.24 -7.23 59.15
C ASN B 93 27.76 -8.35 60.07
N LEU B 94 27.75 -9.58 59.54
CA LEU B 94 27.15 -10.72 60.20
C LEU B 94 28.20 -11.53 60.95
N THR B 95 27.83 -12.00 62.15
CA THR B 95 28.71 -12.84 62.95
C THR B 95 28.04 -14.19 63.20
N SER B 96 28.38 -14.84 64.32
CA SER B 96 27.68 -16.04 64.74
C SER B 96 26.75 -15.81 65.92
N ASP B 97 26.75 -14.60 66.49
CA ASP B 97 25.78 -14.25 67.51
C ASP B 97 24.37 -14.10 66.95
N ASP B 98 24.25 -13.89 65.63
CA ASP B 98 22.97 -13.76 64.96
C ASP B 98 22.34 -15.12 64.65
N THR B 99 22.77 -16.18 65.32
CA THR B 99 22.28 -17.52 65.06
C THR B 99 20.86 -17.69 65.58
N GLY B 100 20.05 -18.44 64.85
CA GLY B 100 18.69 -18.73 65.27
C GLY B 100 17.86 -19.19 64.10
N THR B 101 16.55 -19.28 64.35
CA THR B 101 15.58 -19.59 63.31
C THR B 101 14.90 -18.29 62.86
N TYR B 102 14.73 -18.15 61.56
CA TYR B 102 14.21 -16.93 60.96
C TYR B 102 12.85 -17.19 60.31
N PHE B 103 11.92 -16.27 60.50
CA PHE B 103 10.57 -16.39 59.97
C PHE B 103 10.22 -15.20 59.09
N CYS B 104 9.30 -15.42 58.16
CA CYS B 104 8.65 -14.35 57.42
C CYS B 104 7.15 -14.39 57.70
N ALA B 105 6.55 -13.22 57.84
CA ALA B 105 5.14 -13.13 58.21
C ALA B 105 4.49 -11.94 57.53
N LYS B 106 3.31 -12.17 56.96
CA LYS B 106 2.58 -11.09 56.30
C LYS B 106 1.75 -10.31 57.31
N GLY B 107 1.33 -9.12 56.90
CA GLY B 107 0.58 -8.24 57.77
C GLY B 107 -0.80 -8.78 58.10
N LEU B 108 -1.43 -8.14 59.08
CA LEU B 108 -2.75 -8.56 59.55
C LEU B 108 -3.85 -8.09 58.60
N LEU B 109 -4.08 -6.78 58.54
CA LEU B 109 -5.06 -6.18 57.65
C LEU B 109 -4.36 -5.30 56.63
N ARG B 110 -5.14 -4.62 55.79
CA ARG B 110 -4.59 -3.63 54.87
C ARG B 110 -5.11 -2.23 55.17
N ASP B 111 -5.58 -2.00 56.39
CA ASP B 111 -5.95 -0.67 56.90
C ASP B 111 -6.24 -0.80 58.38
N GLY B 112 -6.25 0.34 59.06
CA GLY B 112 -6.56 0.38 60.48
C GLY B 112 -5.37 0.72 61.35
N SER B 113 -5.40 0.28 62.60
CA SER B 113 -4.32 0.54 63.56
C SER B 113 -3.39 -0.65 63.72
N SER B 114 -3.66 -1.77 63.04
CA SER B 114 -2.84 -2.97 63.13
C SER B 114 -2.62 -3.53 61.73
N THR B 115 -2.15 -2.68 60.82
CA THR B 115 -2.04 -3.08 59.41
C THR B 115 -0.93 -4.10 59.21
N TRP B 116 0.29 -3.75 59.60
CA TRP B 116 1.48 -4.56 59.32
C TRP B 116 1.69 -5.71 60.30
N LEU B 117 0.86 -5.84 61.33
CA LEU B 117 1.12 -6.76 62.41
C LEU B 117 1.32 -8.18 61.85
N PRO B 118 2.44 -8.85 62.19
CA PRO B 118 2.70 -10.19 61.65
C PRO B 118 1.61 -11.19 62.02
N TYR B 119 0.81 -11.58 61.02
CA TYR B 119 -0.34 -12.44 61.22
C TYR B 119 -0.10 -13.86 60.72
N LEU B 120 0.25 -14.02 59.45
CA LEU B 120 0.41 -15.32 58.82
C LEU B 120 1.89 -15.59 58.62
N TRP B 121 2.41 -16.60 59.31
CA TRP B 121 3.84 -16.82 59.42
C TRP B 121 4.32 -17.91 58.45
N GLY B 122 5.64 -18.09 58.42
CA GLY B 122 6.28 -19.06 57.57
C GLY B 122 6.71 -20.31 58.34
N GLN B 123 7.50 -21.13 57.65
CA GLN B 123 7.97 -22.39 58.20
C GLN B 123 9.22 -22.26 59.05
N GLY B 124 9.95 -21.15 58.95
CA GLY B 124 11.18 -20.97 59.68
C GLY B 124 12.36 -21.60 58.98
N THR B 125 13.57 -21.06 59.23
CA THR B 125 14.79 -21.55 58.62
C THR B 125 15.90 -21.55 59.68
N LEU B 126 16.51 -22.71 59.89
CA LEU B 126 17.62 -22.83 60.83
C LEU B 126 18.88 -22.26 60.21
N LEU B 127 19.66 -21.56 61.04
CA LEU B 127 20.82 -20.84 60.56
C LEU B 127 22.09 -21.44 61.18
N THR B 128 23.18 -20.69 61.11
CA THR B 128 24.51 -21.10 61.58
C THR B 128 24.54 -21.69 62.99
N VAL C 4 12.73 -4.86 77.54
CA VAL C 4 12.30 -3.75 78.37
C VAL C 4 10.82 -3.91 78.70
N LEU C 5 10.13 -4.73 77.92
CA LEU C 5 8.72 -5.06 78.13
C LEU C 5 8.68 -6.40 78.86
N THR C 6 8.58 -6.35 80.18
CA THR C 6 8.63 -7.57 81.00
C THR C 6 7.23 -8.14 81.17
N GLN C 7 7.12 -9.46 81.04
CA GLN C 7 5.88 -10.17 81.31
C GLN C 7 6.10 -11.12 82.50
N SER C 8 5.14 -12.00 82.72
CA SER C 8 5.18 -12.89 83.88
C SER C 8 6.40 -13.81 83.81
N ALA C 9 6.98 -14.09 84.98
CA ALA C 9 8.08 -15.05 85.06
C ALA C 9 7.64 -16.42 84.54
N SER C 10 6.66 -17.01 85.20
CA SER C 10 6.03 -18.25 84.75
C SER C 10 4.78 -18.48 85.58
N VAL C 11 3.85 -19.25 85.01
CA VAL C 11 2.58 -19.58 85.65
C VAL C 11 2.11 -20.91 85.08
N SER C 12 1.03 -21.44 85.65
CA SER C 12 0.38 -22.66 85.16
C SER C 12 -0.86 -22.92 86.00
N GLY C 13 -1.76 -23.74 85.46
CA GLY C 13 -2.95 -24.19 86.16
C GLY C 13 -3.28 -25.63 85.82
N SER C 14 -4.57 -25.95 85.77
CA SER C 14 -5.00 -27.29 85.40
C SER C 14 -6.27 -27.19 84.55
N LEU C 15 -6.55 -28.28 83.82
CA LEU C 15 -7.63 -28.32 82.84
C LEU C 15 -8.97 -27.98 83.47
N GLY C 16 -9.47 -26.77 83.20
CA GLY C 16 -10.73 -26.34 83.75
C GLY C 16 -10.70 -24.93 84.31
N GLN C 17 -9.56 -24.54 84.86
CA GLN C 17 -9.39 -23.23 85.48
C GLN C 17 -8.79 -22.26 84.46
N SER C 18 -8.18 -21.17 84.95
CA SER C 18 -7.67 -20.11 84.09
C SER C 18 -6.29 -19.69 84.57
N VAL C 19 -5.61 -18.93 83.72
CA VAL C 19 -4.33 -18.31 84.02
C VAL C 19 -4.38 -16.87 83.52
N THR C 20 -3.49 -16.03 84.06
CA THR C 20 -3.42 -14.63 83.67
C THR C 20 -1.95 -14.23 83.55
N ILE C 21 -1.46 -14.09 82.32
CA ILE C 21 -0.11 -13.59 82.07
C ILE C 21 -0.15 -12.07 82.07
N SER C 22 0.84 -11.46 82.72
CA SER C 22 0.95 -10.00 82.76
C SER C 22 1.92 -9.53 81.67
N CYS C 23 2.09 -8.21 81.59
CA CYS C 23 2.96 -7.57 80.60
C CYS C 23 3.02 -6.07 80.91
N THR C 24 4.22 -5.57 81.23
CA THR C 24 4.34 -4.17 81.63
C THR C 24 5.74 -3.67 81.31
N GLY C 25 5.92 -2.36 81.43
CA GLY C 25 7.18 -1.71 81.18
C GLY C 25 7.10 -0.22 81.43
N PRO C 26 8.18 0.51 81.11
CA PRO C 26 8.17 1.96 81.33
C PRO C 26 7.30 2.69 80.32
N ASN C 27 7.23 4.02 80.43
CA ASN C 27 6.41 4.81 79.51
C ASN C 27 6.98 4.88 78.10
N SER C 28 8.04 4.13 77.79
CA SER C 28 8.51 4.02 76.42
C SER C 28 7.94 2.82 75.70
N VAL C 29 7.51 1.79 76.44
CA VAL C 29 7.01 0.55 75.85
C VAL C 29 5.54 0.30 76.17
N CYS C 30 4.94 1.08 77.06
CA CYS C 30 3.64 0.74 77.63
C CYS C 30 3.15 1.92 78.47
N CYS C 31 1.83 2.15 78.48
CA CYS C 31 0.85 1.32 77.81
C CYS C 31 -0.21 2.10 77.02
N SER C 32 -0.88 3.03 77.70
CA SER C 32 -2.09 3.65 77.18
C SER C 32 -1.90 4.24 75.78
N HIS C 33 -0.68 4.66 75.46
CA HIS C 33 -0.37 5.23 74.16
C HIS C 33 0.12 4.21 73.16
N LYS C 34 0.09 2.92 73.51
CA LYS C 34 0.52 1.86 72.60
C LYS C 34 -0.49 0.72 72.65
N SER C 35 -0.53 -0.04 71.57
CA SER C 35 -1.41 -1.21 71.47
C SER C 35 -0.63 -2.48 71.82
N ILE C 36 -1.28 -3.38 72.53
CA ILE C 36 -0.68 -4.63 72.99
C ILE C 36 -1.29 -5.78 72.18
N SER C 37 -0.43 -6.62 71.63
CA SER C 37 -0.84 -7.84 70.95
C SER C 37 -0.15 -9.04 71.60
N TRP C 38 -0.82 -10.19 71.56
CA TRP C 38 -0.33 -11.38 72.22
C TRP C 38 -0.14 -12.51 71.20
N TYR C 39 0.96 -13.23 71.33
CA TYR C 39 1.33 -14.29 70.41
C TYR C 39 1.55 -15.59 71.16
N GLN C 40 0.90 -16.65 70.71
CA GLN C 40 1.19 -18.00 71.17
C GLN C 40 2.31 -18.57 70.31
N TRP C 41 3.39 -18.99 70.93
CA TRP C 41 4.64 -19.29 70.22
C TRP C 41 5.28 -20.57 70.78
N PRO C 42 5.08 -21.70 70.12
CA PRO C 42 5.85 -22.90 70.46
C PRO C 42 7.32 -22.70 70.13
N PRO C 43 8.23 -23.22 70.96
CA PRO C 43 9.66 -22.90 70.80
C PRO C 43 10.20 -23.39 69.47
N GLY C 44 10.71 -22.46 68.67
CA GLY C 44 11.36 -22.79 67.42
C GLY C 44 10.44 -23.15 66.28
N ARG C 45 9.15 -22.86 66.39
CA ARG C 45 8.21 -23.23 65.34
C ARG C 45 7.29 -22.06 64.98
N ALA C 46 6.23 -22.34 64.23
CA ALA C 46 5.36 -21.29 63.72
C ALA C 46 4.53 -20.66 64.83
N PRO C 47 4.64 -19.36 65.06
CA PRO C 47 3.84 -18.69 66.08
C PRO C 47 2.39 -18.51 65.62
N THR C 48 1.58 -17.91 66.49
CA THR C 48 0.17 -17.71 66.23
C THR C 48 -0.29 -16.44 66.92
N LEU C 49 -1.03 -15.60 66.19
CA LEU C 49 -1.63 -14.41 66.77
C LEU C 49 -2.92 -14.79 67.49
N ILE C 50 -3.11 -14.21 68.69
CA ILE C 50 -4.24 -14.58 69.53
C ILE C 50 -5.04 -13.34 69.91
N ILE C 51 -4.38 -12.19 69.99
CA ILE C 51 -4.98 -10.94 70.44
C ILE C 51 -4.24 -9.79 69.80
N TYR C 52 -4.98 -8.81 69.29
CA TYR C 52 -4.36 -7.58 68.78
C TYR C 52 -5.14 -6.38 69.27
N GLU C 53 -4.45 -5.23 69.27
CA GLU C 53 -4.86 -3.99 69.93
C GLU C 53 -5.71 -4.21 71.18
N ASP C 54 -5.14 -4.91 72.16
CA ASP C 54 -5.46 -4.90 73.58
C ASP C 54 -6.63 -5.81 73.98
N ASN C 55 -7.42 -6.34 73.04
CA ASN C 55 -8.46 -7.33 73.39
C ASN C 55 -9.10 -7.95 72.16
N GLU C 56 -8.87 -7.38 70.98
CA GLU C 56 -9.44 -7.93 69.76
C GLU C 56 -8.66 -9.17 69.35
N ARG C 57 -9.34 -10.32 69.28
CA ARG C 57 -8.68 -11.57 68.97
C ARG C 57 -8.74 -11.88 67.49
N ALA C 58 -7.66 -12.52 66.99
CA ALA C 58 -7.55 -12.87 65.58
C ALA C 58 -8.67 -13.83 65.17
N PRO C 59 -8.94 -13.95 63.88
CA PRO C 59 -10.03 -14.84 63.45
C PRO C 59 -9.74 -16.28 63.81
N GLY C 60 -10.79 -16.98 64.25
CA GLY C 60 -10.69 -18.37 64.63
C GLY C 60 -10.24 -18.62 66.06
N ILE C 61 -9.74 -17.60 66.76
CA ILE C 61 -9.30 -17.77 68.13
C ILE C 61 -10.49 -18.12 69.00
N SER C 62 -10.35 -19.19 69.77
CA SER C 62 -11.42 -19.63 70.66
C SER C 62 -11.77 -18.52 71.65
N PRO C 63 -13.06 -18.35 71.97
CA PRO C 63 -13.46 -17.31 72.93
C PRO C 63 -12.89 -17.48 74.34
N ARG C 64 -12.18 -18.59 74.64
CA ARG C 64 -11.57 -18.74 75.96
C ARG C 64 -10.47 -17.72 76.20
N PHE C 65 -9.77 -17.32 75.14
CA PHE C 65 -8.69 -16.34 75.28
C PHE C 65 -9.28 -14.94 75.42
N SER C 66 -8.66 -14.13 76.27
CA SER C 66 -9.18 -12.81 76.56
C SER C 66 -8.03 -11.86 76.86
N GLY C 67 -8.19 -10.61 76.46
CA GLY C 67 -7.21 -9.57 76.72
C GLY C 67 -7.82 -8.44 77.53
N TYR C 68 -6.99 -7.87 78.40
CA TYR C 68 -7.36 -6.70 79.19
C TYR C 68 -6.14 -5.81 79.31
N LYS C 69 -6.37 -4.52 79.46
CA LYS C 69 -5.27 -3.55 79.49
C LYS C 69 -5.58 -2.48 80.53
N SER C 70 -4.83 -2.50 81.63
CA SER C 70 -4.87 -1.41 82.59
C SER C 70 -4.01 -0.25 82.10
N TYR C 71 -4.06 0.86 82.84
CA TYR C 71 -3.24 2.01 82.46
C TYR C 71 -1.75 1.76 82.62
N TRP C 72 -1.35 0.62 83.19
CA TRP C 72 0.05 0.34 83.44
C TRP C 72 0.51 -1.05 83.04
N SER C 73 -0.39 -1.98 82.73
CA SER C 73 0.00 -3.33 82.36
C SER C 73 -1.15 -4.02 81.66
N ALA C 74 -0.82 -4.74 80.58
CA ALA C 74 -1.80 -5.52 79.84
C ALA C 74 -1.80 -6.96 80.35
N TYR C 75 -2.97 -7.60 80.26
CA TYR C 75 -3.17 -8.94 80.75
C TYR C 75 -3.67 -9.84 79.62
N LEU C 76 -3.44 -11.15 79.78
CA LEU C 76 -3.90 -12.15 78.83
C LEU C 76 -4.53 -13.30 79.62
N THR C 77 -5.86 -13.32 79.67
CA THR C 77 -6.58 -14.39 80.36
C THR C 77 -6.77 -15.58 79.44
N ILE C 78 -6.45 -16.77 79.94
CA ILE C 78 -6.63 -18.02 79.21
C ILE C 78 -7.49 -18.92 80.10
N SER C 79 -8.81 -18.80 79.96
CA SER C 79 -9.73 -19.60 80.75
C SER C 79 -9.77 -21.03 80.22
N ASP C 80 -10.45 -21.90 80.99
CA ASP C 80 -10.67 -23.30 80.66
C ASP C 80 -9.52 -23.93 79.89
N LEU C 81 -8.40 -24.16 80.57
CA LEU C 81 -7.19 -24.62 79.89
C LEU C 81 -7.39 -26.02 79.32
N ARG C 82 -6.59 -26.34 78.32
CA ARG C 82 -6.62 -27.61 77.60
C ARG C 82 -5.20 -27.98 77.25
N PRO C 83 -4.93 -29.26 76.92
CA PRO C 83 -3.54 -29.72 76.78
C PRO C 83 -2.64 -28.87 75.88
N GLU C 84 -3.11 -28.50 74.69
CA GLU C 84 -2.24 -27.83 73.72
C GLU C 84 -1.77 -26.45 74.16
N ASP C 85 -2.29 -25.93 75.28
CA ASP C 85 -1.89 -24.61 75.75
C ASP C 85 -0.54 -24.59 76.45
N GLU C 86 0.11 -25.74 76.62
CA GLU C 86 1.47 -25.76 77.16
C GLU C 86 2.42 -25.11 76.16
N THR C 87 2.63 -23.80 76.29
CA THR C 87 3.36 -23.04 75.29
C THR C 87 4.01 -21.84 75.96
N THR C 88 4.90 -21.18 75.22
CA THR C 88 5.44 -19.88 75.61
C THR C 88 4.62 -18.78 74.97
N TYR C 89 4.42 -17.68 75.71
CA TYR C 89 3.57 -16.58 75.26
C TYR C 89 4.33 -15.28 75.38
N TYR C 90 4.29 -14.47 74.31
CA TYR C 90 4.96 -13.18 74.25
C TYR C 90 3.93 -12.10 73.93
N CYS C 91 4.14 -10.91 74.50
CA CYS C 91 3.30 -9.76 74.21
C CYS C 91 4.04 -8.78 73.31
N CYS C 92 3.28 -8.06 72.48
CA CYS C 92 3.81 -7.04 71.59
C CYS C 92 3.42 -5.66 72.08
N SER C 93 4.23 -4.66 71.74
CA SER C 93 3.92 -3.26 71.96
C SER C 93 4.20 -2.52 70.67
N TYR C 94 3.18 -1.84 70.13
CA TYR C 94 3.30 -1.29 68.78
C TYR C 94 2.21 -0.24 68.57
N THR C 95 2.55 0.74 67.72
CA THR C 95 1.59 1.68 67.18
C THR C 95 1.38 1.36 65.69
N HIS C 96 0.75 2.28 64.98
CA HIS C 96 0.43 2.02 63.57
C HIS C 96 1.67 2.12 62.70
N ASN C 97 2.56 3.08 62.96
CA ASN C 97 3.70 3.37 62.10
C ASN C 97 5.03 2.99 62.77
N SER C 98 5.09 1.82 63.39
CA SER C 98 6.33 1.38 64.02
C SER C 98 6.50 -0.13 63.89
N GLY C 99 7.12 -0.74 64.90
CA GLY C 99 7.34 -2.17 64.92
C GLY C 99 6.84 -2.80 66.21
N CYS C 100 6.99 -4.12 66.29
CA CYS C 100 6.55 -4.90 67.43
C CYS C 100 7.70 -5.02 68.43
N VAL C 101 7.58 -4.35 69.58
CA VAL C 101 8.52 -4.52 70.67
C VAL C 101 8.04 -5.71 71.49
N PHE C 102 8.66 -6.87 71.28
CA PHE C 102 8.22 -8.08 71.93
C PHE C 102 8.59 -8.05 73.42
N GLY C 103 8.02 -9.00 74.16
CA GLY C 103 8.28 -9.13 75.58
C GLY C 103 9.26 -10.26 75.88
N THR C 104 9.57 -10.38 77.17
CA THR C 104 10.51 -11.40 77.63
C THR C 104 10.00 -12.80 77.32
N GLY C 105 8.98 -13.24 78.04
CA GLY C 105 8.38 -14.54 77.79
C GLY C 105 7.63 -15.03 78.99
N THR C 106 6.75 -16.01 78.74
CA THR C 106 5.99 -16.65 79.81
C THR C 106 5.59 -18.04 79.35
N LYS C 107 6.09 -19.06 80.04
CA LYS C 107 5.74 -20.44 79.76
C LYS C 107 4.66 -20.89 80.74
N VAL C 108 3.60 -21.50 80.22
CA VAL C 108 2.49 -21.94 81.05
C VAL C 108 2.27 -23.44 80.90
N GLU D 2 -21.53 -5.85 69.63
CA GLU D 2 -21.42 -7.04 68.78
C GLU D 2 -22.73 -7.29 68.04
N ASN D 3 -23.74 -6.49 68.33
CA ASN D 3 -25.01 -6.56 67.61
C ASN D 3 -24.78 -6.06 66.19
N LEU D 4 -24.71 -6.98 65.24
CA LEU D 4 -24.45 -6.65 63.85
C LEU D 4 -25.75 -6.68 63.05
N TRP D 5 -25.98 -5.63 62.28
CA TRP D 5 -27.20 -5.48 61.49
C TRP D 5 -26.83 -5.29 60.02
N VAL D 6 -27.73 -5.72 59.14
CA VAL D 6 -27.52 -5.47 57.71
C VAL D 6 -27.60 -3.97 57.46
N THR D 7 -26.61 -3.44 56.76
CA THR D 7 -26.57 -2.04 56.37
C THR D 7 -26.53 -1.97 54.85
N VAL D 8 -27.52 -1.29 54.26
CA VAL D 8 -27.64 -1.20 52.81
C VAL D 8 -26.76 -0.06 52.31
N TYR D 9 -26.06 -0.30 51.21
CA TYR D 9 -25.20 0.68 50.57
C TYR D 9 -25.55 0.77 49.09
N TYR D 10 -25.78 1.98 48.61
CA TYR D 10 -26.09 2.22 47.20
C TYR D 10 -24.92 2.96 46.57
N GLY D 11 -24.34 2.36 45.53
CA GLY D 11 -23.20 2.95 44.86
C GLY D 11 -21.89 2.27 45.21
N VAL D 12 -21.92 0.94 45.34
CA VAL D 12 -20.75 0.18 45.76
C VAL D 12 -19.94 -0.22 44.53
N PRO D 13 -18.63 -0.02 44.54
CA PRO D 13 -17.80 -0.37 43.37
C PRO D 13 -17.72 -1.86 43.14
N VAL D 14 -18.78 -2.46 42.58
CA VAL D 14 -18.78 -3.88 42.23
C VAL D 14 -19.47 -4.05 40.89
N TRP D 15 -18.89 -4.90 40.04
CA TRP D 15 -19.41 -5.14 38.70
C TRP D 15 -19.40 -6.64 38.43
N LYS D 16 -20.11 -7.03 37.38
CA LYS D 16 -20.07 -8.40 36.88
C LYS D 16 -20.14 -8.38 35.37
N ASP D 17 -19.42 -9.32 34.74
CA ASP D 17 -19.43 -9.41 33.29
C ASP D 17 -20.85 -9.64 32.78
N ALA D 18 -21.16 -9.02 31.64
CA ALA D 18 -22.49 -9.14 31.06
C ALA D 18 -22.41 -8.78 29.58
N GLU D 19 -23.55 -8.83 28.91
CA GLU D 19 -23.68 -8.46 27.51
C GLU D 19 -24.75 -7.39 27.38
N THR D 20 -24.43 -6.30 26.68
CA THR D 20 -25.36 -5.21 26.48
C THR D 20 -25.16 -4.63 25.09
N THR D 21 -26.15 -3.87 24.64
CA THR D 21 -26.09 -3.25 23.33
C THR D 21 -25.20 -2.01 23.39
N LEU D 22 -24.11 -2.02 22.61
CA LEU D 22 -23.18 -0.91 22.60
C LEU D 22 -23.51 0.03 21.44
N PHE D 23 -23.55 1.33 21.74
CA PHE D 23 -23.80 2.34 20.73
C PHE D 23 -22.49 2.99 20.30
N CYS D 24 -22.55 3.65 19.15
CA CYS D 24 -21.36 4.20 18.50
C CYS D 24 -21.24 5.70 18.76
N ALA D 25 -19.99 6.15 18.83
CA ALA D 25 -19.66 7.57 18.91
C ALA D 25 -18.59 7.86 17.86
N SER D 26 -18.69 9.02 17.22
CA SER D 26 -17.75 9.39 16.17
C SER D 26 -17.45 10.88 16.27
N ASP D 27 -16.25 11.26 15.86
CA ASP D 27 -15.81 12.64 15.96
C ASP D 27 -16.42 13.48 14.83
N ALA D 28 -16.46 14.79 15.06
CA ALA D 28 -17.06 15.69 14.09
C ALA D 28 -16.13 15.89 12.90
N LYS D 29 -16.68 15.71 11.69
CA LYS D 29 -15.89 15.81 10.47
C LYS D 29 -16.66 16.43 9.31
N ALA D 30 -17.86 16.94 9.54
CA ALA D 30 -18.65 17.54 8.47
C ALA D 30 -19.40 18.76 8.98
N LYS D 35 -18.37 12.94 2.38
CA LYS D 35 -19.76 13.25 2.72
C LYS D 35 -20.29 12.31 3.80
N HIS D 36 -20.81 11.16 3.37
CA HIS D 36 -21.32 10.14 4.27
C HIS D 36 -20.69 8.81 3.91
N ASN D 37 -20.15 8.11 4.90
CA ASN D 37 -19.54 6.80 4.71
C ASN D 37 -20.53 5.70 5.05
N VAL D 38 -20.24 4.50 4.55
CA VAL D 38 -21.13 3.35 4.69
C VAL D 38 -21.37 3.06 6.17
N TRP D 39 -20.45 3.46 7.02
CA TRP D 39 -20.54 3.21 8.44
C TRP D 39 -21.50 4.16 9.15
N ALA D 40 -22.21 5.02 8.41
CA ALA D 40 -23.24 5.91 8.95
C ALA D 40 -22.77 6.67 10.18
N THR D 41 -21.48 7.00 10.21
CA THR D 41 -20.89 7.66 11.37
C THR D 41 -21.51 9.03 11.64
N HIS D 42 -22.17 9.63 10.65
CA HIS D 42 -22.95 10.83 10.89
C HIS D 42 -24.09 10.57 11.87
N ALA D 43 -24.55 9.32 11.98
CA ALA D 43 -25.66 8.96 12.86
C ALA D 43 -25.19 8.52 14.25
N CYS D 44 -23.91 8.68 14.57
CA CYS D 44 -23.41 8.40 15.89
C CYS D 44 -23.32 9.68 16.72
N VAL D 45 -23.37 9.52 18.03
CA VAL D 45 -23.26 10.64 18.95
C VAL D 45 -21.84 11.19 18.86
N PRO D 46 -21.61 12.46 19.20
CA PRO D 46 -20.25 12.98 19.19
C PRO D 46 -19.46 12.51 20.40
N THR D 47 -18.17 12.33 20.20
CA THR D 47 -17.27 11.91 21.27
C THR D 47 -16.81 13.13 22.07
N ASP D 48 -16.66 12.92 23.37
CA ASP D 48 -16.11 13.97 24.23
C ASP D 48 -14.65 14.19 23.87
N PRO D 49 -14.23 15.44 23.62
CA PRO D 49 -12.80 15.70 23.37
C PRO D 49 -11.90 15.36 24.55
N ASN D 50 -12.47 15.03 25.71
CA ASN D 50 -11.71 14.60 26.88
C ASN D 50 -12.16 13.17 27.21
N PRO D 51 -11.63 12.17 26.50
CA PRO D 51 -12.00 10.78 26.79
C PRO D 51 -11.57 10.38 28.18
N GLN D 52 -12.44 10.58 29.17
CA GLN D 52 -12.08 10.36 30.56
C GLN D 52 -11.80 8.88 30.81
N GLU D 53 -10.59 8.60 31.29
CA GLU D 53 -10.19 7.26 31.68
C GLU D 53 -9.88 7.27 33.17
N ILE D 54 -10.49 6.36 33.91
CA ILE D 54 -10.27 6.21 35.34
C ILE D 54 -9.44 4.97 35.57
N HIS D 55 -8.33 5.12 36.30
CA HIS D 55 -7.48 4.00 36.63
C HIS D 55 -8.01 3.30 37.88
N LEU D 56 -8.18 1.98 37.79
CA LEU D 56 -8.71 1.20 38.90
C LEU D 56 -7.54 0.63 39.68
N GLU D 57 -7.04 1.41 40.63
CA GLU D 57 -5.90 0.98 41.44
C GLU D 57 -6.24 -0.30 42.17
N ASN D 58 -5.24 -1.19 42.27
CA ASN D 58 -5.31 -2.45 43.00
C ASN D 58 -6.26 -3.48 42.39
N VAL D 59 -6.76 -3.24 41.18
CA VAL D 59 -7.74 -4.12 40.56
C VAL D 59 -7.05 -5.01 39.53
N THR D 60 -7.41 -6.29 39.51
CA THR D 60 -6.96 -7.23 38.48
C THR D 60 -8.18 -8.00 37.99
N GLU D 61 -8.55 -7.79 36.73
CA GLU D 61 -9.66 -8.50 36.11
C GLU D 61 -9.14 -9.48 35.08
N GLU D 62 -9.90 -10.54 34.86
CA GLU D 62 -9.56 -11.58 33.88
C GLU D 62 -10.29 -11.31 32.57
N PHE D 63 -9.55 -11.31 31.46
CA PHE D 63 -10.08 -11.05 30.14
C PHE D 63 -10.03 -12.32 29.30
N ASN D 64 -10.73 -12.29 28.16
CA ASN D 64 -10.78 -13.46 27.28
C ASN D 64 -11.33 -12.95 25.94
N MET D 65 -10.42 -12.45 25.10
CA MET D 65 -10.80 -11.87 23.82
C MET D 65 -11.48 -12.87 22.90
N TRP D 66 -11.33 -14.17 23.16
CA TRP D 66 -11.90 -15.20 22.31
C TRP D 66 -13.31 -15.61 22.72
N LYS D 67 -13.76 -15.20 23.90
CA LYS D 67 -15.16 -15.27 24.28
C LYS D 67 -15.79 -13.89 24.40
N ASN D 68 -15.07 -12.85 23.99
CA ASN D 68 -15.60 -11.49 24.02
C ASN D 68 -16.82 -11.39 23.12
N ASN D 69 -17.71 -10.45 23.46
CA ASN D 69 -18.94 -10.24 22.71
C ASN D 69 -18.95 -8.96 21.89
N MET D 70 -18.15 -7.96 22.26
CA MET D 70 -18.07 -6.73 21.47
C MET D 70 -17.67 -7.03 20.02
N VAL D 71 -16.80 -8.03 19.84
CA VAL D 71 -16.41 -8.43 18.49
C VAL D 71 -17.61 -9.01 17.74
N GLU D 72 -18.28 -9.99 18.36
CA GLU D 72 -19.46 -10.60 17.73
C GLU D 72 -20.58 -9.59 17.53
N GLN D 73 -20.63 -8.55 18.37
CA GLN D 73 -21.63 -7.50 18.19
C GLN D 73 -21.20 -6.52 17.10
N MET D 74 -19.93 -6.12 17.09
CA MET D 74 -19.44 -5.22 16.05
C MET D 74 -19.55 -5.85 14.67
N HIS D 75 -19.27 -7.15 14.58
CA HIS D 75 -19.33 -7.83 13.29
C HIS D 75 -20.71 -7.74 12.67
N THR D 76 -21.76 -7.92 13.47
CA THR D 76 -23.12 -7.79 12.96
C THR D 76 -23.45 -6.35 12.62
N ASP D 77 -22.90 -5.39 13.36
CA ASP D 77 -23.14 -3.98 13.06
C ASP D 77 -22.58 -3.61 11.70
N ILE D 78 -21.33 -3.99 11.44
CA ILE D 78 -20.72 -3.71 10.14
C ILE D 78 -21.55 -4.32 9.01
N ILE D 79 -22.04 -5.54 9.20
CA ILE D 79 -22.88 -6.18 8.19
C ILE D 79 -24.17 -5.40 7.99
N SER D 80 -24.86 -5.08 9.10
CA SER D 80 -26.11 -4.34 9.00
C SER D 80 -25.89 -2.97 8.36
N LEU D 81 -24.80 -2.31 8.72
CA LEU D 81 -24.48 -1.01 8.11
C LEU D 81 -24.33 -1.13 6.61
N TRP D 82 -23.76 -2.24 6.13
CA TRP D 82 -23.58 -2.42 4.69
C TRP D 82 -24.91 -2.72 4.01
N ASP D 83 -25.73 -3.57 4.60
CA ASP D 83 -27.06 -3.84 4.05
C ASP D 83 -27.90 -2.58 4.04
N GLN D 84 -27.77 -1.74 5.07
CA GLN D 84 -28.49 -0.47 5.11
C GLN D 84 -28.04 0.45 3.99
N SER D 85 -26.74 0.53 3.74
CA SER D 85 -26.21 1.45 2.73
C SER D 85 -26.56 1.00 1.31
N LEU D 86 -26.58 -0.30 1.06
CA LEU D 86 -26.89 -0.80 -0.28
C LEU D 86 -28.38 -0.75 -0.60
N LYS D 87 -29.24 -0.66 0.41
CA LYS D 87 -30.68 -0.80 0.22
C LYS D 87 -31.27 0.17 -0.82
N PRO D 88 -30.99 1.47 -0.78
CA PRO D 88 -31.63 2.38 -1.74
C PRO D 88 -30.92 2.53 -3.08
N CYS D 89 -29.81 1.84 -3.30
CA CYS D 89 -29.04 2.04 -4.51
C CYS D 89 -29.58 1.20 -5.67
N VAL D 90 -29.06 1.47 -6.86
CA VAL D 90 -29.64 0.93 -8.09
C VAL D 90 -29.33 -0.56 -8.21
N LYS D 91 -30.35 -1.34 -8.56
CA LYS D 91 -30.17 -2.74 -8.90
C LYS D 91 -29.63 -2.88 -10.32
N LEU D 92 -28.71 -3.81 -10.51
CA LEU D 92 -28.09 -4.05 -11.81
C LEU D 92 -28.51 -5.39 -12.41
N THR D 93 -29.71 -5.85 -12.08
CA THR D 93 -30.21 -7.08 -12.71
C THR D 93 -30.35 -6.97 -14.24
N PRO D 94 -30.69 -5.83 -14.84
CA PRO D 94 -30.62 -5.75 -16.31
C PRO D 94 -29.22 -5.90 -16.85
N LEU D 95 -28.18 -5.69 -16.03
CA LEU D 95 -26.81 -5.86 -16.50
C LEU D 95 -26.44 -7.33 -16.67
N CYS D 96 -27.19 -8.25 -16.06
CA CYS D 96 -26.95 -9.68 -16.27
C CYS D 96 -27.46 -10.09 -17.64
N VAL D 97 -26.72 -9.69 -18.67
CA VAL D 97 -27.04 -10.03 -20.05
C VAL D 97 -25.92 -10.88 -20.63
N THR D 98 -25.93 -11.08 -21.94
CA THR D 98 -24.83 -11.74 -22.63
C THR D 98 -23.86 -10.67 -23.12
N LEU D 99 -22.58 -10.85 -22.83
CA LEU D 99 -21.56 -9.86 -23.12
C LEU D 99 -20.69 -10.32 -24.28
N GLN D 100 -20.51 -9.45 -25.26
CA GLN D 100 -19.57 -9.67 -26.36
C GLN D 100 -18.29 -8.90 -26.01
N CYS D 101 -17.26 -9.62 -25.58
CA CYS D 101 -16.07 -9.02 -25.00
C CYS D 101 -14.85 -9.26 -25.88
N THR D 102 -13.95 -8.28 -25.91
CA THR D 102 -12.64 -8.40 -26.53
C THR D 102 -11.60 -7.91 -25.53
N ASN D 103 -10.35 -8.27 -25.78
CA ASN D 103 -9.25 -7.72 -25.01
C ASN D 103 -9.10 -6.23 -25.33
N VAL D 104 -8.66 -5.46 -24.33
CA VAL D 104 -8.31 -4.06 -24.54
C VAL D 104 -6.94 -4.05 -25.20
N THR D 105 -6.43 -2.85 -25.52
CA THR D 105 -5.23 -2.68 -26.32
C THR D 105 -4.10 -3.61 -25.88
N ASN D 106 -3.52 -4.32 -26.84
CA ASN D 106 -2.53 -5.35 -26.57
C ASN D 106 -1.11 -4.85 -26.74
N ALA D 107 -0.25 -5.71 -27.28
CA ALA D 107 1.16 -5.43 -27.64
C ALA D 107 2.12 -5.49 -26.46
N ILE D 108 1.75 -6.13 -25.36
CA ILE D 108 2.68 -6.32 -24.26
C ILE D 108 2.61 -7.75 -23.74
N THR D 109 2.81 -7.92 -22.42
CA THR D 109 2.95 -9.23 -21.81
C THR D 109 1.84 -10.18 -22.27
N ASP D 110 2.24 -11.43 -22.55
CA ASP D 110 1.38 -12.35 -23.29
C ASP D 110 0.03 -12.55 -22.61
N ASP D 111 0.05 -12.99 -21.36
CA ASP D 111 -1.21 -13.32 -20.69
C ASP D 111 -1.53 -12.35 -19.55
N MET D 112 -1.43 -11.06 -19.83
CA MET D 112 -2.11 -10.04 -19.05
C MET D 112 -3.00 -9.17 -19.92
N ARG D 113 -3.07 -9.46 -21.23
CA ARG D 113 -4.02 -8.80 -22.11
C ARG D 113 -5.46 -9.13 -21.71
N GLY D 114 -5.69 -10.37 -21.29
CA GLY D 114 -7.00 -10.81 -20.83
C GLY D 114 -7.35 -10.41 -19.42
N GLU D 115 -6.43 -9.73 -18.71
CA GLU D 115 -6.71 -9.29 -17.35
C GLU D 115 -7.81 -8.24 -17.31
N LEU D 116 -8.02 -7.50 -18.40
CA LEU D 116 -9.10 -6.53 -18.46
C LEU D 116 -9.64 -6.50 -19.89
N LYS D 117 -10.97 -6.50 -20.01
CA LYS D 117 -11.64 -6.70 -21.28
C LYS D 117 -12.53 -5.52 -21.62
N ASN D 118 -12.69 -5.29 -22.92
CA ASN D 118 -13.64 -4.33 -23.47
C ASN D 118 -14.88 -5.11 -23.92
N CYS D 119 -16.04 -4.72 -23.40
CA CYS D 119 -17.25 -5.55 -23.49
C CYS D 119 -18.44 -4.72 -23.96
N SER D 120 -19.04 -5.13 -25.07
CA SER D 120 -20.26 -4.52 -25.59
C SER D 120 -21.47 -5.40 -25.27
N PHE D 121 -22.59 -4.76 -24.96
CA PHE D 121 -23.81 -5.49 -24.62
C PHE D 121 -25.01 -4.59 -24.83
N ASN D 122 -26.14 -5.19 -25.19
CA ASN D 122 -27.40 -4.47 -25.28
C ASN D 122 -27.96 -4.24 -23.88
N MET D 123 -28.50 -3.04 -23.67
CA MET D 123 -28.91 -2.59 -22.35
C MET D 123 -30.21 -1.82 -22.44
N THR D 124 -31.02 -1.91 -21.38
CA THR D 124 -32.24 -1.12 -21.30
C THR D 124 -31.93 0.37 -21.29
N THR D 125 -32.88 1.16 -21.76
CA THR D 125 -32.78 2.62 -21.71
C THR D 125 -33.93 3.15 -20.85
N GLU D 126 -34.08 4.47 -20.82
CA GLU D 126 -35.12 5.10 -20.03
C GLU D 126 -36.51 4.95 -20.63
N LEU D 127 -36.62 4.40 -21.84
CA LEU D 127 -37.91 4.08 -22.43
C LEU D 127 -38.02 2.56 -22.58
N ARG D 128 -39.20 2.03 -22.22
CA ARG D 128 -39.36 0.59 -22.08
C ARG D 128 -39.17 -0.17 -23.40
N ASP D 129 -39.56 0.43 -24.53
CA ASP D 129 -39.54 -0.27 -25.80
C ASP D 129 -38.25 -0.08 -26.60
N LYS D 130 -37.29 0.67 -26.06
CA LYS D 130 -36.04 0.93 -26.77
C LYS D 130 -34.87 0.31 -26.03
N LYS D 131 -33.87 -0.13 -26.78
CA LYS D 131 -32.64 -0.69 -26.26
C LYS D 131 -31.47 0.17 -26.70
N GLN D 132 -30.31 -0.09 -26.12
CA GLN D 132 -29.09 0.62 -26.47
C GLN D 132 -27.90 -0.33 -26.37
N LYS D 133 -27.10 -0.39 -27.42
CA LYS D 133 -25.86 -1.17 -27.40
C LYS D 133 -24.77 -0.27 -26.86
N VAL D 134 -24.28 -0.59 -25.66
CA VAL D 134 -23.22 0.16 -25.00
C VAL D 134 -22.05 -0.78 -24.76
N TYR D 135 -20.91 -0.18 -24.39
CA TYR D 135 -19.74 -0.96 -24.04
C TYR D 135 -19.19 -0.50 -22.70
N SER D 136 -18.40 -1.36 -22.08
CA SER D 136 -17.81 -1.06 -20.78
C SER D 136 -16.57 -1.91 -20.59
N LEU D 137 -15.59 -1.36 -19.87
CA LEU D 137 -14.41 -2.10 -19.50
C LEU D 137 -14.68 -2.90 -18.23
N PHE D 138 -14.40 -4.20 -18.29
CA PHE D 138 -14.58 -5.08 -17.15
C PHE D 138 -13.27 -5.79 -16.84
N TYR D 139 -12.99 -5.98 -15.55
CA TYR D 139 -11.85 -6.77 -15.15
C TYR D 139 -12.10 -8.25 -15.42
N ARG D 140 -11.02 -9.01 -15.47
CA ARG D 140 -11.14 -10.44 -15.75
C ARG D 140 -11.87 -11.18 -14.64
N LEU D 141 -11.70 -10.75 -13.40
CA LEU D 141 -12.21 -11.44 -12.22
C LEU D 141 -13.70 -11.18 -11.97
N ASP D 142 -14.38 -10.46 -12.86
CA ASP D 142 -15.80 -10.20 -12.74
C ASP D 142 -16.63 -10.91 -13.80
N VAL D 143 -16.00 -11.63 -14.72
CA VAL D 143 -16.69 -12.22 -15.85
C VAL D 143 -16.21 -13.65 -16.07
N VAL D 144 -17.06 -14.47 -16.67
CA VAL D 144 -16.73 -15.84 -17.04
C VAL D 144 -17.18 -16.07 -18.47
N GLN D 145 -16.53 -17.03 -19.12
CA GLN D 145 -16.86 -17.36 -20.49
C GLN D 145 -18.13 -18.21 -20.53
N ILE D 146 -18.53 -18.61 -21.74
CA ILE D 146 -19.73 -19.41 -21.94
C ILE D 146 -19.38 -20.59 -22.84
N ASN D 147 -18.77 -20.29 -23.98
CA ASN D 147 -18.24 -21.31 -24.89
C ASN D 147 -19.31 -22.31 -25.32
N ASN D 158 -16.95 -18.90 -28.23
CA ASN D 158 -16.97 -17.56 -28.80
C ASN D 158 -16.54 -16.54 -27.75
N LYS D 159 -16.39 -15.28 -28.18
CA LYS D 159 -15.98 -14.20 -27.30
C LYS D 159 -17.12 -13.73 -26.39
N GLU D 160 -18.03 -14.64 -26.04
CA GLU D 160 -19.16 -14.32 -25.20
C GLU D 160 -18.79 -14.45 -23.73
N TYR D 161 -19.23 -13.49 -22.93
CA TYR D 161 -18.93 -13.46 -21.51
C TYR D 161 -20.19 -13.15 -20.72
N ARG D 162 -20.04 -13.13 -19.40
CA ARG D 162 -21.16 -13.02 -18.48
C ARG D 162 -20.62 -12.65 -17.10
N LEU D 163 -21.32 -11.76 -16.41
CA LEU D 163 -20.88 -11.34 -15.09
C LEU D 163 -20.78 -12.53 -14.16
N ILE D 164 -19.81 -12.48 -13.24
CA ILE D 164 -19.48 -13.61 -12.39
C ILE D 164 -20.65 -13.98 -11.48
N ASN D 165 -21.51 -13.01 -11.15
CA ASN D 165 -22.52 -13.21 -10.11
C ASN D 165 -23.87 -13.67 -10.63
N CYS D 166 -24.07 -13.70 -11.95
CA CYS D 166 -25.44 -13.84 -12.48
C CYS D 166 -26.05 -15.19 -12.15
N ASN D 167 -25.24 -16.24 -11.96
CA ASN D 167 -25.79 -17.54 -11.63
C ASN D 167 -25.93 -17.79 -10.14
N THR D 168 -25.31 -16.98 -9.30
CA THR D 168 -25.27 -17.22 -7.86
C THR D 168 -26.05 -16.20 -7.06
N SER D 169 -25.89 -14.91 -7.35
CA SER D 169 -26.46 -13.86 -6.51
C SER D 169 -27.06 -12.77 -7.37
N ALA D 170 -27.74 -11.84 -6.71
CA ALA D 170 -28.18 -10.60 -7.33
C ALA D 170 -27.09 -9.54 -7.15
N ILE D 171 -27.21 -8.46 -7.92
CA ILE D 171 -26.15 -7.45 -8.00
C ILE D 171 -26.74 -6.07 -7.74
N THR D 172 -26.00 -5.26 -6.98
CA THR D 172 -26.40 -3.90 -6.63
C THR D 172 -25.15 -3.02 -6.57
N GLN D 173 -25.19 -1.90 -7.28
CA GLN D 173 -24.06 -0.99 -7.34
C GLN D 173 -24.11 0.02 -6.20
N ALA D 174 -22.96 0.31 -5.61
CA ALA D 174 -22.90 1.24 -4.50
C ALA D 174 -23.21 2.65 -4.97
N CYS D 175 -24.10 3.33 -4.24
CA CYS D 175 -24.39 4.74 -4.48
C CYS D 175 -23.07 5.50 -4.49
N PRO D 176 -22.67 6.06 -5.64
CA PRO D 176 -21.28 6.51 -5.80
C PRO D 176 -20.84 7.63 -4.87
N LYS D 177 -21.77 8.10 -4.03
CA LYS D 177 -21.45 9.15 -3.06
C LYS D 177 -20.91 8.59 -1.76
N VAL D 178 -21.35 7.41 -1.34
CA VAL D 178 -20.92 6.87 -0.06
C VAL D 178 -19.48 6.36 -0.19
N SER D 179 -18.62 6.80 0.72
CA SER D 179 -17.21 6.46 0.68
C SER D 179 -16.91 5.26 1.57
N PHE D 180 -16.06 4.38 1.08
CA PHE D 180 -15.65 3.21 1.83
C PHE D 180 -14.45 3.47 2.74
N GLU D 181 -13.93 4.69 2.75
CA GLU D 181 -12.78 4.98 3.59
C GLU D 181 -13.15 4.84 5.06
N PRO D 182 -12.60 3.85 5.78
CA PRO D 182 -13.03 3.65 7.17
C PRO D 182 -12.58 4.80 8.06
N ILE D 183 -13.45 5.17 9.02
CA ILE D 183 -13.13 6.24 9.95
C ILE D 183 -13.33 5.73 11.37
N PRO D 184 -12.72 6.39 12.36
CA PRO D 184 -12.75 5.85 13.73
C PRO D 184 -14.16 5.67 14.28
N ILE D 185 -14.43 4.49 14.84
CA ILE D 185 -15.65 4.19 15.57
C ILE D 185 -15.29 4.09 17.04
N HIS D 186 -16.14 4.67 17.90
CA HIS D 186 -16.01 4.58 19.35
C HIS D 186 -17.20 3.81 19.89
N TYR D 187 -16.96 2.57 20.34
CA TYR D 187 -18.01 1.78 20.97
C TYR D 187 -18.14 2.15 22.43
N CYS D 188 -19.35 2.48 22.85
CA CYS D 188 -19.63 2.92 24.21
C CYS D 188 -20.64 2.00 24.86
N ALA D 189 -20.60 1.94 26.19
CA ALA D 189 -21.54 1.16 26.96
C ALA D 189 -22.60 2.07 27.57
N PRO D 190 -23.84 1.60 27.69
CA PRO D 190 -24.90 2.43 28.26
C PRO D 190 -24.62 2.81 29.69
N ALA D 191 -25.44 3.71 30.22
CA ALA D 191 -25.36 4.05 31.63
C ALA D 191 -25.69 2.83 32.48
N GLY D 192 -25.03 2.73 33.64
CA GLY D 192 -25.11 1.54 34.45
C GLY D 192 -24.17 0.42 34.04
N PHE D 193 -23.51 0.55 32.89
CA PHE D 193 -22.49 -0.36 32.43
C PHE D 193 -21.15 0.36 32.38
N ALA D 194 -20.11 -0.36 32.01
CA ALA D 194 -18.78 0.23 31.89
C ALA D 194 -17.91 -0.65 31.03
N ILE D 195 -16.95 -0.03 30.34
CA ILE D 195 -15.94 -0.74 29.56
C ILE D 195 -14.67 -0.83 30.39
N LEU D 196 -14.12 -2.03 30.51
CA LEU D 196 -12.90 -2.29 31.28
C LEU D 196 -11.73 -2.48 30.32
N LYS D 197 -10.77 -1.56 30.37
CA LYS D 197 -9.57 -1.65 29.56
C LYS D 197 -8.47 -2.38 30.32
N CYS D 198 -7.78 -3.28 29.63
CA CYS D 198 -6.58 -3.93 30.15
C CYS D 198 -5.38 -3.19 29.59
N LYS D 199 -4.55 -2.65 30.48
CA LYS D 199 -3.41 -1.82 30.10
C LYS D 199 -2.07 -2.53 30.31
N ASP D 200 -2.06 -3.85 30.33
CA ASP D 200 -0.83 -4.61 30.49
C ASP D 200 -0.16 -4.79 29.14
N LYS D 201 1.06 -4.28 29.02
CA LYS D 201 1.74 -4.23 27.71
C LYS D 201 2.20 -5.59 27.22
N LYS D 202 2.19 -6.61 28.06
CA LYS D 202 2.52 -7.98 27.66
C LYS D 202 1.30 -8.89 27.74
N PHE D 203 0.14 -8.34 27.40
CA PHE D 203 -1.13 -9.05 27.60
C PHE D 203 -1.30 -10.10 26.50
N ASN D 204 -1.51 -11.35 26.92
CA ASN D 204 -1.70 -12.44 25.97
C ASN D 204 -3.05 -12.37 25.27
N GLY D 205 -4.01 -11.66 25.84
CA GLY D 205 -5.38 -11.71 25.38
C GLY D 205 -6.29 -12.50 26.29
N THR D 206 -5.71 -13.26 27.23
CA THR D 206 -6.46 -14.09 28.16
C THR D 206 -5.75 -14.09 29.50
N GLY D 207 -6.53 -14.29 30.56
CA GLY D 207 -5.98 -14.41 31.89
C GLY D 207 -6.08 -13.14 32.72
N PRO D 208 -5.70 -13.24 33.99
CA PRO D 208 -5.84 -12.09 34.90
C PRO D 208 -4.93 -10.94 34.49
N CYS D 209 -5.55 -9.82 34.14
CA CYS D 209 -4.81 -8.62 33.75
C CYS D 209 -4.56 -7.75 34.98
N PRO D 210 -3.29 -7.47 35.34
CA PRO D 210 -2.99 -6.74 36.58
C PRO D 210 -3.30 -5.25 36.52
N SER D 211 -3.11 -4.60 35.37
CA SER D 211 -3.34 -3.17 35.22
C SER D 211 -4.66 -2.97 34.47
N VAL D 212 -5.67 -2.46 35.17
CA VAL D 212 -7.01 -2.31 34.63
C VAL D 212 -7.47 -0.86 34.80
N SER D 213 -8.22 -0.36 33.83
CA SER D 213 -8.84 0.95 33.90
C SER D 213 -10.22 0.89 33.26
N THR D 214 -11.10 1.79 33.67
CA THR D 214 -12.46 1.84 33.15
C THR D 214 -12.62 3.07 32.25
N VAL D 215 -13.31 2.89 31.13
CA VAL D 215 -13.58 3.95 30.17
C VAL D 215 -15.05 3.90 29.79
N GLN D 216 -15.59 5.07 29.43
CA GLN D 216 -16.95 5.13 28.92
C GLN D 216 -17.02 4.52 27.52
N CYS D 217 -16.10 4.92 26.64
CA CYS D 217 -16.06 4.43 25.28
C CYS D 217 -14.66 3.89 24.98
N THR D 218 -14.60 3.00 23.99
CA THR D 218 -13.31 2.57 23.47
C THR D 218 -12.68 3.69 22.66
N HIS D 219 -11.46 3.45 22.19
CA HIS D 219 -10.75 4.44 21.38
C HIS D 219 -11.39 4.48 19.99
N GLY D 220 -10.75 5.23 19.08
CA GLY D 220 -11.20 5.27 17.70
C GLY D 220 -10.78 4.03 16.94
N ILE D 221 -11.75 3.19 16.58
CA ILE D 221 -11.50 1.94 15.89
C ILE D 221 -11.96 2.10 14.44
N LYS D 222 -11.01 2.06 13.52
CA LYS D 222 -11.34 2.05 12.11
C LYS D 222 -11.83 0.67 11.72
N PRO D 223 -13.03 0.53 11.15
CA PRO D 223 -13.49 -0.79 10.69
C PRO D 223 -12.84 -1.20 9.38
N VAL D 224 -11.53 -1.40 9.41
CA VAL D 224 -10.76 -1.76 8.22
C VAL D 224 -10.91 -3.25 7.97
N VAL D 225 -11.36 -3.62 6.78
CA VAL D 225 -11.47 -5.00 6.37
C VAL D 225 -10.29 -5.31 5.44
N SER D 226 -9.34 -6.09 5.94
CA SER D 226 -8.20 -6.56 5.16
C SER D 226 -8.03 -8.05 5.40
N THR D 227 -7.01 -8.62 4.76
CA THR D 227 -6.76 -10.05 4.83
C THR D 227 -5.26 -10.29 4.94
N GLN D 228 -4.89 -11.37 5.64
CA GLN D 228 -3.51 -11.77 5.85
C GLN D 228 -2.73 -10.70 6.62
N LEU D 229 -2.62 -9.52 6.03
CA LEU D 229 -2.00 -8.37 6.68
C LEU D 229 -3.08 -7.48 7.28
N LEU D 230 -2.84 -7.02 8.51
CA LEU D 230 -3.78 -6.17 9.23
C LEU D 230 -3.33 -4.72 9.10
N LEU D 231 -4.16 -3.89 8.45
CA LEU D 231 -3.77 -2.55 8.05
C LEU D 231 -4.30 -1.50 9.01
N ASN D 232 -3.47 -0.48 9.28
CA ASN D 232 -3.88 0.72 9.99
C ASN D 232 -4.44 0.42 11.38
N GLY D 233 -4.00 -0.68 12.00
CA GLY D 233 -4.47 -1.07 13.30
C GLY D 233 -3.64 -0.48 14.43
N SER D 234 -3.92 -0.97 15.63
CA SER D 234 -3.19 -0.52 16.81
C SER D 234 -1.86 -1.27 16.91
N LEU D 235 -0.89 -0.61 17.55
CA LEU D 235 0.46 -1.14 17.68
C LEU D 235 0.73 -1.59 19.11
N ALA D 236 1.47 -2.68 19.23
CA ALA D 236 1.98 -3.09 20.54
C ALA D 236 2.94 -2.03 21.07
N GLU D 237 2.91 -1.82 22.37
CA GLU D 237 3.79 -0.82 22.96
C GLU D 237 5.21 -1.36 23.15
N GLU D 238 5.35 -2.67 23.36
CA GLU D 238 6.64 -3.32 23.42
C GLU D 238 6.52 -4.70 22.79
N GLU D 239 7.67 -5.30 22.47
CA GLU D 239 7.73 -6.61 21.83
C GLU D 239 6.85 -6.66 20.59
N VAL D 240 6.48 -7.87 20.18
CA VAL D 240 5.35 -8.09 19.27
C VAL D 240 4.56 -9.27 19.83
N MET D 241 3.28 -9.05 20.11
CA MET D 241 2.49 -10.05 20.80
C MET D 241 1.86 -11.03 19.82
N ILE D 242 1.91 -12.31 20.19
CA ILE D 242 1.24 -13.38 19.46
C ILE D 242 0.05 -13.84 20.28
N ARG D 243 -1.09 -14.01 19.62
CA ARG D 243 -2.33 -14.34 20.30
C ARG D 243 -3.06 -15.44 19.55
N SER D 244 -3.61 -16.39 20.30
CA SER D 244 -4.49 -17.43 19.77
C SER D 244 -5.20 -18.09 20.94
N GLU D 245 -6.33 -18.73 20.64
CA GLU D 245 -7.01 -19.54 21.64
C GLU D 245 -6.09 -20.66 22.10
N ASN D 246 -5.84 -21.60 21.19
CA ASN D 246 -5.06 -22.81 21.44
C ASN D 246 -3.95 -22.83 20.41
N ILE D 247 -2.81 -22.22 20.75
CA ILE D 247 -1.69 -22.15 19.82
C ILE D 247 -1.20 -23.55 19.47
N THR D 248 -1.32 -24.50 20.40
CA THR D 248 -0.98 -25.88 20.10
C THR D 248 -1.94 -26.49 19.10
N ASN D 249 -3.14 -25.92 18.93
CA ASN D 249 -4.08 -26.34 17.90
C ASN D 249 -3.74 -25.60 16.61
N ASN D 250 -3.50 -26.34 15.54
CA ASN D 250 -3.14 -25.76 14.25
C ASN D 250 -4.34 -25.18 13.52
N ALA D 251 -5.56 -25.44 13.98
CA ALA D 251 -6.77 -24.94 13.35
C ALA D 251 -7.29 -23.66 14.01
N LYS D 252 -6.47 -23.00 14.81
CA LYS D 252 -6.81 -21.72 15.42
C LYS D 252 -5.82 -20.67 14.92
N ASN D 253 -6.33 -19.66 14.22
CA ASN D 253 -5.48 -18.65 13.61
C ASN D 253 -4.65 -17.92 14.67
N ILE D 254 -3.47 -17.48 14.25
CA ILE D 254 -2.58 -16.67 15.08
C ILE D 254 -2.77 -15.21 14.68
N LEU D 255 -2.91 -14.34 15.68
CA LEU D 255 -3.05 -12.90 15.45
C LEU D 255 -1.76 -12.23 15.90
N VAL D 256 -0.86 -11.99 14.95
CA VAL D 256 0.37 -11.26 15.23
C VAL D 256 0.06 -9.77 15.28
N GLN D 257 0.73 -9.06 16.19
CA GLN D 257 0.58 -7.61 16.30
C GLN D 257 1.98 -7.00 16.40
N PHE D 258 2.34 -6.17 15.43
CA PHE D 258 3.64 -5.53 15.43
C PHE D 258 3.68 -4.43 16.50
N ASN D 259 4.89 -3.94 16.76
CA ASN D 259 5.08 -2.69 17.49
C ASN D 259 5.70 -1.61 16.62
N THR D 260 6.31 -1.99 15.49
CA THR D 260 6.84 -1.06 14.51
C THR D 260 6.06 -1.24 13.22
N PRO D 261 5.37 -0.21 12.73
CA PRO D 261 4.56 -0.39 11.51
C PRO D 261 5.45 -0.48 10.28
N VAL D 262 5.16 -1.46 9.43
CA VAL D 262 5.85 -1.63 8.15
C VAL D 262 4.96 -1.04 7.06
N GLN D 263 5.37 0.11 6.54
CA GLN D 263 4.58 0.83 5.55
C GLN D 263 4.42 -0.02 4.28
N ILE D 264 3.29 0.17 3.61
CA ILE D 264 3.02 -0.50 2.35
C ILE D 264 2.37 0.50 1.40
N ASN D 265 2.93 0.64 0.21
CA ASN D 265 2.47 1.60 -0.79
C ASN D 265 1.79 0.85 -1.92
N CYS D 266 0.48 1.08 -2.08
CA CYS D 266 -0.30 0.44 -3.13
C CYS D 266 -0.80 1.47 -4.13
N THR D 267 -1.00 1.02 -5.36
CA THR D 267 -1.44 1.92 -6.42
C THR D 267 -2.09 1.14 -7.53
N ARG D 268 -3.10 1.74 -8.14
CA ARG D 268 -3.60 1.31 -9.44
C ARG D 268 -3.32 2.43 -10.44
N PRO D 269 -2.34 2.27 -11.31
CA PRO D 269 -1.86 3.41 -12.11
C PRO D 269 -2.78 3.83 -13.25
N ASN D 270 -3.54 2.88 -13.79
CA ASN D 270 -4.35 3.15 -14.98
C ASN D 270 -5.37 4.25 -14.70
N ASN D 271 -5.24 5.35 -15.44
CA ASN D 271 -6.16 6.49 -15.32
C ASN D 271 -7.52 6.14 -15.92
N ASN D 272 -8.41 5.57 -15.11
CA ASN D 272 -9.71 5.13 -15.58
C ASN D 272 -10.68 6.30 -15.71
N THR D 273 -11.76 6.06 -16.46
CA THR D 273 -12.80 7.06 -16.67
C THR D 273 -14.17 6.43 -16.39
N ARG D 274 -15.04 7.21 -15.75
CA ARG D 274 -16.40 6.79 -15.46
C ARG D 274 -17.33 7.22 -16.59
N LYS D 275 -18.24 6.34 -16.97
CA LYS D 275 -19.19 6.61 -18.04
C LYS D 275 -20.60 6.35 -17.52
N SER D 276 -21.34 7.42 -17.22
CA SER D 276 -22.71 7.28 -16.77
C SER D 276 -23.58 6.74 -17.91
N ILE D 277 -24.26 5.62 -17.64
CA ILE D 277 -25.12 4.97 -18.62
C ILE D 277 -26.53 4.92 -18.03
N ARG D 278 -27.50 5.49 -18.75
CA ARG D 278 -28.88 5.57 -18.29
C ARG D 278 -29.52 4.20 -18.45
N ILE D 279 -29.57 3.43 -17.36
CA ILE D 279 -30.15 2.09 -17.39
C ILE D 279 -31.67 2.17 -17.44
N GLY D 280 -32.25 3.22 -16.86
CA GLY D 280 -33.69 3.38 -16.83
C GLY D 280 -34.09 4.71 -16.22
N PRO D 281 -35.39 4.89 -15.97
CA PRO D 281 -35.88 6.15 -15.39
C PRO D 281 -35.33 6.39 -13.98
N GLY D 282 -34.42 7.35 -13.86
CA GLY D 282 -33.77 7.64 -12.61
C GLY D 282 -32.68 6.67 -12.21
N GLN D 283 -32.36 5.71 -13.07
CA GLN D 283 -31.40 4.65 -12.77
C GLN D 283 -30.21 4.79 -13.71
N ALA D 284 -29.06 5.16 -13.16
CA ALA D 284 -27.83 5.32 -13.92
C ALA D 284 -26.82 4.25 -13.54
N PHE D 285 -26.17 3.67 -14.54
CA PHE D 285 -25.12 2.69 -14.34
C PHE D 285 -23.78 3.31 -14.74
N TYR D 286 -22.84 3.31 -13.81
CA TYR D 286 -21.53 3.91 -14.03
C TYR D 286 -20.58 2.83 -14.52
N ALA D 287 -20.22 2.89 -15.79
CA ALA D 287 -19.33 1.92 -16.42
C ALA D 287 -17.93 2.49 -16.55
N THR D 288 -16.96 1.60 -16.71
CA THR D 288 -15.58 2.00 -16.95
C THR D 288 -15.45 2.37 -18.42
N GLY D 289 -15.23 3.66 -18.69
CA GLY D 289 -15.25 4.16 -20.05
C GLY D 289 -14.01 3.87 -20.87
N ASP D 290 -12.86 4.38 -20.44
CA ASP D 290 -11.62 4.23 -21.18
C ASP D 290 -10.46 4.36 -20.22
N ILE D 291 -9.27 4.00 -20.71
CA ILE D 291 -8.03 4.11 -19.95
C ILE D 291 -7.18 5.18 -20.64
N ILE D 292 -7.05 6.33 -19.98
CA ILE D 292 -6.21 7.41 -20.49
C ILE D 292 -4.76 7.08 -20.17
N GLY D 293 -3.92 7.09 -21.19
CA GLY D 293 -2.52 6.82 -20.99
C GLY D 293 -2.19 5.34 -21.08
N ASP D 294 -1.14 4.95 -20.37
CA ASP D 294 -0.63 3.60 -20.40
C ASP D 294 -1.52 2.65 -19.60
N ILE D 295 -1.47 1.38 -19.97
CA ILE D 295 -2.11 0.31 -19.22
C ILE D 295 -1.01 -0.40 -18.45
N ARG D 296 -0.91 -0.12 -17.15
CA ARG D 296 0.09 -0.71 -16.28
C ARG D 296 -0.56 -1.70 -15.32
N GLN D 297 0.22 -2.16 -14.35
CA GLN D 297 -0.19 -3.19 -13.41
C GLN D 297 -0.33 -2.59 -12.02
N ALA D 298 -1.41 -2.97 -11.33
CA ALA D 298 -1.62 -2.58 -9.94
C ALA D 298 -0.77 -3.44 -9.01
N HIS D 299 -0.15 -2.79 -8.02
CA HIS D 299 0.82 -3.50 -7.18
C HIS D 299 1.03 -2.71 -5.89
N CYS D 300 1.67 -3.37 -4.93
CA CYS D 300 2.02 -2.77 -3.65
C CYS D 300 3.50 -2.97 -3.37
N ASN D 301 4.15 -1.94 -2.83
CA ASN D 301 5.52 -2.03 -2.35
C ASN D 301 5.54 -2.02 -0.83
N VAL D 302 6.44 -2.81 -0.25
CA VAL D 302 6.83 -2.69 1.14
C VAL D 302 8.34 -2.83 1.21
N SER D 303 8.97 -1.97 2.01
CA SER D 303 10.42 -1.98 2.15
C SER D 303 10.91 -3.37 2.50
N LYS D 304 11.78 -3.92 1.64
CA LYS D 304 12.31 -5.25 1.88
C LYS D 304 13.11 -5.32 3.17
N ALA D 305 13.76 -4.22 3.56
CA ALA D 305 14.55 -4.22 4.78
C ALA D 305 13.68 -4.32 6.01
N THR D 306 12.66 -3.45 6.12
CA THR D 306 11.83 -3.44 7.31
C THR D 306 10.95 -4.67 7.40
N TRP D 307 10.41 -5.13 6.26
CA TRP D 307 9.62 -6.36 6.29
C TRP D 307 10.49 -7.55 6.65
N ASN D 308 11.79 -7.50 6.35
CA ASN D 308 12.70 -8.55 6.82
C ASN D 308 12.90 -8.46 8.32
N GLU D 309 13.10 -7.25 8.83
CA GLU D 309 13.36 -7.06 10.26
C GLU D 309 12.15 -7.44 11.10
N THR D 310 10.97 -6.89 10.77
CA THR D 310 9.79 -7.14 11.58
C THR D 310 9.26 -8.55 11.41
N LEU D 311 9.57 -9.22 10.30
CA LEU D 311 9.34 -10.65 10.22
C LEU D 311 10.35 -11.44 11.05
N GLY D 312 11.41 -10.78 11.51
CA GLY D 312 12.40 -11.41 12.36
C GLY D 312 12.04 -11.33 13.83
N LYS D 313 11.31 -10.29 14.23
CA LYS D 313 10.79 -10.27 15.59
C LYS D 313 9.53 -11.11 15.74
N VAL D 314 8.89 -11.48 14.62
CA VAL D 314 7.77 -12.41 14.68
C VAL D 314 8.27 -13.82 14.99
N VAL D 315 9.38 -14.22 14.37
CA VAL D 315 9.87 -15.59 14.54
C VAL D 315 10.43 -15.79 15.95
N LYS D 316 11.04 -14.75 16.54
CA LYS D 316 11.58 -14.91 17.89
C LYS D 316 10.47 -15.12 18.92
N GLN D 317 9.38 -14.36 18.80
CA GLN D 317 8.23 -14.57 19.68
C GLN D 317 7.46 -15.83 19.29
N LEU D 318 7.61 -16.30 18.04
CA LEU D 318 7.04 -17.58 17.66
C LEU D 318 7.77 -18.73 18.35
N ARG D 319 9.08 -18.58 18.58
CA ARG D 319 9.84 -19.68 19.16
C ARG D 319 9.50 -19.89 20.62
N LYS D 320 9.02 -18.85 21.31
CA LYS D 320 8.70 -18.95 22.73
C LYS D 320 7.62 -20.00 22.98
N HIS D 321 6.94 -20.46 21.93
CA HIS D 321 5.97 -21.52 22.04
C HIS D 321 6.34 -22.77 21.25
N PHE D 322 7.48 -22.79 20.57
CA PHE D 322 7.86 -23.93 19.76
C PHE D 322 9.32 -24.35 19.91
N GLY D 323 10.15 -23.61 20.64
CA GLY D 323 11.51 -24.04 20.91
C GLY D 323 12.57 -23.20 20.24
N ASN D 324 13.61 -22.86 21.01
CA ASN D 324 14.74 -22.11 20.46
C ASN D 324 15.45 -22.88 19.36
N ASN D 325 15.53 -24.20 19.49
CA ASN D 325 16.22 -25.02 18.50
C ASN D 325 15.33 -25.37 17.30
N THR D 326 14.01 -25.29 17.46
CA THR D 326 13.11 -25.61 16.36
C THR D 326 13.16 -24.52 15.28
N ILE D 327 13.02 -24.96 14.03
CA ILE D 327 13.14 -24.10 12.86
C ILE D 327 11.76 -23.94 12.23
N ILE D 328 11.29 -22.71 12.08
CA ILE D 328 9.99 -22.46 11.48
C ILE D 328 10.19 -21.69 10.18
N ARG D 329 9.17 -21.76 9.32
CA ARG D 329 9.26 -21.18 7.99
C ARG D 329 7.93 -20.58 7.58
N PHE D 330 7.99 -19.62 6.66
CA PHE D 330 6.80 -18.95 6.13
C PHE D 330 6.61 -19.34 4.67
N ALA D 331 5.37 -19.74 4.33
CA ALA D 331 4.99 -20.09 2.98
C ALA D 331 3.82 -19.22 2.55
N ASN D 332 3.27 -19.49 1.38
CA ASN D 332 2.12 -18.74 0.89
C ASN D 332 0.82 -19.50 1.18
N SER D 333 -0.30 -18.85 0.89
CA SER D 333 -1.60 -19.42 1.18
C SER D 333 -1.80 -20.72 0.44
N SER D 334 -2.23 -21.75 1.17
CA SER D 334 -2.38 -23.09 0.62
C SER D 334 -3.62 -23.26 -0.26
N GLY D 335 -4.32 -22.18 -0.58
CA GLY D 335 -5.49 -22.23 -1.43
C GLY D 335 -6.73 -21.78 -0.71
N GLY D 336 -7.87 -21.97 -1.38
CA GLY D 336 -9.14 -21.51 -0.87
C GLY D 336 -9.78 -20.48 -1.77
N ASP D 337 -10.69 -19.68 -1.23
CA ASP D 337 -11.30 -18.62 -2.02
C ASP D 337 -10.31 -17.49 -2.26
N LEU D 338 -10.60 -16.69 -3.28
CA LEU D 338 -9.68 -15.63 -3.67
C LEU D 338 -9.41 -14.66 -2.52
N GLU D 339 -10.47 -14.22 -1.85
CA GLU D 339 -10.30 -13.31 -0.71
C GLU D 339 -9.46 -13.92 0.41
N VAL D 340 -9.24 -15.23 0.39
CA VAL D 340 -8.46 -15.89 1.44
C VAL D 340 -7.00 -16.01 1.05
N THR D 341 -6.71 -16.31 -0.22
CA THR D 341 -5.35 -16.56 -0.69
C THR D 341 -4.60 -15.29 -1.04
N THR D 342 -5.11 -14.12 -0.67
CA THR D 342 -4.50 -12.88 -1.11
C THR D 342 -4.72 -11.79 -0.06
N HIS D 343 -3.79 -10.84 -0.02
CA HIS D 343 -3.95 -9.65 0.82
C HIS D 343 -5.02 -8.77 0.18
N SER D 344 -6.27 -9.09 0.46
CA SER D 344 -7.40 -8.33 -0.06
C SER D 344 -7.73 -7.18 0.86
N PHE D 345 -8.15 -6.07 0.25
CA PHE D 345 -8.45 -4.84 0.98
C PHE D 345 -9.02 -3.83 -0.03
N ASN D 346 -9.52 -2.72 0.51
CA ASN D 346 -10.06 -1.63 -0.29
C ASN D 346 -9.08 -0.46 -0.23
N CYS D 347 -8.62 -0.01 -1.39
CA CYS D 347 -7.67 1.10 -1.51
C CYS D 347 -8.30 2.18 -2.39
N GLY D 348 -8.65 3.30 -1.78
CA GLY D 348 -9.17 4.44 -2.50
C GLY D 348 -10.48 4.20 -3.23
N GLY D 349 -11.12 3.05 -2.98
CA GLY D 349 -12.42 2.79 -3.57
C GLY D 349 -12.56 1.45 -4.29
N GLU D 350 -11.48 0.97 -4.90
CA GLU D 350 -11.50 -0.29 -5.62
C GLU D 350 -10.84 -1.38 -4.77
N PHE D 351 -11.27 -2.62 -4.99
CA PHE D 351 -10.91 -3.74 -4.13
C PHE D 351 -9.73 -4.50 -4.72
N PHE D 352 -8.57 -4.36 -4.07
CA PHE D 352 -7.33 -4.99 -4.51
C PHE D 352 -7.26 -6.44 -4.03
N TYR D 353 -6.42 -7.21 -4.71
CA TYR D 353 -6.19 -8.62 -4.36
C TYR D 353 -4.73 -8.92 -4.69
N CYS D 354 -3.85 -8.67 -3.72
CA CYS D 354 -2.41 -8.66 -3.93
C CYS D 354 -1.81 -9.99 -3.51
N ASN D 355 -1.20 -10.69 -4.46
CA ASN D 355 -0.50 -11.94 -4.20
C ASN D 355 0.66 -11.72 -3.24
N THR D 356 0.66 -12.44 -2.13
CA THR D 356 1.61 -12.22 -1.04
C THR D 356 2.72 -13.27 -1.00
N SER D 357 2.96 -13.99 -2.10
CA SER D 357 4.00 -15.00 -2.11
C SER D 357 5.37 -14.39 -1.80
N GLY D 358 5.63 -13.19 -2.31
CA GLY D 358 6.87 -12.49 -2.08
C GLY D 358 7.05 -11.89 -0.70
N LEU D 359 6.18 -12.23 0.25
CA LEU D 359 6.27 -11.75 1.64
C LEU D 359 6.51 -12.87 2.64
N PHE D 360 5.95 -14.05 2.39
CA PHE D 360 6.12 -15.21 3.26
C PHE D 360 6.71 -16.31 2.38
N ASN D 361 8.04 -16.37 2.38
CA ASN D 361 8.80 -17.27 1.51
C ASN D 361 10.20 -17.38 2.12
N SER D 362 10.25 -17.70 3.41
CA SER D 362 11.48 -17.63 4.16
C SER D 362 11.46 -18.67 5.27
N THR D 363 12.58 -19.39 5.42
CA THR D 363 12.76 -20.37 6.48
C THR D 363 13.86 -19.88 7.41
N TRP D 364 13.54 -19.80 8.70
CA TRP D 364 14.43 -19.21 9.70
C TRP D 364 15.02 -20.29 10.58
N ILE D 365 16.33 -20.17 10.86
CA ILE D 365 17.11 -21.26 11.44
C ILE D 365 17.61 -20.87 12.83
N SER D 366 17.57 -21.84 13.75
CA SER D 366 17.91 -21.76 15.18
C SER D 366 18.42 -20.41 15.66
N ASN D 367 19.54 -19.93 15.12
CA ASN D 367 20.14 -18.69 15.60
C ASN D 367 20.98 -18.01 14.53
N ASP D 380 16.35 -1.15 -1.57
CA ASP D 380 15.49 -1.98 -2.39
C ASP D 380 14.20 -2.34 -1.64
N SER D 381 13.18 -2.76 -2.40
CA SER D 381 11.91 -3.16 -1.82
C SER D 381 11.33 -4.29 -2.66
N ILE D 382 10.34 -4.98 -2.10
CA ILE D 382 9.63 -6.02 -2.82
C ILE D 382 8.32 -5.43 -3.32
N THR D 383 7.89 -5.89 -4.49
CA THR D 383 6.63 -5.47 -5.08
C THR D 383 5.69 -6.66 -5.20
N LEU D 384 4.40 -6.40 -5.02
CA LEU D 384 3.39 -7.44 -4.97
C LEU D 384 2.37 -7.23 -6.08
N PRO D 385 2.26 -8.12 -7.05
CA PRO D 385 1.27 -7.94 -8.11
C PRO D 385 -0.14 -8.06 -7.54
N CYS D 386 -0.96 -7.04 -7.82
CA CYS D 386 -2.34 -7.00 -7.36
C CYS D 386 -3.29 -7.09 -8.56
N ARG D 387 -4.44 -7.70 -8.32
CA ARG D 387 -5.54 -7.70 -9.27
C ARG D 387 -6.73 -6.96 -8.65
N ILE D 388 -7.70 -6.60 -9.49
CA ILE D 388 -8.80 -5.76 -9.06
C ILE D 388 -10.12 -6.43 -9.42
N LYS D 389 -11.02 -6.53 -8.45
CA LYS D 389 -12.41 -6.88 -8.65
C LYS D 389 -13.27 -5.65 -8.42
N GLN D 390 -14.45 -5.64 -9.05
CA GLN D 390 -15.50 -4.72 -8.67
C GLN D 390 -16.81 -5.43 -8.35
N ILE D 391 -16.95 -6.71 -8.69
CA ILE D 391 -18.06 -7.52 -8.22
C ILE D 391 -17.56 -8.22 -6.96
N ILE D 392 -17.68 -7.54 -5.83
CA ILE D 392 -17.35 -8.13 -4.54
C ILE D 392 -18.64 -8.63 -3.91
N ASN D 393 -18.59 -9.82 -3.33
CA ASN D 393 -19.76 -10.46 -2.75
C ASN D 393 -19.61 -10.57 -1.24
N MET D 394 -20.63 -11.16 -0.61
CA MET D 394 -20.70 -11.23 0.84
C MET D 394 -20.00 -12.48 1.36
N TRP D 395 -19.19 -12.31 2.40
CA TRP D 395 -18.49 -13.43 3.02
C TRP D 395 -19.38 -14.25 3.94
N GLN D 396 -20.61 -13.80 4.20
CA GLN D 396 -21.52 -14.53 5.08
C GLN D 396 -22.47 -15.40 4.25
N ARG D 397 -23.58 -14.82 3.80
CA ARG D 397 -24.50 -15.51 2.91
C ARG D 397 -24.13 -15.21 1.46
N ILE D 398 -24.15 -16.25 0.64
CA ILE D 398 -24.04 -16.09 -0.80
C ILE D 398 -25.45 -15.92 -1.37
N GLY D 399 -25.65 -14.83 -2.09
CA GLY D 399 -26.97 -14.49 -2.60
C GLY D 399 -27.15 -12.99 -2.74
N GLN D 400 -26.18 -12.24 -2.21
CA GLN D 400 -26.16 -10.79 -2.33
C GLN D 400 -24.74 -10.35 -2.64
N ALA D 401 -24.59 -9.52 -3.68
CA ALA D 401 -23.28 -9.08 -4.14
C ALA D 401 -23.36 -7.64 -4.60
N MET D 402 -22.25 -6.92 -4.44
CA MET D 402 -22.16 -5.49 -4.72
C MET D 402 -21.27 -5.22 -5.92
N TYR D 403 -21.66 -4.26 -6.75
CA TYR D 403 -20.81 -3.73 -7.81
C TYR D 403 -20.19 -2.44 -7.30
N ALA D 404 -18.87 -2.38 -7.26
CA ALA D 404 -18.19 -1.15 -6.88
C ALA D 404 -18.03 -0.27 -8.11
N PRO D 405 -18.67 0.89 -8.13
CA PRO D 405 -18.57 1.80 -9.29
C PRO D 405 -17.13 2.21 -9.51
N PRO D 406 -16.70 2.32 -10.77
CA PRO D 406 -15.27 2.54 -11.06
C PRO D 406 -14.84 3.94 -10.63
N ILE D 407 -13.72 3.99 -9.91
CA ILE D 407 -13.17 5.24 -9.41
C ILE D 407 -12.28 5.86 -10.48
N GLN D 408 -12.55 7.12 -10.81
CA GLN D 408 -11.76 7.82 -11.82
C GLN D 408 -10.41 8.23 -11.25
N GLY D 409 -9.49 8.53 -12.16
CA GLY D 409 -8.16 9.00 -11.79
C GLY D 409 -7.21 7.85 -11.48
N VAL D 410 -6.16 8.21 -10.75
CA VAL D 410 -5.12 7.28 -10.33
C VAL D 410 -5.26 7.04 -8.83
N ILE D 411 -5.29 5.76 -8.44
CA ILE D 411 -5.47 5.36 -7.06
C ILE D 411 -4.10 5.12 -6.43
N ARG D 412 -3.89 5.67 -5.24
CA ARG D 412 -2.66 5.43 -4.49
C ARG D 412 -2.93 5.70 -3.02
N CYS D 413 -2.99 4.64 -2.22
CA CYS D 413 -3.13 4.74 -0.77
C CYS D 413 -1.87 4.20 -0.11
N VAL D 414 -1.48 4.81 1.01
CA VAL D 414 -0.28 4.42 1.74
C VAL D 414 -0.69 4.06 3.17
N SER D 415 -0.39 2.83 3.57
CA SER D 415 -0.93 2.28 4.81
C SER D 415 0.17 1.61 5.63
N ASN D 416 -0.12 1.43 6.92
CA ASN D 416 0.74 0.69 7.83
C ASN D 416 0.26 -0.75 7.91
N ILE D 417 1.19 -1.69 7.86
CA ILE D 417 0.91 -3.08 8.24
C ILE D 417 1.24 -3.21 9.71
N THR D 418 0.22 -3.40 10.54
CA THR D 418 0.39 -3.43 11.99
C THR D 418 0.19 -4.82 12.58
N GLY D 419 -0.17 -5.81 11.77
CA GLY D 419 -0.40 -7.15 12.28
C GLY D 419 -0.56 -8.14 11.16
N LEU D 420 -0.58 -9.41 11.53
CA LEU D 420 -0.70 -10.52 10.59
C LEU D 420 -1.76 -11.50 11.08
N ILE D 421 -2.12 -12.42 10.19
CA ILE D 421 -3.01 -13.53 10.51
C ILE D 421 -2.43 -14.80 9.89
N LEU D 422 -1.74 -15.59 10.70
CA LEU D 422 -0.99 -16.74 10.22
C LEU D 422 -1.76 -18.03 10.52
N THR D 423 -1.18 -19.16 10.11
CA THR D 423 -1.81 -20.46 10.31
C THR D 423 -0.75 -21.54 10.28
N ARG D 424 -0.63 -22.31 11.35
CA ARG D 424 0.29 -23.43 11.42
C ARG D 424 -0.33 -24.67 10.76
N ASP D 425 0.54 -25.62 10.41
CA ASP D 425 0.12 -26.81 9.69
C ASP D 425 0.25 -28.09 10.49
N GLY D 426 1.03 -28.11 11.57
CA GLY D 426 1.17 -29.29 12.41
C GLY D 426 2.34 -30.17 12.05
N THR D 433 10.36 -28.87 12.44
CA THR D 433 10.11 -27.79 11.50
C THR D 433 8.62 -27.53 11.31
N GLU D 434 8.18 -26.31 11.63
CA GLU D 434 6.79 -25.91 11.51
C GLU D 434 6.65 -24.78 10.49
N THR D 435 5.60 -24.82 9.70
CA THR D 435 5.39 -23.87 8.62
C THR D 435 4.19 -22.99 8.92
N PHE D 436 4.32 -21.69 8.63
CA PHE D 436 3.27 -20.71 8.87
C PHE D 436 2.89 -20.05 7.55
N ARG D 437 1.63 -20.21 7.16
CA ARG D 437 1.06 -19.56 5.99
C ARG D 437 -0.10 -18.67 6.42
N PRO D 438 -0.33 -17.55 5.74
CA PRO D 438 -1.38 -16.62 6.15
C PRO D 438 -2.73 -16.94 5.52
N GLY D 439 -3.75 -16.23 6.00
CA GLY D 439 -5.10 -16.44 5.49
C GLY D 439 -6.12 -15.77 6.39
N GLY D 440 -7.33 -16.34 6.39
CA GLY D 440 -8.39 -15.85 7.25
C GLY D 440 -9.38 -14.94 6.55
N GLY D 441 -10.53 -15.50 6.17
CA GLY D 441 -11.56 -14.72 5.49
C GLY D 441 -12.76 -14.44 6.38
N ASP D 442 -12.56 -14.49 7.70
CA ASP D 442 -13.62 -14.24 8.66
C ASP D 442 -13.42 -12.83 9.20
N MET D 443 -14.41 -11.95 8.93
CA MET D 443 -14.25 -10.52 9.21
C MET D 443 -13.96 -10.25 10.68
N ARG D 444 -14.48 -11.06 11.60
CA ARG D 444 -14.40 -10.71 13.01
C ARG D 444 -13.03 -10.97 13.63
N ASP D 445 -12.12 -11.65 12.91
CA ASP D 445 -10.73 -11.67 13.35
C ASP D 445 -10.12 -10.27 13.30
N ASN D 446 -10.55 -9.46 12.33
CA ASN D 446 -10.07 -8.09 12.25
C ASN D 446 -10.47 -7.28 13.48
N TRP D 447 -11.68 -7.52 14.00
CA TRP D 447 -12.14 -6.75 15.14
C TRP D 447 -11.46 -7.18 16.43
N ARG D 448 -11.14 -8.46 16.57
CA ARG D 448 -10.42 -8.93 17.76
C ARG D 448 -9.06 -8.25 17.88
N SER D 449 -8.43 -7.92 16.75
CA SER D 449 -7.12 -7.26 16.80
C SER D 449 -7.20 -5.88 17.43
N GLU D 450 -8.40 -5.33 17.58
CA GLU D 450 -8.58 -4.02 18.19
C GLU D 450 -9.40 -4.04 19.47
N LEU D 451 -10.22 -5.06 19.70
CA LEU D 451 -11.10 -5.11 20.86
C LEU D 451 -10.57 -6.02 21.95
N TYR D 452 -9.33 -6.51 21.83
CA TYR D 452 -8.80 -7.42 22.83
C TYR D 452 -8.61 -6.73 24.18
N LYS D 453 -8.38 -5.42 24.18
CA LYS D 453 -8.13 -4.69 25.42
C LYS D 453 -9.40 -4.41 26.19
N TYR D 454 -10.57 -4.55 25.58
CA TYR D 454 -11.81 -4.05 26.15
C TYR D 454 -12.73 -5.16 26.61
N LYS D 455 -13.57 -4.84 27.59
CA LYS D 455 -14.43 -5.78 28.27
C LYS D 455 -15.62 -5.02 28.81
N VAL D 456 -16.82 -5.57 28.66
CA VAL D 456 -18.05 -4.90 29.04
C VAL D 456 -18.60 -5.56 30.29
N VAL D 457 -18.88 -4.75 31.32
CA VAL D 457 -19.43 -5.23 32.58
C VAL D 457 -20.57 -4.33 32.99
N LYS D 458 -21.47 -4.88 33.81
CA LYS D 458 -22.59 -4.13 34.37
C LYS D 458 -22.30 -3.79 35.83
N ILE D 459 -22.75 -2.62 36.24
CA ILE D 459 -22.57 -2.16 37.62
C ILE D 459 -23.78 -2.60 38.44
N GLU D 460 -23.52 -3.03 39.68
CA GLU D 460 -24.58 -3.42 40.61
C GLU D 460 -24.36 -2.62 41.89
N PRO D 461 -24.97 -1.44 41.99
CA PRO D 461 -24.62 -0.51 43.07
C PRO D 461 -25.21 -0.85 44.43
N LEU D 462 -25.94 -1.96 44.56
CA LEU D 462 -26.52 -2.33 45.83
C LEU D 462 -25.61 -3.29 46.58
N GLY D 463 -25.27 -2.93 47.82
CA GLY D 463 -24.44 -3.77 48.66
C GLY D 463 -24.90 -3.83 50.10
N VAL D 464 -24.95 -5.02 50.68
CA VAL D 464 -25.36 -5.22 52.06
C VAL D 464 -24.18 -5.77 52.85
N ALA D 465 -24.05 -5.33 54.10
CA ALA D 465 -22.91 -5.69 54.92
C ALA D 465 -23.27 -5.45 56.38
N PRO D 466 -22.61 -6.12 57.32
CA PRO D 466 -22.95 -5.95 58.74
C PRO D 466 -22.29 -4.73 59.36
N THR D 467 -23.04 -4.08 60.24
CA THR D 467 -22.54 -2.93 60.99
C THR D 467 -23.22 -2.90 62.35
N ARG D 468 -22.66 -2.11 63.26
CA ARG D 468 -23.21 -1.93 64.60
C ARG D 468 -24.22 -0.79 64.67
N CYS D 469 -24.82 -0.41 63.54
CA CYS D 469 -25.82 0.64 63.50
C CYS D 469 -27.20 0.04 63.21
N LYS D 470 -28.22 0.58 63.86
CA LYS D 470 -29.58 0.05 63.78
C LYS D 470 -30.55 1.22 63.66
N ARG D 471 -31.60 1.02 62.86
CA ARG D 471 -32.55 2.09 62.58
C ARG D 471 -33.34 2.47 63.83
N ARG D 472 -33.83 3.70 63.84
CA ARG D 472 -34.60 4.26 64.95
C ARG D 472 -33.82 4.21 66.27
N GLN E 1 32.22 8.00 -39.68
CA GLN E 1 33.06 6.81 -39.51
C GLN E 1 32.45 5.59 -40.19
N VAL E 2 31.12 5.53 -40.22
CA VAL E 2 30.40 4.42 -40.84
C VAL E 2 29.55 4.99 -41.97
N GLN E 3 29.78 4.50 -43.18
CA GLN E 3 29.02 4.88 -44.36
C GLN E 3 28.33 3.64 -44.92
N LEU E 4 27.63 3.82 -46.03
CA LEU E 4 26.75 2.78 -46.54
C LEU E 4 26.59 2.93 -48.04
N GLN E 5 26.69 1.81 -48.76
CA GLN E 5 26.64 1.83 -50.22
C GLN E 5 25.73 0.71 -50.72
N GLU E 6 24.66 1.09 -51.42
CA GLU E 6 23.76 0.14 -52.05
C GLU E 6 24.37 -0.41 -53.33
N SER E 7 23.70 -1.38 -53.94
CA SER E 7 24.14 -1.98 -55.20
C SER E 7 22.99 -2.76 -55.82
N GLY E 8 22.57 -2.39 -57.03
CA GLY E 8 21.40 -2.98 -57.63
C GLY E 8 21.47 -3.19 -59.13
N PRO E 9 20.50 -3.94 -59.67
CA PRO E 9 20.51 -4.24 -61.11
C PRO E 9 19.95 -3.11 -61.97
N GLY E 10 19.10 -2.26 -61.41
CA GLY E 10 18.35 -1.24 -62.13
C GLY E 10 17.10 -1.71 -62.87
N LEU E 11 17.16 -2.91 -63.46
CA LEU E 11 16.02 -3.51 -64.14
C LEU E 11 15.83 -4.94 -63.69
N VAL E 12 14.58 -5.31 -63.41
CA VAL E 12 14.17 -6.70 -63.24
C VAL E 12 12.83 -6.88 -63.94
N LYS E 13 12.65 -8.04 -64.58
CA LYS E 13 11.41 -8.32 -65.29
C LYS E 13 10.26 -8.54 -64.30
N PRO E 14 9.02 -8.44 -64.77
CA PRO E 14 7.89 -8.86 -63.93
C PRO E 14 8.01 -10.33 -63.56
N SER E 15 7.64 -10.66 -62.32
CA SER E 15 7.72 -12.01 -61.77
C SER E 15 9.17 -12.53 -61.84
N GLU E 16 9.99 -11.99 -60.94
CA GLU E 16 11.38 -12.41 -60.83
C GLU E 16 11.94 -11.90 -59.51
N THR E 17 12.90 -12.65 -58.98
CA THR E 17 13.56 -12.28 -57.72
C THR E 17 14.40 -11.03 -57.92
N LEU E 18 14.09 -9.98 -57.16
CA LEU E 18 14.89 -8.76 -57.15
C LEU E 18 15.93 -8.88 -56.05
N SER E 19 17.20 -8.82 -56.42
CA SER E 19 18.31 -8.96 -55.48
C SER E 19 19.04 -7.64 -55.33
N LEU E 20 19.44 -7.34 -54.09
CA LEU E 20 20.20 -6.14 -53.78
C LEU E 20 21.22 -6.48 -52.70
N THR E 21 22.26 -5.66 -52.60
CA THR E 21 23.26 -5.78 -51.55
C THR E 21 23.56 -4.41 -50.97
N CYS E 22 24.09 -4.41 -49.75
CA CYS E 22 24.47 -3.19 -49.06
C CYS E 22 25.72 -3.47 -48.24
N THR E 23 26.80 -2.74 -48.51
CA THR E 23 28.11 -3.00 -47.91
C THR E 23 28.46 -1.89 -46.93
N VAL E 24 28.59 -2.26 -45.65
CA VAL E 24 28.97 -1.32 -44.61
C VAL E 24 30.47 -1.08 -44.66
N SER E 25 30.87 0.16 -44.36
CA SER E 25 32.28 0.55 -44.36
C SER E 25 32.56 1.40 -43.14
N GLY E 26 33.47 0.93 -42.27
CA GLY E 26 33.90 1.66 -41.10
C GLY E 26 33.55 0.98 -39.79
N GLY E 27 32.50 0.16 -39.78
CA GLY E 27 32.09 -0.53 -38.58
C GLY E 27 31.74 -1.98 -38.87
N SER E 28 31.50 -2.72 -37.80
CA SER E 28 31.11 -4.12 -37.92
C SER E 28 29.66 -4.24 -38.36
N ILE E 29 29.34 -5.38 -38.98
CA ILE E 29 27.99 -5.61 -39.48
C ILE E 29 27.15 -6.37 -38.47
N SER E 30 27.69 -7.42 -37.86
CA SER E 30 26.95 -8.24 -36.91
C SER E 30 26.84 -7.59 -35.55
N ASN E 31 27.13 -6.29 -35.44
CA ASN E 31 27.04 -5.57 -34.18
C ASN E 31 25.82 -4.66 -34.10
N TYR E 32 25.17 -4.37 -35.23
CA TYR E 32 24.07 -3.42 -35.28
C TYR E 32 22.87 -4.04 -35.99
N TYR E 33 21.75 -3.33 -35.91
CA TYR E 33 20.56 -3.64 -36.69
C TYR E 33 20.61 -2.89 -38.01
N TRP E 34 20.02 -3.49 -39.04
CA TRP E 34 20.01 -2.89 -40.37
C TRP E 34 18.63 -3.01 -40.98
N SER E 35 18.16 -1.93 -41.60
CA SER E 35 16.81 -1.86 -42.15
C SER E 35 16.85 -1.56 -43.63
N TRP E 36 15.82 -2.02 -44.34
CA TRP E 36 15.62 -1.71 -45.75
C TRP E 36 14.40 -0.82 -45.90
N ILE E 37 14.55 0.26 -46.67
CA ILE E 37 13.47 1.21 -46.93
C ILE E 37 13.44 1.49 -48.43
N ARG E 38 12.24 1.68 -48.96
CA ARG E 38 12.09 1.96 -50.39
C ARG E 38 11.04 3.04 -50.60
N GLN E 39 11.27 3.89 -51.59
CA GLN E 39 10.41 5.03 -51.88
C GLN E 39 10.03 5.00 -53.34
N SER E 40 8.76 4.67 -53.62
CA SER E 40 8.23 4.66 -54.97
C SER E 40 7.55 6.00 -55.27
N PRO E 41 7.37 6.34 -56.55
CA PRO E 41 6.78 7.64 -56.88
C PRO E 41 5.36 7.78 -56.36
N GLY E 42 5.14 8.80 -55.55
CA GLY E 42 3.84 9.06 -54.94
C GLY E 42 3.66 8.46 -53.57
N LYS E 43 3.89 7.16 -53.45
CA LYS E 43 3.84 6.50 -52.15
C LYS E 43 4.99 6.98 -51.27
N GLY E 44 4.70 7.17 -49.99
CA GLY E 44 5.70 7.67 -49.07
C GLY E 44 6.77 6.63 -48.77
N LEU E 45 7.63 6.98 -47.82
CA LEU E 45 8.66 6.06 -47.36
C LEU E 45 8.02 4.79 -46.81
N GLU E 46 8.56 3.63 -47.22
CA GLU E 46 8.01 2.34 -46.84
C GLU E 46 9.09 1.50 -46.17
N TRP E 47 8.88 1.17 -44.90
CA TRP E 47 9.77 0.28 -44.18
C TRP E 47 9.55 -1.15 -44.67
N ILE E 48 10.63 -1.79 -45.13
CA ILE E 48 10.53 -3.14 -45.68
C ILE E 48 10.73 -4.16 -44.56
N GLY E 49 11.86 -4.09 -43.89
CA GLY E 49 12.14 -5.00 -42.80
C GLY E 49 13.43 -4.62 -42.09
N TYR E 50 13.89 -5.51 -41.22
CA TYR E 50 15.14 -5.26 -40.51
C TYR E 50 15.70 -6.56 -39.98
N ILE E 51 17.01 -6.54 -39.70
CA ILE E 51 17.74 -7.69 -39.19
C ILE E 51 18.46 -7.26 -37.91
N SER E 52 18.46 -8.14 -36.91
CA SER E 52 19.06 -7.83 -35.63
C SER E 52 20.58 -7.93 -35.69
N ASP E 53 21.23 -7.62 -34.56
CA ASP E 53 22.67 -7.84 -34.47
C ASP E 53 22.98 -9.34 -34.40
N SER E 54 22.17 -10.09 -33.67
CA SER E 54 22.23 -11.55 -33.70
C SER E 54 21.47 -12.14 -34.88
N GLU E 55 21.11 -11.30 -35.87
CA GLU E 55 20.64 -11.75 -37.17
C GLU E 55 19.29 -12.46 -37.09
N SER E 56 18.35 -11.86 -36.37
CA SER E 56 16.97 -12.28 -36.38
C SER E 56 16.18 -11.42 -37.37
N THR E 57 15.23 -12.04 -38.07
CA THR E 57 14.50 -11.36 -39.13
C THR E 57 13.12 -10.94 -38.66
N ASN E 58 12.60 -9.89 -39.28
CA ASN E 58 11.25 -9.41 -39.02
C ASN E 58 10.83 -8.55 -40.19
N TYR E 59 9.79 -8.97 -40.91
CA TYR E 59 9.38 -8.33 -42.16
C TYR E 59 8.06 -7.61 -41.98
N ASN E 60 7.91 -6.50 -42.69
CA ASN E 60 6.65 -5.78 -42.73
C ASN E 60 5.55 -6.71 -43.23
N PRO E 61 4.41 -6.79 -42.54
CA PRO E 61 3.30 -7.60 -43.08
C PRO E 61 2.78 -7.11 -44.43
N SER E 62 3.13 -5.88 -44.83
CA SER E 62 2.77 -5.41 -46.16
C SER E 62 3.37 -6.30 -47.24
N LEU E 63 4.56 -6.85 -47.01
CA LEU E 63 5.23 -7.70 -47.99
C LEU E 63 5.99 -8.83 -47.33
N LYS E 64 5.54 -9.26 -46.14
CA LYS E 64 6.16 -10.39 -45.46
C LYS E 64 6.15 -11.64 -46.33
N SER E 65 5.18 -11.76 -47.23
CA SER E 65 5.03 -12.96 -48.03
C SER E 65 6.19 -13.19 -48.98
N ARG E 66 6.81 -12.11 -49.50
CA ARG E 66 7.70 -12.23 -50.65
C ARG E 66 9.07 -11.59 -50.40
N VAL E 67 9.51 -11.46 -49.15
CA VAL E 67 10.77 -10.80 -48.84
C VAL E 67 11.63 -11.72 -47.99
N ILE E 68 12.93 -11.76 -48.29
CA ILE E 68 13.92 -12.48 -47.50
C ILE E 68 15.15 -11.59 -47.37
N ILE E 69 15.41 -11.11 -46.15
CA ILE E 69 16.58 -10.30 -45.85
C ILE E 69 17.63 -11.20 -45.23
N SER E 70 18.86 -11.09 -45.71
CA SER E 70 19.96 -11.92 -45.27
C SER E 70 21.11 -11.04 -44.78
N VAL E 71 22.28 -11.65 -44.58
CA VAL E 71 23.48 -10.97 -44.13
C VAL E 71 24.66 -11.93 -44.27
N ASP E 72 25.82 -11.42 -44.68
CA ASP E 72 27.05 -12.19 -44.79
C ASP E 72 28.12 -11.44 -44.00
N THR E 73 28.43 -11.93 -42.80
CA THR E 73 29.36 -11.25 -41.91
C THR E 73 30.82 -11.55 -42.22
N SER E 74 31.11 -12.36 -43.25
CA SER E 74 32.48 -12.53 -43.69
C SER E 74 33.09 -11.17 -44.05
N LYS E 75 32.33 -10.34 -44.76
CA LYS E 75 32.58 -8.93 -44.91
C LYS E 75 31.43 -8.18 -44.24
N ASN E 76 31.20 -6.93 -44.66
CA ASN E 76 30.10 -6.16 -44.09
C ASN E 76 28.97 -6.03 -45.11
N GLN E 77 28.60 -7.13 -45.75
CA GLN E 77 27.63 -7.13 -46.84
C GLN E 77 26.29 -7.65 -46.34
N LEU E 78 25.24 -6.85 -46.54
CA LEU E 78 23.87 -7.22 -46.20
C LEU E 78 23.02 -7.19 -47.46
N SER E 79 22.15 -8.18 -47.62
CA SER E 79 21.44 -8.38 -48.87
C SER E 79 19.93 -8.22 -48.68
N LEU E 80 19.22 -8.24 -49.81
CA LEU E 80 17.77 -8.25 -49.85
C LEU E 80 17.34 -9.03 -51.08
N LYS E 81 16.35 -9.89 -50.92
CA LYS E 81 15.72 -10.59 -52.03
C LYS E 81 14.22 -10.39 -51.95
N LEU E 82 13.62 -9.99 -53.07
CA LEU E 82 12.19 -9.70 -53.15
C LEU E 82 11.61 -10.48 -54.33
N ASN E 83 10.81 -11.49 -54.04
CA ASN E 83 10.28 -12.38 -55.06
C ASN E 83 9.02 -11.80 -55.70
N SER E 84 8.70 -12.32 -56.88
CA SER E 84 7.47 -11.99 -57.61
C SER E 84 7.30 -10.49 -57.75
N VAL E 85 8.29 -9.85 -58.37
CA VAL E 85 8.29 -8.40 -58.52
C VAL E 85 7.25 -8.00 -59.56
N THR E 86 6.55 -6.89 -59.30
CA THR E 86 5.58 -6.34 -60.22
C THR E 86 5.88 -4.86 -60.44
N ALA E 87 5.07 -4.22 -61.29
CA ALA E 87 5.36 -2.85 -61.70
C ALA E 87 5.44 -1.89 -60.52
N ALA E 88 4.57 -2.09 -59.52
CA ALA E 88 4.52 -1.18 -58.38
C ALA E 88 5.76 -1.28 -57.50
N ASP E 89 6.56 -2.34 -57.64
CA ASP E 89 7.74 -2.56 -56.81
C ASP E 89 8.94 -1.73 -57.25
N SER E 90 8.80 -0.87 -58.26
CA SER E 90 9.90 -0.03 -58.72
C SER E 90 10.02 1.18 -57.81
N ALA E 91 11.19 1.36 -57.20
CA ALA E 91 11.41 2.42 -56.23
C ALA E 91 12.91 2.65 -56.06
N ILE E 92 13.24 3.54 -55.13
CA ILE E 92 14.63 3.81 -54.74
C ILE E 92 14.85 3.12 -53.40
N TYR E 93 15.64 2.05 -53.41
CA TYR E 93 15.80 1.18 -52.24
C TYR E 93 16.97 1.66 -51.41
N TYR E 94 16.69 2.12 -50.20
CA TYR E 94 17.69 2.54 -49.23
C TYR E 94 17.87 1.45 -48.18
N CYS E 95 19.10 1.34 -47.68
CA CYS E 95 19.38 0.57 -46.48
C CYS E 95 20.03 1.48 -45.44
N ALA E 96 19.79 1.20 -44.17
CA ALA E 96 20.23 2.08 -43.11
C ALA E 96 20.46 1.29 -41.84
N ARG E 97 21.19 1.91 -40.91
CA ARG E 97 21.52 1.29 -39.62
C ARG E 97 20.42 1.59 -38.62
N ALA E 98 19.67 0.56 -38.23
CA ALA E 98 18.68 0.71 -37.18
C ALA E 98 19.35 0.56 -35.82
N GLN E 99 18.98 1.44 -34.89
CA GLN E 99 19.45 1.35 -33.51
C GLN E 99 18.27 1.09 -32.60
N GLN E 100 18.41 0.10 -31.73
CA GLN E 100 17.32 -0.28 -30.84
C GLN E 100 17.23 0.67 -29.66
N GLY E 101 16.03 1.20 -29.43
CA GLY E 101 15.75 2.00 -28.25
C GLY E 101 14.72 1.30 -27.39
N LYS E 102 14.88 1.41 -26.08
CA LYS E 102 14.00 0.75 -25.11
C LYS E 102 13.26 1.82 -24.33
N ARG E 103 11.97 2.00 -24.63
CA ARG E 103 11.13 2.98 -23.95
C ARG E 103 10.46 2.32 -22.76
N ILE E 104 10.76 2.82 -21.55
CA ILE E 104 10.26 2.24 -20.31
C ILE E 104 9.30 3.24 -19.68
N TYR E 105 8.02 2.88 -19.62
CA TYR E 105 7.01 3.71 -19.00
C TYR E 105 6.61 3.26 -17.60
N GLY E 106 6.57 1.95 -17.35
CA GLY E 106 6.19 1.45 -16.05
C GLY E 106 7.29 0.70 -15.34
N MET E 107 6.99 -0.51 -14.85
CA MET E 107 7.96 -1.35 -14.18
C MET E 107 8.54 -2.35 -15.18
N VAL E 108 9.87 -2.42 -15.23
CA VAL E 108 10.52 -3.36 -16.15
C VAL E 108 10.22 -4.80 -15.74
N SER E 109 10.03 -5.06 -14.44
CA SER E 109 9.75 -6.41 -13.98
C SER E 109 8.44 -6.93 -14.55
N PHE E 110 7.41 -6.07 -14.61
CA PHE E 110 6.15 -6.44 -15.24
C PHE E 110 6.21 -6.32 -16.76
N GLY E 111 7.36 -5.97 -17.33
CA GLY E 111 7.47 -5.84 -18.77
C GLY E 111 6.79 -4.63 -19.35
N GLU E 112 6.58 -3.58 -18.54
CA GLU E 112 5.87 -2.38 -19.00
C GLU E 112 6.83 -1.47 -19.76
N PHE E 113 7.25 -1.98 -20.93
CA PHE E 113 8.13 -1.25 -21.82
C PHE E 113 7.87 -1.72 -23.24
N PHE E 114 8.46 -1.01 -24.20
CA PHE E 114 8.40 -1.45 -25.59
C PHE E 114 9.68 -1.02 -26.29
N TYR E 115 9.96 -1.68 -27.41
CA TYR E 115 11.15 -1.41 -28.20
C TYR E 115 10.79 -0.59 -29.44
N TYR E 116 11.54 0.47 -29.68
CA TYR E 116 11.38 1.30 -30.87
C TYR E 116 12.69 1.32 -31.65
N TYR E 117 12.59 1.33 -32.97
CA TYR E 117 13.75 1.31 -33.84
C TYR E 117 13.81 2.58 -34.66
N TYR E 118 15.02 3.07 -34.92
CA TYR E 118 15.21 4.29 -35.69
C TYR E 118 16.51 4.17 -36.48
N MET E 119 16.45 4.53 -37.77
CA MET E 119 17.60 4.44 -38.66
C MET E 119 18.34 5.77 -38.67
N ASP E 120 19.59 5.76 -38.18
CA ASP E 120 20.35 6.98 -37.98
C ASP E 120 21.31 7.32 -39.10
N VAL E 121 21.92 6.34 -39.75
CA VAL E 121 22.80 6.56 -40.90
C VAL E 121 22.27 5.75 -42.07
N TRP E 122 22.21 6.37 -43.24
CA TRP E 122 21.56 5.80 -44.41
C TRP E 122 22.55 5.68 -45.56
N GLY E 123 22.21 4.82 -46.51
CA GLY E 123 22.94 4.74 -47.76
C GLY E 123 22.55 5.86 -48.69
N LYS E 124 23.04 5.75 -49.92
CA LYS E 124 22.71 6.72 -50.96
C LYS E 124 21.45 6.36 -51.73
N GLY E 125 21.01 5.11 -51.64
CA GLY E 125 19.87 4.64 -52.40
C GLY E 125 20.29 4.06 -53.74
N THR E 126 19.47 3.13 -54.23
CA THR E 126 19.68 2.53 -55.54
C THR E 126 18.35 2.46 -56.27
N THR E 127 18.34 2.89 -57.53
CA THR E 127 17.14 2.88 -58.35
C THR E 127 17.00 1.54 -59.05
N VAL E 128 15.80 0.98 -59.01
CA VAL E 128 15.45 -0.20 -59.81
C VAL E 128 14.12 0.08 -60.49
N THR E 129 14.00 -0.36 -61.73
CA THR E 129 12.80 -0.15 -62.53
C THR E 129 12.22 -1.50 -62.91
N VAL E 130 10.92 -1.67 -62.69
CA VAL E 130 10.23 -2.89 -63.08
C VAL E 130 9.62 -2.66 -64.46
N SER E 131 10.14 -3.35 -65.46
CA SER E 131 9.63 -3.24 -66.82
C SER E 131 10.14 -4.42 -67.63
N SER E 132 9.21 -5.10 -68.31
CA SER E 132 9.61 -6.15 -69.25
C SER E 132 10.38 -5.60 -70.43
N ALA E 133 10.43 -4.27 -70.57
CA ALA E 133 11.20 -3.67 -71.65
C ALA E 133 12.69 -3.93 -71.45
N SER E 134 13.41 -4.05 -72.56
CA SER E 134 14.80 -4.42 -72.52
C SER E 134 15.68 -3.22 -72.17
N THR E 135 16.90 -3.52 -71.73
CA THR E 135 17.88 -2.50 -71.49
C THR E 135 18.43 -1.95 -72.80
N LYS E 136 19.05 -0.77 -72.73
CA LYS E 136 19.66 -0.12 -73.88
C LYS E 136 20.66 0.96 -73.46
N GLY E 137 21.85 0.95 -74.06
CA GLY E 137 22.85 1.96 -73.78
C GLY E 137 22.52 3.27 -74.46
N PRO E 138 23.09 4.36 -73.97
CA PRO E 138 22.80 5.67 -74.56
C PRO E 138 23.47 5.89 -75.90
N SER E 139 23.61 7.16 -76.28
CA SER E 139 24.28 7.55 -77.51
C SER E 139 24.77 8.98 -77.39
N VAL E 140 25.84 9.19 -76.61
CA VAL E 140 26.22 10.55 -76.22
C VAL E 140 26.80 11.29 -77.43
N PHE E 141 26.27 12.48 -77.68
CA PHE E 141 26.74 13.39 -78.71
C PHE E 141 27.35 14.63 -78.07
N PRO E 142 28.22 15.34 -78.78
CA PRO E 142 28.82 16.57 -78.23
C PRO E 142 27.99 17.81 -78.50
N LEU E 143 27.95 18.71 -77.52
CA LEU E 143 27.31 20.01 -77.65
C LEU E 143 28.42 21.06 -77.62
N ALA E 144 28.92 21.41 -78.81
CA ALA E 144 30.05 22.31 -78.92
C ALA E 144 29.65 23.74 -78.53
N PRO E 145 30.59 24.51 -77.97
CA PRO E 145 30.29 25.90 -77.62
C PRO E 145 30.43 26.85 -78.79
N SER E 146 30.33 28.15 -78.52
CA SER E 146 30.51 29.18 -79.55
C SER E 146 30.89 30.51 -78.91
N GLY E 153 31.12 37.03 -71.28
CA GLY E 153 32.40 36.78 -70.64
C GLY E 153 32.73 35.31 -70.48
N THR E 154 31.69 34.48 -70.44
CA THR E 154 31.83 33.04 -70.26
C THR E 154 31.29 32.31 -71.50
N ALA E 155 31.45 30.98 -71.49
CA ALA E 155 30.95 30.14 -72.55
C ALA E 155 30.55 28.79 -71.95
N ALA E 156 29.62 28.12 -72.63
CA ALA E 156 29.05 26.88 -72.12
C ALA E 156 29.13 25.78 -73.17
N LEU E 157 29.31 24.55 -72.69
CA LEU E 157 29.48 23.38 -73.54
C LEU E 157 28.93 22.18 -72.81
N GLY E 158 28.48 21.18 -73.56
CA GLY E 158 27.88 20.03 -72.93
C GLY E 158 27.83 18.81 -73.82
N CYS E 159 27.02 17.84 -73.40
CA CYS E 159 26.85 16.59 -74.12
C CYS E 159 25.41 16.15 -74.02
N LEU E 160 24.94 15.47 -75.07
CA LEU E 160 23.53 15.11 -75.23
C LEU E 160 23.40 13.60 -75.13
N VAL E 161 23.31 13.10 -73.90
CA VAL E 161 23.10 11.69 -73.64
C VAL E 161 21.70 11.32 -74.09
N LYS E 162 21.60 10.68 -75.26
CA LYS E 162 20.32 10.44 -75.92
C LYS E 162 19.90 8.98 -75.82
N ASP E 163 18.62 8.78 -75.49
CA ASP E 163 17.95 7.50 -75.66
C ASP E 163 18.59 6.37 -74.88
N TYR E 164 18.29 6.28 -73.58
CA TYR E 164 18.74 5.17 -72.75
C TYR E 164 17.60 4.73 -71.84
N PHE E 165 17.73 3.51 -71.33
CA PHE E 165 16.74 2.96 -70.41
C PHE E 165 17.38 1.89 -69.52
N PRO E 166 17.21 1.99 -68.20
CA PRO E 166 16.51 3.09 -67.54
C PRO E 166 17.45 4.05 -66.84
N GLU E 167 16.89 4.96 -66.05
CA GLU E 167 17.66 5.72 -65.09
C GLU E 167 18.42 4.75 -64.18
N PRO E 168 19.62 5.11 -63.68
CA PRO E 168 20.36 6.37 -63.78
C PRO E 168 21.49 6.38 -64.81
N VAL E 169 22.08 7.54 -65.01
CA VAL E 169 23.27 7.71 -65.85
C VAL E 169 24.22 8.66 -65.14
N THR E 170 25.45 8.19 -64.89
CA THR E 170 26.47 8.99 -64.22
C THR E 170 27.31 9.73 -65.24
N VAL E 171 27.43 11.04 -65.06
CA VAL E 171 28.19 11.90 -65.97
C VAL E 171 29.15 12.76 -65.17
N SER E 172 30.42 12.74 -65.55
CA SER E 172 31.42 13.62 -64.97
C SER E 172 32.32 14.13 -66.09
N TRP E 173 32.94 15.28 -65.86
CA TRP E 173 33.78 15.92 -66.86
C TRP E 173 35.25 15.73 -66.52
N ASN E 174 36.04 15.35 -67.52
CA ASN E 174 37.48 15.13 -67.38
C ASN E 174 37.79 14.03 -66.37
N SER E 175 37.03 12.93 -66.44
CA SER E 175 37.22 11.75 -65.60
C SER E 175 37.19 12.07 -64.12
N GLY E 176 36.59 13.20 -63.74
CA GLY E 176 36.48 13.60 -62.35
C GLY E 176 37.23 14.87 -62.01
N ALA E 177 38.04 15.39 -62.93
CA ALA E 177 38.81 16.59 -62.64
C ALA E 177 37.94 17.85 -62.68
N LEU E 178 37.17 18.02 -63.74
CA LEU E 178 36.31 19.19 -63.89
C LEU E 178 35.06 19.01 -63.05
N THR E 179 34.89 19.86 -62.04
CA THR E 179 33.76 19.77 -61.11
C THR E 179 33.02 21.07 -60.88
N SER E 180 33.61 22.22 -61.20
CA SER E 180 32.95 23.51 -61.00
C SER E 180 32.23 23.94 -62.27
N GLY E 181 31.05 24.51 -62.09
CA GLY E 181 30.24 24.96 -63.21
C GLY E 181 29.47 23.86 -63.92
N VAL E 182 29.61 22.61 -63.49
CA VAL E 182 28.89 21.51 -64.11
C VAL E 182 27.44 21.54 -63.67
N HIS E 183 26.53 21.31 -64.62
CA HIS E 183 25.10 21.26 -64.32
C HIS E 183 24.50 20.12 -65.15
N THR E 184 24.27 18.99 -64.49
CA THR E 184 23.67 17.82 -65.14
C THR E 184 22.16 17.88 -64.91
N PHE E 185 21.42 17.91 -65.99
CA PHE E 185 19.98 18.13 -65.86
C PHE E 185 19.22 16.81 -65.76
N PRO E 186 18.08 16.81 -65.08
CA PRO E 186 17.27 15.59 -65.00
C PRO E 186 16.85 15.12 -66.39
N ALA E 187 16.72 13.80 -66.52
CA ALA E 187 16.49 13.19 -67.82
C ALA E 187 15.08 13.50 -68.32
N VAL E 188 14.75 12.93 -69.47
CA VAL E 188 13.46 13.14 -70.14
C VAL E 188 12.98 11.80 -70.66
N LEU E 189 11.87 11.30 -70.11
CA LEU E 189 11.24 10.09 -70.62
C LEU E 189 10.45 10.45 -71.88
N GLN E 190 11.01 10.13 -73.04
CA GLN E 190 10.34 10.38 -74.29
C GLN E 190 9.22 9.37 -74.51
N SER E 191 8.28 9.72 -75.39
CA SER E 191 7.17 8.82 -75.71
C SER E 191 7.65 7.47 -76.25
N SER E 192 8.84 7.42 -76.85
CA SER E 192 9.41 6.14 -77.26
C SER E 192 9.74 5.24 -76.09
N GLY E 193 9.81 5.80 -74.87
CA GLY E 193 9.95 5.00 -73.67
C GLY E 193 11.32 4.94 -73.06
N LEU E 194 12.27 5.76 -73.51
CA LEU E 194 13.63 5.70 -73.01
C LEU E 194 14.14 7.12 -72.75
N TYR E 195 14.87 7.27 -71.64
CA TYR E 195 15.24 8.58 -71.13
C TYR E 195 16.30 9.23 -72.02
N SER E 196 16.42 10.55 -71.86
CA SER E 196 17.44 11.32 -72.55
C SER E 196 17.88 12.45 -71.64
N LEU E 197 19.19 12.58 -71.42
CA LEU E 197 19.74 13.51 -70.45
C LEU E 197 20.78 14.40 -71.13
N SER E 198 21.05 15.55 -70.49
CA SER E 198 22.07 16.47 -70.99
C SER E 198 22.78 17.12 -69.82
N SER E 199 24.10 17.20 -69.91
CA SER E 199 24.95 17.83 -68.90
C SER E 199 25.85 18.84 -69.58
N VAL E 200 25.92 20.05 -69.02
CA VAL E 200 26.76 21.11 -69.55
C VAL E 200 27.59 21.70 -68.42
N VAL E 201 28.65 22.40 -68.80
CA VAL E 201 29.55 23.07 -67.86
C VAL E 201 29.83 24.47 -68.37
N THR E 202 29.64 25.47 -67.52
CA THR E 202 30.00 26.84 -67.86
C THR E 202 31.48 27.05 -67.59
N VAL E 203 32.17 27.68 -68.54
CA VAL E 203 33.64 27.74 -68.51
C VAL E 203 34.09 29.11 -68.99
N PRO E 204 35.25 29.56 -68.53
CA PRO E 204 35.86 30.75 -69.11
C PRO E 204 36.02 30.62 -70.63
N SER E 205 35.74 31.71 -71.34
CA SER E 205 35.73 31.67 -72.80
C SER E 205 37.12 31.42 -73.37
N SER E 206 38.17 31.86 -72.68
CA SER E 206 39.51 31.76 -73.24
C SER E 206 40.06 30.34 -73.20
N SER E 207 39.53 29.48 -72.33
CA SER E 207 40.06 28.13 -72.17
C SER E 207 39.69 27.20 -73.30
N LEU E 208 39.00 27.67 -74.34
CA LEU E 208 38.60 26.79 -75.43
C LEU E 208 39.80 26.21 -76.16
N GLY E 209 40.92 26.93 -76.15
CA GLY E 209 42.13 26.44 -76.79
C GLY E 209 43.30 26.33 -75.82
N THR E 210 43.69 25.10 -75.49
CA THR E 210 43.05 23.91 -76.03
C THR E 210 42.84 22.85 -74.94
N GLN E 211 42.43 23.31 -73.76
CA GLN E 211 42.11 22.39 -72.66
C GLN E 211 40.99 21.46 -73.07
N THR E 212 41.34 20.20 -73.36
CA THR E 212 40.35 19.23 -73.81
C THR E 212 39.33 18.96 -72.70
N TYR E 213 38.06 19.07 -73.04
CA TYR E 213 36.96 18.80 -72.12
C TYR E 213 36.28 17.51 -72.54
N ILE E 214 36.43 16.47 -71.73
CA ILE E 214 36.03 15.12 -72.10
C ILE E 214 34.81 14.72 -71.26
N CYS E 215 33.75 14.32 -71.94
CA CYS E 215 32.59 13.74 -71.27
C CYS E 215 32.93 12.37 -70.70
N ASN E 216 32.10 11.91 -69.76
CA ASN E 216 32.25 10.56 -69.20
C ASN E 216 30.84 10.08 -68.84
N VAL E 217 30.27 9.24 -69.70
CA VAL E 217 28.91 8.74 -69.54
C VAL E 217 28.98 7.28 -69.10
N ASN E 218 28.22 6.95 -68.05
CA ASN E 218 28.09 5.58 -67.56
C ASN E 218 26.62 5.23 -67.44
N HIS E 219 26.24 4.06 -67.98
CA HIS E 219 24.89 3.52 -67.83
C HIS E 219 25.05 2.02 -67.57
N LYS E 220 25.23 1.67 -66.29
CA LYS E 220 25.54 0.30 -65.94
C LYS E 220 24.45 -0.72 -66.24
N PRO E 221 23.14 -0.39 -66.18
CA PRO E 221 22.13 -1.39 -66.56
C PRO E 221 22.38 -2.04 -67.92
N SER E 222 23.03 -1.34 -68.85
CA SER E 222 23.42 -1.92 -70.12
C SER E 222 24.91 -2.24 -70.20
N ASN E 223 25.68 -1.88 -69.17
CA ASN E 223 27.13 -2.08 -69.15
C ASN E 223 27.79 -1.43 -70.38
N THR E 224 27.51 -0.14 -70.54
CA THR E 224 27.97 0.65 -71.68
C THR E 224 28.59 1.94 -71.17
N LYS E 225 29.91 1.92 -70.95
CA LYS E 225 30.65 3.10 -70.52
C LYS E 225 31.23 3.81 -71.74
N VAL E 226 30.90 5.10 -71.89
CA VAL E 226 31.26 5.87 -73.06
C VAL E 226 31.88 7.19 -72.61
N ASP E 227 32.66 7.79 -73.52
CA ASP E 227 33.18 9.13 -73.32
C ASP E 227 33.34 9.81 -74.68
N LYS E 228 33.36 11.15 -74.65
CA LYS E 228 33.43 11.95 -75.87
C LYS E 228 34.00 13.32 -75.51
N LYS E 229 34.48 14.02 -76.53
CA LYS E 229 35.06 15.35 -76.35
C LYS E 229 34.24 16.38 -77.08
N VAL E 230 34.52 17.66 -76.80
CA VAL E 230 33.84 18.79 -77.40
C VAL E 230 34.86 19.86 -77.74
N GLU E 231 34.61 20.57 -78.85
CA GLU E 231 35.42 21.70 -79.30
C GLU E 231 34.77 22.35 -80.51
N PRO E 232 34.83 23.68 -80.64
CA PRO E 232 34.19 24.44 -81.72
C PRO E 232 34.56 23.96 -83.11
N SER F 4 1.61 7.22 -49.02
CA SER F 4 0.37 7.68 -48.43
C SER F 4 0.08 9.13 -48.82
N TYR F 5 -1.01 9.67 -48.30
CA TYR F 5 -1.41 11.03 -48.65
C TYR F 5 -0.54 12.05 -47.93
N VAL F 6 -0.43 13.24 -48.52
CA VAL F 6 0.55 14.25 -48.12
C VAL F 6 -0.18 15.48 -47.61
N ARG F 7 0.32 16.05 -46.51
CA ARG F 7 -0.28 17.24 -45.91
C ARG F 7 0.56 18.46 -46.22
N PRO F 8 0.02 19.49 -46.85
CA PRO F 8 0.83 20.69 -47.13
C PRO F 8 0.94 21.62 -45.92
N LEU F 9 2.09 22.27 -45.83
CA LEU F 9 2.33 23.28 -44.82
C LEU F 9 3.23 24.36 -45.42
N SER F 10 2.84 25.62 -45.21
CA SER F 10 3.56 26.76 -45.79
C SER F 10 3.88 27.76 -44.67
N VAL F 11 5.15 27.85 -44.32
CA VAL F 11 5.62 28.83 -43.34
C VAL F 11 6.50 29.85 -44.05
N ALA F 12 6.47 31.08 -43.56
CA ALA F 12 7.32 32.12 -44.13
C ALA F 12 8.76 31.94 -43.67
N LEU F 13 9.69 32.41 -44.50
CA LEU F 13 11.10 32.28 -44.17
C LEU F 13 11.44 33.20 -43.00
N GLY F 14 12.23 32.67 -42.06
CA GLY F 14 12.55 33.35 -40.84
C GLY F 14 11.61 33.04 -39.69
N GLU F 15 10.36 32.68 -39.98
CA GLU F 15 9.40 32.33 -38.96
C GLU F 15 9.74 30.96 -38.37
N THR F 16 8.81 30.41 -37.59
CA THR F 16 9.02 29.16 -36.88
C THR F 16 7.94 28.16 -37.27
N ALA F 17 8.33 27.13 -38.03
CA ALA F 17 7.38 26.09 -38.40
C ALA F 17 7.08 25.19 -37.20
N SER F 18 5.82 24.75 -37.11
CA SER F 18 5.38 23.83 -36.07
C SER F 18 4.66 22.68 -36.77
N ILE F 19 5.34 21.55 -36.89
CA ILE F 19 4.84 20.39 -37.63
C ILE F 19 4.22 19.42 -36.64
N SER F 20 2.89 19.33 -36.65
CA SER F 20 2.19 18.43 -35.75
C SER F 20 2.15 17.02 -36.31
N CYS F 21 2.30 16.04 -35.42
CA CYS F 21 2.24 14.65 -35.83
C CYS F 21 0.82 14.27 -36.24
N GLY F 22 0.70 13.52 -37.33
CA GLY F 22 -0.59 13.18 -37.88
C GLY F 22 -1.37 12.13 -37.12
N ARG F 23 -0.74 11.44 -36.17
CA ARG F 23 -1.38 10.35 -35.43
C ARG F 23 -1.06 10.51 -33.95
N GLN F 24 -2.09 10.79 -33.15
CA GLN F 24 -1.88 10.99 -31.72
C GLN F 24 -1.50 9.68 -31.03
N ALA F 25 -0.88 9.82 -29.87
CA ALA F 25 -0.38 8.68 -29.10
C ALA F 25 -1.36 8.31 -28.00
N LEU F 26 -1.60 7.00 -27.88
CA LEU F 26 -2.51 6.48 -26.85
C LEU F 26 -1.83 6.30 -25.49
N GLY F 27 -0.50 6.22 -25.44
CA GLY F 27 0.20 6.13 -24.18
C GLY F 27 1.56 6.81 -24.18
N SER F 28 2.50 6.32 -23.37
CA SER F 28 3.85 6.87 -23.40
C SER F 28 4.48 6.58 -24.75
N ARG F 29 5.10 7.60 -25.35
CA ARG F 29 5.48 7.58 -26.75
C ARG F 29 7.00 7.71 -26.94
N ALA F 30 7.48 7.15 -28.04
CA ALA F 30 8.85 7.31 -28.50
C ALA F 30 8.79 7.66 -29.98
N VAL F 31 8.92 8.94 -30.30
CA VAL F 31 8.62 9.45 -31.65
C VAL F 31 9.91 9.86 -32.33
N GLN F 32 9.99 9.57 -33.63
CA GLN F 32 11.14 9.91 -34.47
C GLN F 32 10.70 10.85 -35.58
N TRP F 33 11.59 11.78 -35.94
CA TRP F 33 11.35 12.73 -37.02
C TRP F 33 12.42 12.57 -38.08
N TYR F 34 12.00 12.27 -39.31
CA TYR F 34 12.91 12.16 -40.45
C TYR F 34 12.63 13.29 -41.43
N GLN F 35 13.71 13.85 -41.98
CA GLN F 35 13.62 14.84 -43.05
C GLN F 35 13.94 14.17 -44.37
N HIS F 36 13.05 14.32 -45.34
CA HIS F 36 13.16 13.61 -46.61
C HIS F 36 12.84 14.57 -47.76
N ARG F 37 13.82 14.75 -48.65
CA ARG F 37 13.59 15.43 -49.92
C ARG F 37 13.55 14.37 -51.02
N PRO F 38 12.49 14.29 -51.82
CA PRO F 38 12.37 13.19 -52.78
C PRO F 38 13.60 13.04 -53.66
N GLY F 39 14.00 11.79 -53.89
CA GLY F 39 15.24 11.52 -54.58
C GLY F 39 16.47 11.76 -53.73
N GLN F 40 16.40 11.52 -52.43
CA GLN F 40 17.51 11.76 -51.53
C GLN F 40 17.33 10.91 -50.28
N ALA F 41 18.44 10.58 -49.64
CA ALA F 41 18.39 9.73 -48.45
C ALA F 41 17.79 10.51 -47.28
N PRO F 42 16.78 9.97 -46.60
CA PRO F 42 16.24 10.65 -45.43
C PRO F 42 17.30 10.79 -44.34
N ILE F 43 17.20 11.85 -43.56
CA ILE F 43 18.12 12.13 -42.47
C ILE F 43 17.33 12.20 -41.18
N LEU F 44 17.79 11.46 -40.18
CA LEU F 44 17.11 11.43 -38.88
C LEU F 44 17.34 12.74 -38.15
N LEU F 45 16.26 13.46 -37.87
CA LEU F 45 16.34 14.73 -37.15
C LEU F 45 16.33 14.52 -35.64
N ILE F 46 15.42 13.68 -35.15
CA ILE F 46 15.17 13.50 -33.72
C ILE F 46 14.71 12.06 -33.51
N TYR F 47 15.41 11.31 -32.65
CA TYR F 47 15.13 9.89 -32.46
C TYR F 47 14.28 9.64 -31.21
N ASN F 48 14.79 9.89 -30.02
CA ASN F 48 13.87 9.93 -28.89
C ASN F 48 13.09 11.24 -28.95
N ASN F 49 11.89 11.24 -28.34
CA ASN F 49 10.92 12.34 -28.41
C ASN F 49 11.56 13.73 -28.50
N GLN F 50 12.77 13.88 -27.96
CA GLN F 50 13.47 15.14 -27.92
C GLN F 50 14.95 15.05 -28.29
N ASP F 51 15.54 13.86 -28.31
CA ASP F 51 16.97 13.74 -28.56
C ASP F 51 17.25 13.81 -30.06
N ARG F 52 18.26 14.60 -30.43
CA ARG F 52 18.63 14.76 -31.83
C ARG F 52 20.09 14.37 -32.05
N PRO F 53 20.39 13.65 -33.13
CA PRO F 53 21.77 13.22 -33.36
C PRO F 53 22.68 14.39 -33.71
N SER F 54 23.98 14.12 -33.68
CA SER F 54 24.96 15.15 -34.03
C SER F 54 24.85 15.52 -35.50
N GLY F 55 25.24 16.76 -35.81
CA GLY F 55 25.10 17.28 -37.15
C GLY F 55 23.74 17.87 -37.45
N ILE F 56 22.88 18.03 -36.46
CA ILE F 56 21.56 18.63 -36.61
C ILE F 56 21.53 19.89 -35.75
N PRO F 57 21.16 21.04 -36.30
CA PRO F 57 21.25 22.29 -35.54
C PRO F 57 20.19 22.38 -34.45
N GLU F 58 20.35 23.38 -33.59
CA GLU F 58 19.45 23.57 -32.46
C GLU F 58 18.07 24.04 -32.88
N ARG F 59 17.92 24.55 -34.11
CA ARG F 59 16.64 25.02 -34.61
C ARG F 59 15.64 23.89 -34.87
N PHE F 60 16.01 22.65 -34.60
CA PHE F 60 15.13 21.50 -34.75
C PHE F 60 14.85 20.94 -33.35
N SER F 61 13.58 20.91 -32.96
CA SER F 61 13.21 20.53 -31.60
C SER F 61 11.92 19.72 -31.61
N GLY F 62 11.87 18.72 -30.74
CA GLY F 62 10.68 17.92 -30.57
C GLY F 62 10.29 17.86 -29.11
N THR F 63 8.99 17.74 -28.88
CA THR F 63 8.46 17.87 -27.52
C THR F 63 8.71 16.60 -26.73
N PRO F 64 9.16 16.70 -25.49
CA PRO F 64 9.38 15.51 -24.67
C PRO F 64 8.09 14.96 -24.09
N ASP F 65 8.15 13.71 -23.65
CA ASP F 65 7.00 12.99 -23.11
C ASP F 65 7.10 13.00 -21.58
N ILE F 66 6.75 14.12 -20.98
CA ILE F 66 6.82 14.26 -19.52
C ILE F 66 5.49 13.90 -18.87
N ASN F 67 4.38 14.29 -19.47
CA ASN F 67 3.05 13.94 -18.98
C ASN F 67 2.16 13.66 -20.18
N PHE F 68 1.32 12.64 -20.05
CA PHE F 68 0.39 12.30 -21.13
C PHE F 68 -0.53 13.48 -21.42
N GLY F 69 -0.80 13.70 -22.70
CA GLY F 69 -1.59 14.84 -23.11
C GLY F 69 -0.85 15.73 -24.09
N THR F 70 0.47 15.86 -23.90
CA THR F 70 1.28 16.63 -24.83
C THR F 70 1.23 15.99 -26.22
N ARG F 71 1.24 16.83 -27.24
CA ARG F 71 1.13 16.40 -28.62
C ARG F 71 2.49 16.48 -29.30
N ALA F 72 2.85 15.41 -30.02
CA ALA F 72 4.14 15.36 -30.69
C ALA F 72 4.17 16.39 -31.83
N THR F 73 5.02 17.40 -31.69
CA THR F 73 5.15 18.45 -32.70
C THR F 73 6.62 18.76 -32.92
N LEU F 74 7.04 18.71 -34.18
CA LEU F 74 8.39 19.09 -34.57
C LEU F 74 8.43 20.60 -34.85
N THR F 75 9.40 21.28 -34.25
CA THR F 75 9.51 22.73 -34.33
C THR F 75 10.74 23.12 -35.14
N ILE F 76 10.51 23.81 -36.26
CA ILE F 76 11.57 24.33 -37.11
C ILE F 76 11.65 25.82 -36.86
N SER F 77 12.64 26.25 -36.07
CA SER F 77 12.83 27.66 -35.80
C SER F 77 13.78 28.27 -36.81
N GLY F 78 13.47 29.49 -37.24
CA GLY F 78 14.26 30.15 -38.28
C GLY F 78 14.31 29.34 -39.56
N VAL F 79 13.16 29.22 -40.24
CA VAL F 79 13.08 28.41 -41.44
C VAL F 79 13.90 29.04 -42.55
N GLU F 80 14.47 28.19 -43.41
CA GLU F 80 15.22 28.63 -44.58
C GLU F 80 14.80 27.79 -45.77
N ALA F 81 15.33 28.14 -46.95
CA ALA F 81 14.97 27.43 -48.17
C ALA F 81 15.43 25.98 -48.17
N GLY F 82 16.47 25.65 -47.40
CA GLY F 82 16.93 24.28 -47.33
C GLY F 82 16.03 23.36 -46.52
N ASP F 83 15.07 23.92 -45.78
CA ASP F 83 14.16 23.12 -44.97
C ASP F 83 12.98 22.57 -45.76
N GLU F 84 12.85 22.93 -47.03
CA GLU F 84 11.77 22.40 -47.87
C GLU F 84 11.97 20.92 -48.10
N ALA F 85 11.08 20.10 -47.54
CA ALA F 85 11.19 18.65 -47.62
C ALA F 85 9.91 18.02 -47.11
N ASP F 86 9.81 16.70 -47.27
CA ASP F 86 8.80 15.92 -46.61
C ASP F 86 9.28 15.57 -45.20
N TYR F 87 8.42 15.78 -44.21
CA TYR F 87 8.74 15.44 -42.83
C TYR F 87 7.84 14.30 -42.36
N TYR F 88 8.45 13.32 -41.69
CA TYR F 88 7.74 12.13 -41.24
C TYR F 88 7.76 12.03 -39.73
N CYS F 89 6.66 11.54 -39.17
CA CYS F 89 6.50 11.34 -37.73
C CYS F 89 6.38 9.85 -37.48
N HIS F 90 7.48 9.21 -37.10
CA HIS F 90 7.47 7.78 -36.79
C HIS F 90 7.02 7.62 -35.34
N MET F 91 5.72 7.33 -35.17
CA MET F 91 5.09 7.36 -33.86
C MET F 91 5.08 5.97 -33.25
N TRP F 92 5.73 5.82 -32.08
CA TRP F 92 5.67 4.62 -31.27
C TRP F 92 5.04 4.97 -29.93
N ASP F 93 4.25 4.05 -29.38
CA ASP F 93 3.65 4.28 -28.07
C ASP F 93 3.41 2.94 -27.39
N SER F 94 2.91 3.01 -26.15
CA SER F 94 2.75 1.81 -25.34
C SER F 94 1.56 0.98 -25.80
N ARG F 95 0.46 1.62 -26.18
CA ARG F 95 -0.77 0.88 -26.40
C ARG F 95 -0.85 0.31 -27.80
N SER F 96 -0.44 1.08 -28.81
CA SER F 96 -0.42 0.55 -30.16
C SER F 96 0.79 -0.37 -30.34
N GLY F 97 0.72 -1.20 -31.37
CA GLY F 97 1.70 -2.24 -31.58
C GLY F 97 3.00 -1.80 -32.23
N PHE F 98 3.31 -2.42 -33.37
CA PHE F 98 4.57 -2.21 -34.07
C PHE F 98 4.36 -1.15 -35.17
N SER F 99 5.05 -0.02 -35.04
CA SER F 99 4.87 1.09 -35.97
C SER F 99 5.68 0.83 -37.24
N TRP F 100 5.09 0.04 -38.14
CA TRP F 100 5.74 -0.22 -39.43
C TRP F 100 5.70 1.02 -40.33
N SER F 101 4.55 1.69 -40.39
CA SER F 101 4.39 2.83 -41.27
C SER F 101 5.10 4.06 -40.72
N PHE F 102 5.73 4.81 -41.62
CA PHE F 102 6.29 6.11 -41.26
C PHE F 102 5.23 7.20 -41.18
N GLY F 103 3.98 6.90 -41.57
CA GLY F 103 2.89 7.85 -41.48
C GLY F 103 2.82 8.78 -42.67
N GLY F 104 1.81 9.65 -42.63
CA GLY F 104 1.67 10.66 -43.66
C GLY F 104 2.85 11.62 -43.68
N ALA F 105 3.03 12.25 -44.83
CA ALA F 105 4.13 13.18 -45.06
C ALA F 105 3.60 14.61 -45.09
N THR F 106 4.23 15.48 -44.31
CA THR F 106 3.91 16.90 -44.32
C THR F 106 4.97 17.64 -45.15
N ARG F 107 4.53 18.22 -46.26
CA ARG F 107 5.42 18.82 -47.25
C ARG F 107 5.58 20.30 -46.94
N LEU F 108 6.73 20.67 -46.37
CA LEU F 108 7.00 22.04 -45.99
C LEU F 108 7.50 22.83 -47.20
N THR F 109 6.77 23.88 -47.57
CA THR F 109 7.22 24.85 -48.56
C THR F 109 7.39 26.19 -47.86
N VAL F 110 8.59 26.74 -47.92
CA VAL F 110 8.91 27.97 -47.19
C VAL F 110 8.63 29.16 -48.09
N LEU F 111 7.81 30.08 -47.60
CA LEU F 111 7.39 31.24 -48.38
C LEU F 111 8.41 32.36 -48.27
N GLY F 112 8.22 33.41 -49.08
CA GLY F 112 9.05 34.58 -48.98
C GLY F 112 10.44 34.46 -49.57
N GLN F 113 10.65 33.49 -50.48
CA GLN F 113 11.94 33.38 -51.12
C GLN F 113 12.04 34.38 -52.27
N PRO F 114 13.25 34.86 -52.58
CA PRO F 114 13.40 35.89 -53.60
C PRO F 114 13.25 35.32 -55.01
N LYS F 115 12.58 36.08 -55.87
CA LYS F 115 12.35 35.66 -57.24
C LYS F 115 13.67 35.66 -58.02
N ALA F 116 13.92 34.59 -58.76
CA ALA F 116 15.13 34.45 -59.56
C ALA F 116 14.75 34.16 -61.01
N ALA F 117 15.48 34.80 -61.94
CA ALA F 117 15.22 34.69 -63.37
C ALA F 117 16.00 33.52 -63.98
N PRO F 118 15.44 32.91 -65.04
CA PRO F 118 16.10 31.75 -65.65
C PRO F 118 17.46 32.08 -66.26
N SER F 119 18.14 31.03 -66.71
CA SER F 119 19.42 31.13 -67.42
C SER F 119 19.33 30.22 -68.65
N VAL F 120 18.55 30.66 -69.63
CA VAL F 120 18.26 29.83 -70.79
C VAL F 120 19.49 29.70 -71.67
N THR F 121 19.77 28.49 -72.15
CA THR F 121 20.88 28.22 -73.04
C THR F 121 20.44 27.22 -74.09
N LEU F 122 20.50 27.62 -75.36
CA LEU F 122 20.06 26.80 -76.47
C LEU F 122 21.26 26.22 -77.20
N PHE F 123 21.09 25.00 -77.71
CA PHE F 123 22.15 24.32 -78.46
C PHE F 123 21.60 23.82 -79.79
N PRO F 124 22.35 24.01 -80.88
CA PRO F 124 21.95 23.44 -82.16
C PRO F 124 22.30 21.97 -82.24
N PRO F 125 21.70 21.23 -83.17
CA PRO F 125 22.03 19.80 -83.30
C PRO F 125 23.51 19.60 -83.62
N SER F 126 24.08 18.56 -83.03
CA SER F 126 25.47 18.23 -83.31
C SER F 126 25.62 17.64 -84.71
N SER F 127 26.86 17.64 -85.21
CA SER F 127 27.13 17.12 -86.55
C SER F 127 26.94 15.61 -86.60
N GLU F 128 27.50 14.88 -85.63
CA GLU F 128 27.30 13.43 -85.58
C GLU F 128 25.84 13.07 -85.46
N GLU F 129 25.05 13.90 -84.75
CA GLU F 129 23.61 13.68 -84.70
C GLU F 129 22.99 13.83 -86.09
N LEU F 130 23.29 14.96 -86.75
CA LEU F 130 22.85 15.13 -88.13
C LEU F 130 23.37 14.04 -89.04
N GLN F 131 24.57 13.52 -88.76
CA GLN F 131 25.10 12.38 -89.50
C GLN F 131 24.21 11.15 -89.32
N ALA F 132 23.61 11.00 -88.14
CA ALA F 132 22.72 9.88 -87.86
C ALA F 132 21.30 10.10 -88.37
N ASN F 133 21.08 11.14 -89.18
CA ASN F 133 19.76 11.47 -89.72
C ASN F 133 18.76 11.78 -88.61
N LYS F 134 19.25 12.35 -87.51
CA LYS F 134 18.40 12.72 -86.37
C LYS F 134 18.89 14.04 -85.81
N ALA F 135 18.00 15.02 -85.70
CA ALA F 135 18.35 16.34 -85.21
C ALA F 135 17.55 16.66 -83.96
N THR F 136 18.22 17.17 -82.93
CA THR F 136 17.59 17.50 -81.66
C THR F 136 18.18 18.78 -81.11
N LEU F 137 17.34 19.77 -80.88
CA LEU F 137 17.74 20.98 -80.17
C LEU F 137 17.41 20.82 -78.70
N VAL F 138 18.27 21.38 -77.85
CA VAL F 138 18.15 21.23 -76.40
C VAL F 138 18.17 22.61 -75.77
N CYS F 139 17.09 22.95 -75.08
CA CYS F 139 16.98 24.22 -74.36
C CYS F 139 17.13 23.95 -72.87
N LEU F 140 18.06 24.67 -72.23
CA LEU F 140 18.45 24.40 -70.85
C LEU F 140 18.17 25.62 -69.99
N ILE F 141 17.21 25.47 -69.07
CA ILE F 141 16.74 26.54 -68.20
C ILE F 141 17.17 26.19 -66.78
N SER F 142 17.72 27.19 -66.06
CA SER F 142 18.26 26.93 -64.73
C SER F 142 18.24 28.21 -63.91
N ASP F 143 18.40 28.03 -62.59
CA ASP F 143 18.59 29.12 -61.62
C ASP F 143 17.39 30.04 -61.52
N PHE F 144 16.18 29.50 -61.63
CA PHE F 144 14.97 30.30 -61.51
C PHE F 144 14.19 29.89 -60.27
N TYR F 145 13.43 30.87 -59.74
CA TYR F 145 12.51 30.68 -58.63
C TYR F 145 11.41 31.72 -58.80
N PRO F 146 10.13 31.36 -58.63
CA PRO F 146 9.64 30.01 -58.29
C PRO F 146 9.76 29.02 -59.43
N GLY F 147 9.90 27.74 -59.08
CA GLY F 147 10.14 26.70 -60.07
C GLY F 147 8.95 26.40 -60.95
N ALA F 148 8.66 27.29 -61.89
CA ALA F 148 7.59 27.08 -62.86
C ALA F 148 7.88 27.95 -64.07
N VAL F 149 8.02 27.32 -65.24
CA VAL F 149 8.31 28.03 -66.48
C VAL F 149 7.46 27.47 -67.60
N THR F 150 7.14 28.33 -68.56
CA THR F 150 6.53 27.93 -69.82
C THR F 150 7.60 27.99 -70.91
N VAL F 151 7.64 26.96 -71.75
CA VAL F 151 8.59 26.88 -72.85
C VAL F 151 7.82 26.82 -74.16
N ALA F 152 8.25 27.62 -75.13
CA ALA F 152 7.62 27.66 -76.45
C ALA F 152 8.70 27.69 -77.51
N TRP F 153 8.59 26.76 -78.47
CA TRP F 153 9.54 26.67 -79.58
C TRP F 153 8.95 27.33 -80.81
N LYS F 154 9.80 28.06 -81.55
CA LYS F 154 9.36 28.82 -82.72
C LYS F 154 10.29 28.50 -83.89
N ALA F 155 9.75 27.81 -84.89
CA ALA F 155 10.44 27.65 -86.17
C ALA F 155 10.23 28.93 -86.96
N ASP F 156 11.29 29.74 -87.07
CA ASP F 156 11.19 31.09 -87.59
C ASP F 156 10.17 31.88 -86.77
N SER F 157 9.02 32.18 -87.37
CA SER F 157 7.94 32.86 -86.66
C SER F 157 6.80 31.92 -86.29
N SER F 158 6.57 30.86 -87.06
CA SER F 158 5.51 29.92 -86.77
C SER F 158 5.87 29.08 -85.54
N PRO F 159 4.89 28.72 -84.73
CA PRO F 159 5.17 27.89 -83.55
C PRO F 159 5.22 26.42 -83.89
N VAL F 160 6.00 25.69 -83.10
CA VAL F 160 6.12 24.24 -83.24
C VAL F 160 5.89 23.61 -81.88
N LYS F 161 5.01 22.61 -81.83
CA LYS F 161 4.75 21.86 -80.61
C LYS F 161 4.83 20.35 -80.79
N ALA F 162 4.90 19.86 -82.02
CA ALA F 162 5.16 18.44 -82.26
C ALA F 162 6.66 18.20 -82.23
N GLY F 163 7.09 17.31 -81.33
CA GLY F 163 8.49 16.99 -81.17
C GLY F 163 9.12 17.52 -79.90
N VAL F 164 8.41 18.33 -79.13
CA VAL F 164 8.95 18.88 -77.90
C VAL F 164 8.76 17.88 -76.76
N GLU F 165 9.72 17.88 -75.83
CA GLU F 165 9.66 17.05 -74.62
C GLU F 165 10.30 17.85 -73.50
N THR F 166 9.47 18.38 -72.59
CA THR F 166 9.92 19.31 -71.57
C THR F 166 9.92 18.65 -70.20
N THR F 167 10.93 18.95 -69.40
CA THR F 167 11.06 18.43 -68.05
C THR F 167 10.32 19.31 -67.06
N THR F 168 9.59 18.69 -66.14
CA THR F 168 9.05 19.43 -65.01
C THR F 168 10.21 19.99 -64.18
N PRO F 169 10.03 21.17 -63.58
CA PRO F 169 11.10 21.76 -62.78
C PRO F 169 11.56 20.82 -61.68
N SER F 170 12.82 21.00 -61.27
CA SER F 170 13.40 20.20 -60.21
C SER F 170 14.43 21.04 -59.47
N LYS F 171 14.42 20.95 -58.15
CA LYS F 171 15.24 21.81 -57.32
C LYS F 171 16.72 21.51 -57.51
N GLN F 172 17.50 22.58 -57.65
CA GLN F 172 18.96 22.47 -57.62
C GLN F 172 19.46 22.59 -56.19
N SER F 173 20.74 22.28 -55.99
CA SER F 173 21.35 22.45 -54.68
C SER F 173 21.38 23.91 -54.25
N ASN F 174 21.27 24.84 -55.20
CA ASN F 174 21.22 26.27 -54.90
C ASN F 174 19.85 26.71 -54.39
N ASN F 175 18.94 25.77 -54.15
CA ASN F 175 17.55 26.02 -53.75
C ASN F 175 16.74 26.71 -54.84
N LYS F 176 17.25 26.76 -56.06
CA LYS F 176 16.50 27.19 -57.23
C LYS F 176 16.22 25.98 -58.12
N TYR F 177 15.37 26.18 -59.12
CA TYR F 177 14.89 25.08 -59.94
C TYR F 177 15.48 25.16 -61.35
N ALA F 178 15.54 23.99 -61.99
CA ALA F 178 16.09 23.87 -63.34
C ALA F 178 15.21 22.94 -64.16
N ALA F 179 15.18 23.19 -65.47
CA ALA F 179 14.36 22.39 -66.37
C ALA F 179 15.00 22.34 -67.75
N SER F 180 14.57 21.37 -68.54
CA SER F 180 15.06 21.18 -69.90
C SER F 180 13.88 20.95 -70.83
N SER F 181 14.15 21.08 -72.13
CA SER F 181 13.19 20.71 -73.16
C SER F 181 13.97 20.36 -74.42
N TYR F 182 13.45 19.42 -75.19
CA TYR F 182 14.14 18.88 -76.35
C TYR F 182 13.21 18.89 -77.55
N LEU F 183 13.52 19.73 -78.53
CA LEU F 183 12.82 19.73 -79.82
C LEU F 183 13.51 18.75 -80.74
N SER F 184 12.85 17.63 -81.00
CA SER F 184 13.33 16.65 -81.97
C SER F 184 12.73 16.96 -83.34
N LEU F 185 13.55 16.82 -84.38
CA LEU F 185 13.09 17.14 -85.72
C LEU F 185 14.00 16.43 -86.72
N THR F 186 13.49 16.31 -87.94
CA THR F 186 14.27 15.71 -89.01
C THR F 186 15.36 16.69 -89.47
N PRO F 187 16.53 16.18 -89.87
CA PRO F 187 17.63 17.08 -90.25
C PRO F 187 17.32 17.95 -91.46
N MET F 188 16.25 17.64 -92.20
CA MET F 188 15.85 18.49 -93.32
C MET F 188 15.12 19.74 -92.82
N GLN F 189 14.15 19.55 -91.93
CA GLN F 189 13.42 20.70 -91.37
C GLN F 189 14.25 21.52 -90.39
N TRP F 190 15.52 21.18 -90.22
CA TRP F 190 16.49 22.03 -89.54
C TRP F 190 17.20 22.94 -90.52
N LYS F 191 17.64 22.38 -91.65
CA LYS F 191 18.30 23.18 -92.68
C LYS F 191 17.29 23.99 -93.49
N MET F 192 16.10 23.44 -93.72
CA MET F 192 15.12 24.12 -94.56
C MET F 192 14.53 25.36 -93.89
N HIS F 193 14.56 25.42 -92.56
CA HIS F 193 14.05 26.58 -91.85
C HIS F 193 15.15 27.62 -91.64
N LYS F 194 14.72 28.86 -91.39
CA LYS F 194 15.66 29.96 -91.23
C LYS F 194 16.36 29.91 -89.87
N SER F 195 15.58 29.82 -88.80
CA SER F 195 16.14 29.78 -87.45
C SER F 195 15.11 29.17 -86.52
N TYR F 196 15.60 28.67 -85.39
CA TYR F 196 14.76 28.09 -84.35
C TYR F 196 15.02 28.80 -83.02
N SER F 197 13.94 29.09 -82.29
CA SER F 197 14.02 29.86 -81.07
C SER F 197 13.35 29.12 -79.91
N CYS F 198 13.93 29.25 -78.73
CA CYS F 198 13.36 28.72 -77.49
C CYS F 198 12.91 29.91 -76.64
N GLN F 199 11.61 30.02 -76.42
CA GLN F 199 11.03 31.11 -75.64
C GLN F 199 10.58 30.58 -74.29
N VAL F 200 11.14 31.14 -73.22
CA VAL F 200 10.91 30.67 -71.86
C VAL F 200 10.27 31.80 -71.07
N THR F 201 8.99 31.61 -70.70
CA THR F 201 8.25 32.59 -69.93
C THR F 201 8.23 32.16 -68.47
N HIS F 202 8.81 32.98 -67.60
CA HIS F 202 8.91 32.69 -66.17
C HIS F 202 8.28 33.85 -65.41
N GLU F 203 7.30 33.55 -64.57
CA GLU F 203 6.51 34.55 -63.84
C GLU F 203 5.86 35.46 -64.88
N GLY F 204 6.16 36.75 -64.93
CA GLY F 204 5.48 37.64 -65.84
C GLY F 204 6.18 37.84 -67.17
N SER F 205 7.49 37.62 -67.20
CA SER F 205 8.31 37.94 -68.37
C SER F 205 8.61 36.72 -69.21
N THR F 206 8.84 36.96 -70.50
CA THR F 206 9.31 35.93 -71.41
C THR F 206 10.74 36.27 -71.84
N VAL F 207 11.53 35.23 -72.07
CA VAL F 207 12.90 35.36 -72.55
C VAL F 207 13.10 34.39 -73.69
N GLU F 208 14.04 34.72 -74.58
CA GLU F 208 14.22 33.92 -75.79
C GLU F 208 15.68 33.88 -76.18
N LYS F 209 16.15 32.68 -76.55
CA LYS F 209 17.43 32.47 -77.20
C LYS F 209 17.18 31.78 -78.53
N THR F 210 17.88 32.21 -79.57
CA THR F 210 17.67 31.69 -80.91
C THR F 210 18.95 31.06 -81.43
N VAL F 211 18.79 30.20 -82.43
CA VAL F 211 19.91 29.55 -83.11
C VAL F 211 19.47 29.21 -84.52
N ALA F 212 20.43 29.16 -85.44
CA ALA F 212 20.17 28.94 -86.85
C ALA F 212 21.28 28.09 -87.45
N PRO F 213 20.96 27.25 -88.43
CA PRO F 213 22.00 26.41 -89.05
C PRO F 213 23.03 27.22 -89.83
N THR F 214 24.20 27.43 -89.24
CA THR F 214 25.26 28.19 -89.88
C THR F 214 26.63 27.62 -89.53
C1 NAG G . 19.84 -5.50 48.38
C2 NAG G . 20.43 -4.21 47.82
C3 NAG G . 20.06 -4.06 46.34
C4 NAG G . 20.42 -5.31 45.57
C5 NAG G . 19.87 -6.55 46.26
C6 NAG G . 20.33 -7.84 45.60
C7 NAG G . 20.44 -1.82 48.43
C8 NAG G . 19.85 -0.77 49.32
N2 NAG G . 19.96 -3.05 48.58
O3 NAG G . 20.75 -2.93 45.78
O4 NAG G . 19.85 -5.22 44.27
O5 NAG G . 20.31 -6.60 47.62
O6 NAG G . 19.30 -8.40 44.80
O7 NAG G . 21.32 -1.56 47.62
C1 NAG G . 20.87 -5.03 43.28
C2 NAG G . 20.22 -4.29 42.12
C3 NAG G . 21.24 -4.05 41.00
C4 NAG G . 22.45 -3.33 41.57
C5 NAG G . 23.02 -4.10 42.76
C6 NAG G . 24.16 -3.38 43.44
C7 NAG G . 19.02 -6.26 41.22
C8 NAG G . 17.70 -6.76 40.73
N2 NAG G . 19.04 -4.97 41.61
O3 NAG G . 20.63 -3.27 39.97
O4 NAG G . 23.47 -3.21 40.57
O5 NAG G . 22.00 -4.28 43.76
O6 NAG G . 23.96 -1.97 43.43
O7 NAG G . 20.01 -6.97 41.23
C1 NAG H . -3.92 -0.42 47.26
C2 NAG H . -4.48 0.69 48.16
C3 NAG H . -3.42 1.10 49.17
C4 NAG H . -2.88 -0.11 49.93
C5 NAG H . -2.42 -1.18 48.95
C6 NAG H . -2.03 -2.47 49.65
C7 NAG H . -6.09 1.90 46.76
C8 NAG H . -6.37 3.16 46.01
N2 NAG H . -4.91 1.83 47.38
O3 NAG H . -3.98 2.03 50.09
O4 NAG H . -1.75 0.29 50.71
O5 NAG H . -3.48 -1.51 48.05
O6 NAG H . -3.09 -2.94 50.49
O7 NAG H . -6.89 0.97 46.79
C1 NAG H . -2.04 0.24 52.11
C2 NAG H . -0.70 0.31 52.86
C3 NAG H . -0.90 0.36 54.37
C4 NAG H . -1.87 1.47 54.74
C5 NAG H . -3.17 1.32 53.94
C6 NAG H . -4.14 2.46 54.17
C7 NAG H . 0.16 -2.07 52.59
C8 NAG H . -1.08 -2.63 53.24
N2 NAG H . 0.26 -0.73 52.45
O3 NAG H . 0.36 0.59 54.99
O4 NAG H . -2.16 1.42 56.13
O5 NAG H . -2.88 1.31 52.53
O6 NAG H . -4.21 3.31 53.03
O7 NAG H . 1.06 -2.80 52.19
C1 BMA H . -1.58 2.58 56.77
C2 BMA H . -2.43 2.91 58.02
C3 BMA H . -1.83 4.10 58.76
C4 BMA H . -0.29 3.96 58.97
C5 BMA H . 0.44 3.48 57.68
C6 BMA H . 1.88 3.07 57.94
O2 BMA H . -2.43 1.82 58.92
O3 BMA H . -2.46 4.26 60.03
O4 BMA H . 0.25 5.20 59.38
O5 BMA H . -0.24 2.33 57.14
O6 BMA H . 2.74 3.80 57.05
C1 MAN H . 3.23 4.96 57.76
C2 MAN H . 3.27 6.17 56.75
C3 MAN H . 4.60 6.34 55.95
C4 MAN H . 5.85 5.76 56.67
C5 MAN H . 5.55 4.46 57.41
C6 MAN H . 6.75 3.98 58.20
O2 MAN H . 3.05 7.42 57.41
O3 MAN H . 4.83 7.72 55.69
O4 MAN H . 6.87 5.52 55.70
O5 MAN H . 4.50 4.70 58.33
O6 MAN H . 7.00 4.93 59.24
C1 MAN H . 4.84 8.12 54.28
C2 MAN H . 3.32 8.16 53.75
C3 MAN H . 3.00 7.01 52.82
C4 MAN H . 4.09 6.83 51.79
C5 MAN H . 5.32 6.33 52.52
C6 MAN H . 6.48 6.04 51.58
O2 MAN H . 3.06 9.34 53.01
O3 MAN H . 1.75 7.20 52.17
O4 MAN H . 3.70 5.88 50.82
O5 MAN H . 5.79 7.32 53.48
O6 MAN H . 6.03 5.12 50.58
C1 MAN H . -3.20 5.51 60.06
C2 MAN H . -3.51 5.84 61.55
C3 MAN H . -4.56 4.86 62.10
C4 MAN H . -5.79 4.79 61.20
C5 MAN H . -5.36 4.44 59.76
C6 MAN H . -6.52 4.46 58.78
O2 MAN H . -4.08 7.13 61.70
O3 MAN H . -4.95 5.22 63.43
O4 MAN H . -6.69 3.81 61.66
O5 MAN H . -4.39 5.41 59.30
O6 MAN H . -5.99 4.37 57.46
C1 NAG I . -14.03 -0.70 -26.88
C2 NAG I . -13.03 0.38 -27.28
C3 NAG I . -13.72 1.48 -28.11
C4 NAG I . -14.53 0.89 -29.25
C5 NAG I . -15.46 -0.20 -28.73
C6 NAG I . -16.21 -0.91 -29.83
C7 NAG I . -11.31 0.45 -25.53
C8 NAG I . -10.80 1.18 -24.32
N2 NAG I . -12.40 0.95 -26.11
O3 NAG I . -12.73 2.36 -28.63
O4 NAG I . -15.34 1.92 -29.82
O5 NAG I . -14.70 -1.19 -28.04
O6 NAG I . -17.49 -1.37 -29.38
O7 NAG I . -10.76 -0.56 -25.95
C1 NAG I . -14.96 2.27 -31.17
C2 NAG I . -15.92 3.38 -31.59
C3 NAG I . -15.56 3.88 -32.99
C4 NAG I . -14.10 4.28 -33.05
C5 NAG I . -13.22 3.11 -32.58
C6 NAG I . -11.75 3.46 -32.53
C7 NAG I . -18.04 2.95 -30.44
C8 NAG I . -19.45 2.44 -30.57
N2 NAG I . -17.30 2.94 -31.55
O3 NAG I . -16.38 4.99 -33.33
O4 NAG I . -13.75 4.66 -34.38
O5 NAG I . -13.62 2.72 -31.27
O6 NAG I . -11.53 4.64 -31.78
O7 NAG I . -17.60 3.35 -29.36
C1 BMA I . -13.22 6.01 -34.39
C2 BMA I . -12.13 6.09 -35.50
C3 BMA I . -11.61 7.52 -35.61
C4 BMA I . -12.76 8.55 -35.69
C5 BMA I . -13.74 8.34 -34.53
C6 BMA I . -14.93 9.29 -34.56
O2 BMA I . -12.68 5.74 -36.76
O3 BMA I . -10.75 7.67 -36.74
O4 BMA I . -12.23 9.87 -35.62
O5 BMA I . -14.24 6.98 -34.59
O6 BMA I . -15.73 8.97 -35.70
C1 NAG J . -4.65 3.88 6.20
C2 NAG J . -5.50 3.64 4.95
C3 NAG J . -5.14 4.64 3.86
C4 NAG J . -5.22 6.06 4.38
C5 NAG J . -4.33 6.20 5.62
C6 NAG J . -4.39 7.55 6.27
C7 NAG J . -6.39 1.51 4.12
C8 NAG J . -6.05 0.13 3.64
N2 NAG J . -5.35 2.28 4.47
O3 NAG J . -6.03 4.48 2.75
O4 NAG J . -4.78 7.00 3.39
O5 NAG J . -4.75 5.24 6.61
O6 NAG J . -5.41 7.61 7.26
O7 NAG J . -7.55 1.91 4.17
C1 NAG J . -5.90 7.72 2.84
C2 NAG J . -5.51 9.20 2.67
C3 NAG J . -6.65 9.97 2.02
C4 NAG J . -7.07 9.31 0.71
C5 NAG J . -7.43 7.85 0.98
C6 NAG J . -7.76 7.09 -0.28
C7 NAG J . -3.94 10.34 4.15
C8 NAG J . -3.73 10.94 5.51
N2 NAG J . -5.14 9.80 3.93
O3 NAG J . -6.25 11.31 1.79
O4 NAG J . -8.16 10.00 0.13
O5 NAG J . -6.31 7.18 1.58
O6 NAG J . -6.58 6.65 -0.95
O7 NAG J . -3.05 10.33 3.31
C1 BMA J . -7.72 10.65 -1.08
C2 BMA J . -8.95 11.06 -1.92
C3 BMA J . -8.48 11.74 -3.19
C4 BMA J . -7.50 12.89 -2.89
C5 BMA J . -6.36 12.40 -1.98
C6 BMA J . -5.43 13.52 -1.54
O2 BMA J . -9.73 12.03 -1.21
O3 BMA J . -9.57 12.21 -3.97
O4 BMA J . -6.95 13.39 -4.10
O5 BMA J . -6.92 11.79 -0.80
O6 BMA J . -4.78 14.05 -2.69
C1 NAG K . 5.61 5.29 0.12
C2 NAG K . 7.12 5.13 0.32
C3 NAG K . 7.64 6.19 1.28
C4 NAG K . 7.20 7.59 0.86
C5 NAG K . 5.70 7.62 0.58
C6 NAG K . 5.23 8.93 -0.03
C7 NAG K . 7.52 2.71 0.04
C8 NAG K . 7.84 1.43 0.73
N2 NAG K . 7.43 3.80 0.82
O3 NAG K . 9.07 6.13 1.31
O4 NAG K . 7.46 8.49 1.93
O5 NAG K . 5.34 6.60 -0.37
O6 NAG K . 4.83 8.77 -1.38
O7 NAG K . 7.34 2.78 -1.18
C1 NAG K . 8.36 9.54 1.56
C2 NAG K . 8.07 10.75 2.46
C3 NAG K . 9.06 11.87 2.18
C4 NAG K . 10.49 11.37 2.28
C5 NAG K . 10.67 10.17 1.35
C6 NAG K . 12.05 9.56 1.45
C7 NAG K . 5.80 11.26 3.26
C8 NAG K . 4.44 11.76 2.89
N2 NAG K . 6.71 11.20 2.27
O3 NAG K . 8.85 12.92 3.13
O4 NAG K . 11.39 12.40 1.89
O5 NAG K . 9.73 9.15 1.70
O6 NAG K . 12.85 9.89 0.33
O7 NAG K . 6.08 10.92 4.41
C1 NAG L . -6.40 11.43 -16.12
C2 NAG L . -5.37 12.52 -15.81
C3 NAG L . -6.05 13.89 -15.72
C4 NAG L . -6.89 14.16 -16.98
C5 NAG L . -7.84 12.99 -17.23
C6 NAG L . -8.58 13.13 -18.54
C7 NAG L . -3.38 11.84 -14.55
C8 NAG L . -2.80 11.60 -13.18
N2 NAG L . -4.66 12.23 -14.58
O3 NAG L . -5.05 14.89 -15.57
O4 NAG L . -7.68 15.33 -16.79
O5 NAG L . -7.09 11.76 -17.31
O6 NAG L . -8.85 11.85 -19.12
O7 NAG L . -2.72 11.69 -15.57
C1 NAG L . -7.05 16.54 -17.27
C2 NAG L . -8.13 17.52 -17.71
C3 NAG L . -7.51 18.85 -18.12
C4 NAG L . -6.63 19.39 -17.01
C5 NAG L . -5.60 18.35 -16.60
C6 NAG L . -4.77 18.77 -15.42
C7 NAG L . -10.00 16.19 -18.58
C8 NAG L . -10.71 15.72 -19.81
N2 NAG L . -8.94 16.97 -18.79
O3 NAG L . -8.53 19.79 -18.44
O4 NAG L . -5.97 20.58 -17.44
O5 NAG L . -6.25 17.13 -16.23
O6 NAG L . -3.69 19.61 -15.80
O7 NAG L . -10.35 15.86 -17.46
C1 NAG M . 7.13 0.53 -6.25
C2 NAG M . 7.25 2.01 -6.61
C3 NAG M . 7.24 2.18 -8.12
C4 NAG M . 8.35 1.34 -8.74
C5 NAG M . 8.34 -0.10 -8.22
C6 NAG M . 9.58 -0.88 -8.59
C7 NAG M . 4.94 2.89 -5.99
C8 NAG M . 4.27 1.87 -6.85
N2 NAG M . 6.29 2.89 -5.93
O3 NAG M . 7.42 3.56 -8.44
O4 NAG M . 8.21 1.28 -10.16
O5 NAG M . 8.24 -0.16 -6.78
O6 NAG M . 10.72 -0.41 -7.88
O7 NAG M . 4.28 3.71 -5.34
C1 NAG M . 8.97 2.33 -10.79
C2 NAG M . 9.83 1.74 -11.90
C3 NAG M . 10.59 2.85 -12.62
C4 NAG M . 9.65 3.97 -13.06
C5 NAG M . 8.76 4.41 -11.90
C6 NAG M . 7.69 5.38 -12.33
C7 NAG M . 11.27 -0.25 -12.07
C8 NAG M . 12.23 -1.15 -11.36
N2 NAG M . 10.77 0.76 -11.35
O3 NAG M . 11.24 2.29 -13.76
O4 NAG M . 10.42 5.10 -13.45
O5 NAG M . 8.08 3.28 -11.34
O6 NAG M . 6.39 4.81 -12.23
O7 NAG M . 10.99 -0.41 -13.25
C1 BMA M . 10.57 5.15 -14.88
C2 BMA M . 10.22 6.58 -15.31
C3 BMA M . 10.57 6.82 -16.78
C4 BMA M . 11.93 6.21 -17.20
C5 BMA M . 12.14 4.79 -16.62
C6 BMA M . 13.55 4.28 -16.83
O2 BMA M . 10.96 7.52 -14.56
O3 BMA M . 10.57 8.23 -17.02
O4 BMA M . 12.04 6.14 -18.62
O5 BMA M . 11.90 4.83 -15.22
O6 BMA M . 14.46 5.23 -16.26
C1 MAN M . 10.15 8.57 -18.36
C2 MAN M . 10.21 10.13 -18.47
C3 MAN M . 8.99 10.78 -17.82
C4 MAN M . 7.71 10.15 -18.36
C5 MAN M . 7.72 8.66 -18.02
C6 MAN M . 6.47 7.94 -18.49
O2 MAN M . 10.20 10.55 -19.82
O3 MAN M . 8.97 12.19 -18.02
O4 MAN M . 6.57 10.78 -17.80
O5 MAN M . 8.85 8.04 -18.66
O6 MAN M . 6.63 7.60 -19.86
C1 MAN M . 11.47 11.16 -20.11
C2 MAN M . 11.22 12.26 -21.14
C3 MAN M . 10.71 11.62 -22.42
C4 MAN M . 11.70 10.53 -22.91
C5 MAN M . 11.94 9.50 -21.79
C6 MAN M . 13.01 8.47 -22.15
O2 MAN M . 12.45 12.91 -21.51
O3 MAN M . 10.49 12.57 -23.45
O4 MAN M . 11.17 9.86 -24.04
O5 MAN M . 12.38 10.19 -20.59
O6 MAN M . 14.20 9.17 -22.48
C1 MAN M . 12.64 14.11 -20.73
C2 MAN M . 13.60 15.01 -21.53
C3 MAN M . 14.97 14.34 -21.63
C4 MAN M . 15.50 13.86 -20.26
C5 MAN M . 14.42 13.07 -19.48
C6 MAN M . 14.80 12.81 -18.03
O2 MAN M . 13.82 16.26 -20.88
O3 MAN M . 15.93 15.22 -22.22
O4 MAN M . 16.62 13.02 -20.44
O5 MAN M . 13.17 13.82 -19.46
O6 MAN M . 13.69 12.21 -17.38
C1 MAN M . 15.77 4.62 -16.16
C2 MAN M . 16.62 5.51 -15.20
C3 MAN M . 17.02 6.83 -15.88
C4 MAN M . 17.59 6.60 -17.29
C5 MAN M . 16.59 5.76 -18.11
C6 MAN M . 17.07 5.45 -19.53
O2 MAN M . 17.85 4.88 -14.84
O3 MAN M . 17.96 7.58 -15.10
O4 MAN M . 17.81 7.83 -17.93
O5 MAN M . 16.37 4.51 -17.44
O6 MAN M . 18.14 4.49 -19.45
C1 MAN M . 18.85 4.51 -20.70
C2 MAN M . 19.85 3.34 -20.73
C3 MAN M . 20.88 3.58 -19.62
C4 MAN M . 21.59 4.92 -19.84
C5 MAN M . 20.55 6.06 -19.88
C6 MAN M . 21.15 7.40 -20.23
O2 MAN M . 20.58 3.34 -21.97
O3 MAN M . 21.82 2.52 -19.47
O4 MAN M . 22.51 5.17 -18.78
O5 MAN M . 19.52 5.76 -20.88
O6 MAN M . 20.14 8.39 -20.08
C1 MAN M . 21.05 2.03 -22.39
C2 MAN M . 21.54 2.19 -23.85
C3 MAN M . 20.36 2.36 -24.79
C4 MAN M . 19.41 1.16 -24.65
C5 MAN M . 18.92 1.04 -23.20
C6 MAN M . 18.14 -0.24 -22.96
O2 MAN M . 22.22 1.02 -24.30
O3 MAN M . 20.77 2.51 -26.14
O4 MAN M . 18.29 1.36 -25.51
O5 MAN M . 20.04 1.02 -22.27
O6 MAN M . 19.09 -1.26 -22.62
C1 MAN M . 17.28 8.62 -14.36
C2 MAN M . 18.25 9.84 -14.28
C3 MAN M . 18.34 10.43 -12.85
C4 MAN M . 18.47 9.36 -11.72
C5 MAN M . 18.03 7.98 -12.20
C6 MAN M . 17.57 7.07 -11.07
O2 MAN M . 17.80 10.90 -15.11
O3 MAN M . 17.24 11.31 -12.58
O4 MAN M . 19.81 9.31 -11.26
O5 MAN M . 16.93 8.14 -13.08
O6 MAN M . 17.02 5.88 -11.65
C1 NAG N . 1.98 4.48 10.87
C2 NAG N . 0.94 5.59 10.93
C3 NAG N . 1.62 6.90 11.31
C4 NAG N . 2.38 6.73 12.62
C5 NAG N . 3.33 5.54 12.55
C6 NAG N . 3.94 5.20 13.89
C7 NAG N . -0.95 5.14 9.45
C8 NAG N . -1.55 5.38 8.09
N2 NAG N . 0.23 5.73 9.67
O3 NAG N . 0.63 7.92 11.44
O4 NAG N . 3.11 7.93 12.93
O5 NAG N . 2.63 4.36 12.13
O6 NAG N . 2.96 4.74 14.81
O7 NAG N . -1.50 4.44 10.28
C1 NAG N . 2.60 8.41 14.19
C2 NAG N . 3.41 9.60 14.68
C3 NAG N . 2.86 10.07 16.02
C4 NAG N . 1.36 10.38 15.89
C5 NAG N . 0.59 9.23 15.24
C6 NAG N . -0.81 9.63 14.85
C7 NAG N . 5.64 9.29 13.75
C8 NAG N . 7.08 8.95 14.04
N2 NAG N . 4.82 9.28 14.80
O3 NAG N . 3.57 11.21 16.47
O4 NAG N . 0.82 10.63 17.19
O5 NAG N . 1.23 8.80 14.03
O6 NAG N . -0.80 10.70 13.91
O7 NAG N . 5.25 9.55 12.62
C1 NAG O . -30.03 -18.07 60.35
C2 NAG O . -31.05 -18.20 61.49
C3 NAG O . -31.60 -19.63 61.58
C4 NAG O . -32.13 -20.08 60.22
C5 NAG O . -31.03 -19.92 59.17
C6 NAG O . -31.50 -20.28 57.78
C7 NAG O . -30.71 -16.65 63.38
C8 NAG O . -30.00 -16.43 64.68
N2 NAG O . -30.46 -17.82 62.77
O3 NAG O . -32.64 -19.69 62.55
O4 NAG O . -32.55 -21.43 60.29
O5 NAG O . -30.61 -18.56 59.13
O6 NAG O . -31.14 -19.28 56.84
O7 NAG O . -31.47 -15.81 62.90
C1 NAG P . -8.95 -10.64 54.45
C2 NAG P . -8.75 -11.68 55.56
C3 NAG P . -8.14 -12.95 54.98
C4 NAG P . -8.99 -13.46 53.82
C5 NAG P . -9.21 -12.36 52.79
C6 NAG P . -10.16 -12.76 51.69
C7 NAG P . -8.03 -11.52 57.89
C8 NAG P . -7.07 -10.88 58.86
N2 NAG P . -7.90 -11.15 56.62
O3 NAG P . -8.07 -13.95 55.99
O4 NAG P . -8.35 -14.57 53.19
O5 NAG P . -9.77 -11.20 53.41
O6 NAG P . -10.71 -14.04 51.92
O7 NAG P . -8.87 -12.34 58.26
C1 NAG Q . -6.68 -11.99 -24.85
C2 NAG Q . -7.55 -12.96 -25.65
C3 NAG Q . -7.16 -14.40 -25.33
C4 NAG Q . -5.67 -14.61 -25.55
C5 NAG Q . -4.88 -13.58 -24.73
C6 NAG Q . -3.39 -13.67 -24.98
C7 NAG Q . -9.77 -12.11 -26.26
C8 NAG Q . -11.20 -11.98 -25.84
N2 NAG Q . -8.96 -12.73 -25.40
O3 NAG Q . -7.90 -15.28 -26.17
O4 NAG Q . -5.30 -15.93 -25.14
O5 NAG Q . -5.29 -12.27 -25.09
O6 NAG Q . -3.02 -12.88 -26.11
O7 NAG Q . -9.36 -11.67 -27.33
C1 NAG R . -28.05 -6.79 -29.58
C2 NAG R . -26.81 -7.70 -29.65
C3 NAG R . -26.52 -8.12 -31.09
C4 NAG R . -27.77 -8.71 -31.74
C5 NAG R . -28.93 -7.73 -31.63
C6 NAG R . -30.22 -8.27 -32.18
C7 NAG R . -24.66 -7.70 -28.46
C8 NAG R . -23.54 -6.86 -27.94
N2 NAG R . -25.65 -7.04 -29.07
O3 NAG R . -25.46 -9.07 -31.11
O4 NAG R . -27.52 -9.00 -33.12
O5 NAG R . -29.15 -7.42 -30.25
O6 NAG R . -30.79 -7.37 -33.11
O7 NAG R . -24.68 -8.92 -28.34
C1 NAG S . -21.57 -20.13 -11.30
C2 NAG S . -21.53 -21.38 -10.42
C3 NAG S . -20.10 -21.69 -9.99
C4 NAG S . -19.18 -21.77 -11.20
C5 NAG S . -19.30 -20.49 -12.03
C6 NAG S . -18.50 -20.55 -13.30
C7 NAG S . -23.35 -22.10 -8.93
C8 NAG S . -24.13 -21.77 -7.69
N2 NAG S . -22.39 -21.22 -9.26
O3 NAG S . -20.07 -22.92 -9.27
O4 NAG S . -17.82 -21.92 -10.77
O5 NAG S . -20.68 -20.30 -12.41
O6 NAG S . -17.27 -21.25 -13.12
O7 NAG S . -23.56 -23.10 -9.59
C1 NAG T . -1.64 -16.62 27.56
C2 NAG T . -1.45 -18.14 27.66
C3 NAG T . -1.85 -18.64 29.04
C4 NAG T . -1.09 -17.87 30.12
C5 NAG T . -1.29 -16.37 29.92
C6 NAG T . -0.48 -15.54 30.89
C7 NAG T . -1.74 -19.04 25.39
C8 NAG T . -2.66 -19.77 24.45
N2 NAG T . -2.21 -18.83 26.62
O3 NAG T . -1.54 -20.03 29.14
O4 NAG T . -1.57 -18.25 31.41
O5 NAG T . -0.89 -15.98 28.61
O6 NAG T . -0.03 -16.32 32.00
O7 NAG T . -0.64 -18.64 25.04
C1 NAG U . -5.38 -27.72 22.01
C2 NAG U . -6.29 -28.28 23.11
C3 NAG U . -5.80 -29.66 23.55
C4 NAG U . -5.66 -30.59 22.35
C5 NAG U . -4.78 -29.92 21.29
C6 NAG U . -4.69 -30.73 20.01
C7 NAG U . -7.48 -27.16 24.94
C8 NAG U . -7.36 -26.20 26.09
N2 NAG U . -6.36 -27.37 24.25
O3 NAG U . -6.72 -30.22 24.48
O4 NAG U . -5.07 -31.82 22.74
O5 NAG U . -5.31 -28.64 20.93
O6 NAG U . -4.83 -29.91 18.87
O7 NAG U . -8.54 -27.72 24.66
C1 NAG V . 15.53 -19.45 24.56
C2 NAG V . 15.64 -20.07 25.95
C3 NAG V . 15.20 -19.07 27.02
C4 NAG V . 15.98 -17.77 26.87
C5 NAG V . 15.85 -17.23 25.45
C6 NAG V . 16.69 -16.00 25.21
C7 NAG V . 15.31 -22.49 25.66
C8 NAG V . 14.37 -23.64 25.84
N2 NAG V . 14.85 -21.29 26.05
O3 NAG V . 15.41 -19.62 28.31
O4 NAG V . 15.47 -16.81 27.79
O5 NAG V . 16.28 -18.23 24.52
O6 NAG V . 15.94 -14.82 25.36
O7 NAG V . 16.43 -22.63 25.19
C1 NAG W . 2.38 -20.44 -3.82
C2 NAG W . 1.48 -20.01 -4.98
C3 NAG W . 1.56 -21.02 -6.11
C4 NAG W . 3.01 -21.24 -6.53
C5 NAG W . 3.84 -21.65 -5.31
C6 NAG W . 5.30 -21.78 -5.61
C7 NAG W . -0.42 -18.65 -4.24
C8 NAG W . -1.86 -18.65 -3.82
N2 NAG W . 0.11 -19.84 -4.54
O3 NAG W . 0.80 -20.56 -7.22
O4 NAG W . 3.08 -22.27 -7.51
O5 NAG W . 3.72 -20.64 -4.29
O6 NAG W . 5.74 -20.72 -6.46
O7 NAG W . 0.24 -17.61 -4.32
C1 NAG X . 1.85 -15.58 -6.72
C2 NAG X . 1.12 -16.37 -7.82
C3 NAG X . 1.95 -17.56 -8.28
C4 NAG X . 3.34 -17.11 -8.70
C5 NAG X . 4.00 -16.36 -7.55
C6 NAG X . 5.35 -15.80 -7.92
C7 NAG X . -1.32 -16.61 -8.02
C8 NAG X . -2.57 -17.13 -7.37
N2 NAG X . -0.19 -16.81 -7.34
O3 NAG X . 1.29 -18.19 -9.38
O4 NAG X . 4.13 -18.24 -9.05
O5 NAG X . 3.18 -15.25 -7.19
O6 NAG X . 5.44 -14.42 -7.58
O7 NAG X . -1.35 -16.03 -9.10
C1 NAG Y . 11.10 -17.44 -2.87
C2 NAG Y . 11.24 -16.45 -4.02
C3 NAG Y . 12.13 -17.03 -5.11
C4 NAG Y . 13.47 -17.44 -4.51
C5 NAG Y . 13.26 -18.38 -3.33
C6 NAG Y . 14.55 -18.72 -2.61
C7 NAG Y . 9.36 -14.89 -4.31
C8 NAG Y . 8.02 -14.69 -4.95
N2 NAG Y . 9.94 -16.08 -4.55
O3 NAG Y . 12.34 -16.05 -6.12
O4 NAG Y . 14.25 -18.11 -5.51
O5 NAG Y . 12.39 -17.78 -2.36
O6 NAG Y . 15.12 -17.56 -2.01
O7 NAG Y . 9.89 -14.04 -3.62
C1 JYJ Z . -19.60 -6.74 4.80
C2 JYJ Z . -19.93 -7.73 3.69
C3 JYJ Z . -18.80 -8.63 3.22
C4 JYJ Z . -17.90 -7.00 1.59
C5 JYJ Z . -17.28 -5.80 2.30
C6 JYJ Z . -15.75 -7.36 3.46
C10 JYJ Z . -12.39 -5.74 1.78
C14 JYJ Z . -22.16 -6.70 3.33
C17 JYJ Z . -22.19 -7.46 0.65
C18 JYJ Z . -21.11 -7.78 1.45
C8 JYJ Z . -14.88 -5.45 2.17
C7 JYJ Z . -16.42 -8.53 2.74
C9 JYJ Z . -13.72 -6.13 1.53
C11 JYJ Z . -11.41 -6.46 1.11
C12 JYJ Z . -13.85 -7.19 0.64
C13 JYJ Z . -21.09 -7.40 2.79
C16 JYJ Z . -23.26 -6.76 1.18
C15 JYJ Z . -23.25 -6.37 2.52
N JYJ Z . -17.78 -8.08 2.55
C JYJ Z . -20.35 -8.04 5.12
O JYJ Z . -14.88 -4.24 2.26
N1 JYJ Z . -15.92 -6.18 2.61
O1 JYJ Z . -18.82 -9.81 3.48
S JYJ Z . -12.25 -7.64 0.16
CL JYJ Z . -22.20 -7.95 -1.07
#